data_4GKV
#
_entry.id   4GKV
#
_cell.length_a   68.160
_cell.length_b   118.920
_cell.length_c   97.870
_cell.angle_alpha   90.00
_cell.angle_beta   106.41
_cell.angle_gamma   90.00
#
_symmetry.space_group_name_H-M   'P 1 21 1'
#
loop_
_entity.id
_entity.type
_entity.pdbx_description
1 polymer 'Alcohol dehydrogenase, propanol-preferring'
2 polymer 'cleaved peptide fragment corresponding to the C-terminal His tag'
3 non-polymer NICOTINAMIDE-ADENINE-DINUCLEOTIDE
4 non-polymer 'ZINC ION'
5 non-polymer GLYCEROL
6 water water
#
loop_
_entity_poly.entity_id
_entity_poly.type
_entity_poly.pdbx_seq_one_letter_code
_entity_poly.pdbx_strand_id
1 'polypeptide(L)'
;MKAAVVTKDHHVDVTYKTLRSLKHGEALLKMECCGVCHTDLHVKNGDFGDKTGVILGHEGIGVVAEVGPGVTSLKPGDRA
SVAWFYEGCGHCEYCNSGNETLCRSVKNAGYSVDGGMAEECIVVADYAVKVPDGLDSAAASSITCAGVTTYKAVKLSKIR
PGQWIAIYGLGGLGNLALQYAKNVFNAKVIAIDVNDEQLKLATEMGADLAINSHTEDAAKIVQEKTGGAHAAVVTAVAKA
AFNSAVDAVRAGGRVVAVGLPPESMSLDIPRLVLDGIEVVGSLVGTRQDLTEAFQFAAEGKVVPKVALRPLADINTIFTE
MEEGKIRGRMVIDFRH
;
A,B,C,D
2 'polypeptide(L)' AIPNPLLGLA P
#
loop_
_chem_comp.id
_chem_comp.type
_chem_comp.name
_chem_comp.formula
GOL non-polymer GLYCEROL 'C3 H8 O3'
NAD non-polymer NICOTINAMIDE-ADENINE-DINUCLEOTIDE 'C21 H27 N7 O14 P2'
ZN non-polymer 'ZINC ION' 'Zn 2'
#
# COMPACT_ATOMS: atom_id res chain seq x y z
N MET A 1 -12.60 47.28 4.26
CA MET A 1 -12.27 46.35 5.33
C MET A 1 -10.75 46.30 5.47
N LYS A 2 -10.26 45.68 6.55
CA LYS A 2 -8.83 45.67 6.82
C LYS A 2 -8.19 44.33 6.53
N ALA A 3 -7.03 44.36 5.89
CA ALA A 3 -6.30 43.15 5.49
C ALA A 3 -4.83 43.25 5.83
N ALA A 4 -4.21 42.13 6.19
CA ALA A 4 -2.76 42.08 6.37
C ALA A 4 -2.09 41.88 5.02
N VAL A 5 -1.41 42.92 4.54
CA VAL A 5 -0.79 42.91 3.21
C VAL A 5 0.75 42.90 3.26
N VAL A 6 1.37 42.06 2.44
CA VAL A 6 2.84 41.98 2.40
C VAL A 6 3.45 43.21 1.75
N THR A 7 4.48 43.79 2.38
CA THR A 7 5.20 44.91 1.79
C THR A 7 6.50 44.47 1.15
N LYS A 8 7.08 45.34 0.32
CA LYS A 8 8.29 45.03 -0.43
C LYS A 8 9.50 44.90 0.49
N ASP A 9 9.43 45.51 1.68
CA ASP A 9 10.54 45.39 2.63
C ASP A 9 10.25 44.36 3.72
N HIS A 10 9.36 43.43 3.40
CA HIS A 10 9.12 42.24 4.21
C HIS A 10 8.49 42.54 5.57
N HIS A 11 7.56 43.48 5.56
CA HIS A 11 6.72 43.73 6.71
C HIS A 11 5.25 43.59 6.28
N VAL A 12 4.34 43.88 7.20
CA VAL A 12 2.92 43.86 6.90
C VAL A 12 2.32 45.23 7.09
N ASP A 13 1.56 45.70 6.10
CA ASP A 13 0.74 46.89 6.26
C ASP A 13 -0.69 46.44 6.45
N VAL A 14 -1.29 46.80 7.58
CA VAL A 14 -2.71 46.54 7.76
C VAL A 14 -3.41 47.58 6.91
N THR A 15 -4.01 47.15 5.80
CA THR A 15 -4.46 48.10 4.78
C THR A 15 -5.96 48.09 4.50
N TYR A 16 -6.43 49.24 4.02
CA TYR A 16 -7.79 49.39 3.50
C TYR A 16 -7.97 48.56 2.24
N LYS A 17 -9.00 47.72 2.23
CA LYS A 17 -9.28 46.86 1.08
C LYS A 17 -10.76 46.82 0.79
N THR A 18 -11.12 46.81 -0.49
CA THR A 18 -12.50 46.58 -0.88
C THR A 18 -12.50 45.42 -1.85
N LEU A 19 -13.09 44.30 -1.43
CA LEU A 19 -13.06 43.10 -2.26
C LEU A 19 -13.88 43.30 -3.52
N ARG A 20 -13.48 42.64 -4.60
CA ARG A 20 -14.25 42.62 -5.85
C ARG A 20 -15.53 41.82 -5.64
N SER A 21 -16.42 41.85 -6.63
CA SER A 21 -17.66 41.10 -6.53
C SER A 21 -17.39 39.61 -6.75
N LEU A 22 -18.31 38.78 -6.29
CA LEU A 22 -18.20 37.33 -6.45
C LEU A 22 -18.41 36.87 -7.89
N LYS A 23 -17.63 35.88 -8.30
CA LYS A 23 -17.85 35.22 -9.58
C LYS A 23 -18.58 33.90 -9.32
N HIS A 24 -18.92 33.22 -10.41
CA HIS A 24 -19.54 31.91 -10.31
C HIS A 24 -18.67 30.95 -9.49
N GLY A 25 -19.29 30.21 -8.57
CA GLY A 25 -18.58 29.23 -7.76
C GLY A 25 -17.97 29.80 -6.50
N GLU A 26 -18.01 31.11 -6.35
CA GLU A 26 -17.36 31.78 -5.21
C GLU A 26 -18.32 32.12 -4.08
N ALA A 27 -17.77 32.32 -2.89
CA ALA A 27 -18.54 32.81 -1.75
C ALA A 27 -17.74 33.85 -0.99
N LEU A 28 -18.44 34.74 -0.31
CA LEU A 28 -17.81 35.78 0.49
C LEU A 28 -17.88 35.38 1.95
N LEU A 29 -16.72 35.30 2.60
CA LEU A 29 -16.67 35.01 4.03
C LEU A 29 -16.45 36.30 4.82
N LYS A 30 -17.23 36.49 5.87
CA LYS A 30 -16.90 37.47 6.89
C LYS A 30 -16.07 36.72 7.93
N MET A 31 -14.82 37.12 8.12
CA MET A 31 -13.89 36.32 8.90
C MET A 31 -14.12 36.45 10.40
N GLU A 32 -14.00 35.34 11.11
CA GLU A 32 -14.00 35.35 12.57
C GLU A 32 -12.58 35.35 13.12
N CYS A 33 -11.74 34.49 12.55
CA CYS A 33 -10.41 34.17 13.08
C CYS A 33 -9.45 33.88 11.94
N CYS A 34 -8.16 34.14 12.16
CA CYS A 34 -7.14 33.63 11.25
C CYS A 34 -5.82 33.39 11.98
N GLY A 35 -5.41 32.13 12.00
CA GLY A 35 -4.14 31.78 12.59
C GLY A 35 -2.97 32.36 11.84
N VAL A 36 -1.91 32.66 12.59
CA VAL A 36 -0.66 33.04 11.97
C VAL A 36 0.28 31.85 11.85
N CYS A 37 0.56 31.48 10.60
CA CYS A 37 1.42 30.33 10.29
C CYS A 37 2.82 30.81 9.93
N HIS A 38 3.82 29.99 10.23
CA HIS A 38 5.19 30.36 9.90
C HIS A 38 5.35 30.46 8.38
N THR A 39 4.50 29.76 7.63
CA THR A 39 4.48 29.95 6.17
C THR A 39 4.15 31.41 5.80
N ASP A 40 3.32 32.08 6.59
CA ASP A 40 3.00 33.50 6.31
C ASP A 40 4.27 34.34 6.43
N LEU A 41 5.13 33.94 7.38
CA LEU A 41 6.42 34.59 7.61
C LEU A 41 7.38 34.35 6.44
N HIS A 42 7.52 33.10 6.00
CA HIS A 42 8.28 32.78 4.79
C HIS A 42 7.80 33.60 3.60
N VAL A 43 6.48 33.62 3.39
CA VAL A 43 5.92 34.36 2.28
C VAL A 43 6.28 35.84 2.33
N LYS A 44 6.03 36.49 3.47
CA LYS A 44 6.32 37.93 3.57
C LYS A 44 7.82 38.23 3.48
N ASN A 45 8.66 37.27 3.85
CA ASN A 45 10.12 37.44 3.78
C ASN A 45 10.63 37.22 2.36
N GLY A 46 9.75 36.77 1.48
CA GLY A 46 10.12 36.55 0.10
C GLY A 46 10.82 35.22 -0.15
N ASP A 47 10.81 34.35 0.85
CA ASP A 47 11.42 33.01 0.71
C ASP A 47 10.89 32.22 -0.48
N PHE A 48 9.65 32.50 -0.91
CA PHE A 48 9.08 31.81 -2.07
C PHE A 48 8.92 32.78 -3.25
N GLY A 49 9.80 33.79 -3.31
CA GLY A 49 9.67 34.81 -4.33
C GLY A 49 8.89 36.01 -3.83
N ASP A 50 9.03 37.13 -4.52
CA ASP A 50 8.38 38.38 -4.12
C ASP A 50 6.87 38.30 -4.29
N LYS A 51 6.15 38.44 -3.18
CA LYS A 51 4.69 38.43 -3.21
C LYS A 51 4.15 39.71 -2.59
N THR A 52 4.89 40.80 -2.77
CA THR A 52 4.47 42.13 -2.33
C THR A 52 3.03 42.38 -2.74
N GLY A 53 2.19 42.80 -1.80
CA GLY A 53 0.82 43.13 -2.14
C GLY A 53 -0.22 42.06 -1.85
N VAL A 54 0.19 40.82 -1.61
CA VAL A 54 -0.83 39.78 -1.38
C VAL A 54 -1.35 39.89 0.06
N ILE A 55 -2.62 39.56 0.26
CA ILE A 55 -3.16 39.43 1.61
C ILE A 55 -2.74 38.06 2.16
N LEU A 56 -2.13 38.04 3.35
CA LEU A 56 -1.69 36.79 3.97
C LEU A 56 -2.84 35.97 4.53
N GLY A 57 -2.49 34.79 5.08
CA GLY A 57 -3.40 34.02 5.89
C GLY A 57 -4.05 32.84 5.21
N HIS A 58 -3.92 31.67 5.82
CA HIS A 58 -4.57 30.45 5.32
C HIS A 58 -4.85 29.55 6.50
N GLU A 59 -5.10 30.17 7.66
CA GLU A 59 -5.74 29.49 8.79
C GLU A 59 -7.04 30.21 9.11
N GLY A 60 -7.81 30.47 8.07
CA GLY A 60 -8.98 31.33 8.20
C GLY A 60 -10.26 30.58 8.51
N ILE A 61 -11.03 31.13 9.45
CA ILE A 61 -12.38 30.64 9.72
C ILE A 61 -13.33 31.84 9.59
N GLY A 62 -14.37 31.69 8.77
CA GLY A 62 -15.35 32.75 8.59
C GLY A 62 -16.76 32.24 8.33
N VAL A 63 -17.72 33.15 8.39
CA VAL A 63 -19.13 32.82 8.15
C VAL A 63 -19.51 33.34 6.77
N VAL A 64 -20.15 32.48 5.99
CA VAL A 64 -20.62 32.85 4.67
C VAL A 64 -21.65 33.98 4.79
N ALA A 65 -21.36 35.10 4.14
CA ALA A 65 -22.26 36.25 4.12
C ALA A 65 -23.04 36.27 2.83
N GLU A 66 -22.44 35.68 1.79
CA GLU A 66 -23.01 35.77 0.45
C GLU A 66 -22.41 34.68 -0.44
N VAL A 67 -23.23 34.13 -1.34
CA VAL A 67 -22.72 33.15 -2.30
C VAL A 67 -22.92 33.66 -3.72
N GLY A 68 -21.97 33.38 -4.59
CA GLY A 68 -22.10 33.78 -5.98
C GLY A 68 -23.00 32.83 -6.75
N PRO A 69 -23.10 33.04 -8.07
CA PRO A 69 -23.89 32.21 -8.99
C PRO A 69 -23.48 30.74 -8.92
N GLY A 70 -24.47 29.85 -8.91
CA GLY A 70 -24.22 28.43 -9.03
C GLY A 70 -23.77 27.72 -7.78
N VAL A 71 -23.59 28.47 -6.69
CA VAL A 71 -23.08 27.87 -5.47
C VAL A 71 -24.16 27.13 -4.69
N THR A 72 -23.91 25.85 -4.45
CA THR A 72 -24.83 25.02 -3.69
C THR A 72 -24.15 24.35 -2.49
N SER A 73 -22.81 24.32 -2.50
CA SER A 73 -22.05 23.66 -1.44
C SER A 73 -21.96 24.48 -0.16
N LEU A 74 -22.17 25.78 -0.28
CA LEU A 74 -22.21 26.66 0.89
C LEU A 74 -23.46 27.52 0.79
N LYS A 75 -23.96 27.98 1.93
CA LYS A 75 -25.10 28.88 1.97
C LYS A 75 -24.82 29.87 3.10
N PRO A 76 -25.47 31.05 3.07
CA PRO A 76 -25.22 32.07 4.09
C PRO A 76 -25.41 31.52 5.50
N GLY A 77 -24.53 31.90 6.41
CA GLY A 77 -24.60 31.42 7.78
C GLY A 77 -23.65 30.24 8.07
N ASP A 78 -23.22 29.55 7.02
CA ASP A 78 -22.27 28.43 7.19
C ASP A 78 -20.91 28.93 7.69
N ARG A 79 -20.26 28.15 8.54
CA ARG A 79 -18.87 28.42 8.92
C ARG A 79 -17.99 27.56 8.04
N ALA A 80 -17.03 28.20 7.37
CA ALA A 80 -16.14 27.54 6.43
C ALA A 80 -14.69 28.03 6.58
N SER A 81 -13.77 27.35 5.92
CA SER A 81 -12.35 27.61 6.16
C SER A 81 -11.60 28.11 4.93
N VAL A 82 -10.52 28.84 5.21
CA VAL A 82 -9.61 29.28 4.17
C VAL A 82 -8.24 28.65 4.46
N ALA A 83 -7.88 27.64 3.69
CA ALA A 83 -6.68 26.86 3.95
C ALA A 83 -5.64 27.13 2.89
N TRP A 84 -4.41 26.65 3.11
CA TRP A 84 -3.37 26.74 2.11
C TRP A 84 -3.89 26.18 0.79
N PHE A 85 -4.51 24.99 0.85
CA PHE A 85 -5.12 24.40 -0.33
C PHE A 85 -6.44 25.10 -0.58
N TYR A 86 -6.37 26.19 -1.35
CA TYR A 86 -7.51 27.06 -1.58
C TYR A 86 -8.30 26.63 -2.81
N GLU A 87 -7.61 26.12 -3.82
CA GLU A 87 -8.31 25.57 -5.00
C GLU A 87 -7.37 24.71 -5.80
N GLY A 88 -7.85 23.53 -6.20
CA GLY A 88 -7.14 22.68 -7.15
C GLY A 88 -7.94 22.55 -8.44
N CYS A 89 -7.36 21.98 -9.48
CA CYS A 89 -8.04 21.93 -10.77
C CYS A 89 -9.16 20.88 -10.83
N GLY A 90 -9.04 19.83 -10.03
CA GLY A 90 -10.09 18.84 -9.92
C GLY A 90 -10.04 17.72 -10.96
N HIS A 91 -9.17 17.89 -11.96
CA HIS A 91 -9.10 16.93 -13.05
C HIS A 91 -7.66 16.83 -13.57
N CYS A 92 -6.80 16.17 -12.83
CA CYS A 92 -5.46 15.89 -13.30
C CYS A 92 -4.99 14.62 -12.62
N GLU A 93 -3.74 14.24 -12.88
CA GLU A 93 -3.15 13.02 -12.31
C GLU A 93 -3.09 13.09 -10.77
N TYR A 94 -2.98 14.31 -10.23
CA TYR A 94 -2.88 14.49 -8.77
C TYR A 94 -4.26 14.58 -8.14
N CYS A 95 -5.12 15.42 -8.72
CA CYS A 95 -6.45 15.62 -8.18
C CYS A 95 -7.31 14.34 -8.16
N ASN A 96 -7.21 13.51 -9.20
CA ASN A 96 -8.07 12.33 -9.28
C ASN A 96 -7.51 11.10 -8.62
N SER A 97 -6.27 11.17 -8.12
CA SER A 97 -5.62 10.00 -7.53
C SER A 97 -5.55 10.11 -6.01
N GLY A 98 -6.15 11.13 -5.42
CA GLY A 98 -6.08 11.30 -3.97
C GLY A 98 -4.93 12.15 -3.48
N ASN A 99 -4.23 12.76 -4.43
CA ASN A 99 -3.09 13.64 -4.15
C ASN A 99 -3.32 15.12 -4.52
N GLU A 100 -4.52 15.62 -4.26
CA GLU A 100 -4.90 16.93 -4.80
C GLU A 100 -4.02 18.12 -4.38
N THR A 101 -3.36 18.04 -3.23
CA THR A 101 -2.53 19.18 -2.80
C THR A 101 -1.32 19.39 -3.70
N LEU A 102 -0.95 18.34 -4.44
CA LEU A 102 0.16 18.42 -5.37
C LEU A 102 -0.25 18.94 -6.76
N CYS A 103 -1.54 19.28 -6.92
CA CYS A 103 -2.01 19.82 -8.21
C CYS A 103 -1.09 20.93 -8.69
N ARG A 104 -0.67 20.85 -9.95
CA ARG A 104 0.29 21.80 -10.48
C ARG A 104 -0.39 23.13 -10.84
N SER A 105 -1.72 23.16 -10.79
CA SER A 105 -2.47 24.42 -10.96
C SER A 105 -3.05 24.93 -9.66
N VAL A 106 -2.58 24.40 -8.54
CA VAL A 106 -3.11 24.81 -7.23
C VAL A 106 -3.07 26.34 -7.00
N LYS A 107 -4.08 26.85 -6.30
CA LYS A 107 -4.02 28.21 -5.79
C LYS A 107 -3.82 28.11 -4.28
N ASN A 108 -2.89 28.88 -3.75
CA ASN A 108 -2.60 28.82 -2.32
C ASN A 108 -2.95 30.13 -1.60
N ALA A 109 -3.84 30.04 -0.61
CA ALA A 109 -4.26 31.23 0.13
C ALA A 109 -3.08 31.86 0.88
N GLY A 110 -3.00 33.20 0.82
CA GLY A 110 -1.92 33.92 1.45
C GLY A 110 -0.61 33.81 0.70
N TYR A 111 -0.67 33.43 -0.58
CA TYR A 111 0.54 33.29 -1.36
C TYR A 111 0.29 33.65 -2.82
N SER A 112 -0.49 32.83 -3.50
CA SER A 112 -0.81 33.08 -4.91
C SER A 112 -2.26 33.55 -5.14
N VAL A 113 -3.02 33.68 -4.05
CA VAL A 113 -4.34 34.32 -4.07
C VAL A 113 -4.53 34.96 -2.69
N ASP A 114 -5.30 36.05 -2.61
CA ASP A 114 -5.53 36.72 -1.33
C ASP A 114 -6.06 35.77 -0.27
N GLY A 115 -5.46 35.80 0.91
CA GLY A 115 -5.83 34.87 1.96
C GLY A 115 -6.82 35.40 2.99
N GLY A 116 -6.82 34.76 4.15
CA GLY A 116 -7.85 34.99 5.14
C GLY A 116 -7.46 35.83 6.33
N MET A 117 -6.27 36.42 6.28
CA MET A 117 -5.89 37.34 7.34
C MET A 117 -6.43 38.74 7.02
N ALA A 118 -7.75 38.85 7.02
CA ALA A 118 -8.44 40.07 6.63
C ALA A 118 -9.86 39.94 7.16
N GLU A 119 -10.59 41.04 7.23
CA GLU A 119 -11.94 40.98 7.76
C GLU A 119 -12.92 40.23 6.86
N GLU A 120 -12.61 40.17 5.57
CA GLU A 120 -13.41 39.44 4.61
C GLU A 120 -12.49 38.67 3.66
N CYS A 121 -13.02 37.60 3.07
CA CYS A 121 -12.23 36.81 2.14
C CYS A 121 -13.12 36.13 1.10
N ILE A 122 -12.74 36.23 -0.16
CA ILE A 122 -13.43 35.49 -1.20
C ILE A 122 -12.87 34.06 -1.27
N VAL A 123 -13.76 33.06 -1.23
CA VAL A 123 -13.34 31.68 -1.39
C VAL A 123 -13.99 31.03 -2.60
N VAL A 124 -13.37 29.98 -3.11
CA VAL A 124 -14.04 29.11 -4.05
C VAL A 124 -14.82 28.13 -3.19
N ALA A 125 -16.14 28.18 -3.32
CA ALA A 125 -17.05 27.47 -2.42
C ALA A 125 -16.80 25.97 -2.25
N ASP A 126 -16.58 25.24 -3.34
CA ASP A 126 -16.39 23.79 -3.28
C ASP A 126 -15.08 23.40 -2.58
N TYR A 127 -14.19 24.37 -2.38
CA TYR A 127 -12.88 24.09 -1.76
C TYR A 127 -12.73 24.69 -0.37
N ALA A 128 -13.76 25.39 0.08
CA ALA A 128 -13.79 25.94 1.45
C ALA A 128 -14.48 24.98 2.38
N VAL A 129 -13.69 24.13 3.03
CA VAL A 129 -14.22 23.05 3.82
C VAL A 129 -14.97 23.58 5.06
N LYS A 130 -16.15 23.03 5.30
CA LYS A 130 -16.99 23.50 6.42
C LYS A 130 -16.41 23.10 7.76
N VAL A 131 -16.67 23.93 8.78
CA VAL A 131 -16.22 23.63 10.13
C VAL A 131 -17.32 22.90 10.90
N PRO A 132 -17.00 21.77 11.56
CA PRO A 132 -18.02 21.03 12.31
C PRO A 132 -18.56 21.83 13.49
N ASP A 133 -19.85 21.63 13.80
CA ASP A 133 -20.52 22.41 14.83
C ASP A 133 -19.84 22.39 16.21
N GLY A 134 -19.31 21.24 16.60
CA GLY A 134 -18.74 21.12 17.93
C GLY A 134 -17.36 21.72 18.17
N LEU A 135 -16.90 22.62 17.30
CA LEU A 135 -15.52 23.11 17.37
C LEU A 135 -15.43 24.63 17.30
N ASP A 136 -14.91 25.25 18.36
CA ASP A 136 -14.80 26.71 18.40
C ASP A 136 -13.91 27.26 17.29
N SER A 137 -14.15 28.49 16.85
CA SER A 137 -13.49 29.05 15.68
C SER A 137 -11.98 29.23 15.82
N ALA A 138 -11.53 29.64 16.99
CA ALA A 138 -10.09 29.82 17.22
C ALA A 138 -9.35 28.48 17.09
N ALA A 139 -9.90 27.45 17.74
CA ALA A 139 -9.31 26.11 17.67
C ALA A 139 -9.35 25.64 16.21
N ALA A 140 -10.45 25.89 15.54
CA ALA A 140 -10.60 25.46 14.15
C ALA A 140 -9.55 26.09 13.27
N SER A 141 -9.21 27.36 13.55
CA SER A 141 -8.22 28.05 12.76
C SER A 141 -6.90 27.27 12.75
N SER A 142 -6.47 26.80 13.91
CA SER A 142 -5.22 26.02 14.00
C SER A 142 -5.29 24.73 13.19
N ILE A 143 -6.44 24.06 13.21
CA ILE A 143 -6.57 22.80 12.47
C ILE A 143 -6.47 23.05 10.96
N THR A 144 -6.81 24.27 10.54
CA THR A 144 -6.93 24.62 9.13
C THR A 144 -5.59 24.61 8.38
N CYS A 145 -4.48 24.69 9.12
CA CYS A 145 -3.19 24.41 8.54
C CYS A 145 -2.31 23.54 9.45
N ALA A 146 -2.01 24.04 10.65
CA ALA A 146 -1.14 23.31 11.58
C ALA A 146 -1.67 21.91 11.86
N GLY A 147 -2.98 21.80 12.04
CA GLY A 147 -3.60 20.53 12.39
C GLY A 147 -3.69 19.56 11.23
N VAL A 148 -4.31 19.98 10.14
CA VAL A 148 -4.42 19.10 8.97
C VAL A 148 -3.04 18.66 8.45
N THR A 149 -2.09 19.59 8.42
CA THR A 149 -0.77 19.26 7.89
C THR A 149 -0.09 18.17 8.70
N THR A 150 -0.22 18.24 10.03
CA THR A 150 0.50 17.32 10.87
C THR A 150 -0.27 16.01 11.02
N TYR A 151 -1.60 16.08 10.97
CA TYR A 151 -2.44 14.89 10.93
C TYR A 151 -2.03 14.05 9.71
N LYS A 152 -1.98 14.71 8.55
CA LYS A 152 -1.59 14.07 7.30
C LYS A 152 -0.14 13.58 7.33
N ALA A 153 0.75 14.39 7.90
CA ALA A 153 2.17 14.01 7.99
C ALA A 153 2.37 12.74 8.80
N VAL A 154 1.70 12.66 9.96
CA VAL A 154 1.76 11.46 10.79
C VAL A 154 1.12 10.26 10.06
N LYS A 155 0.06 10.54 9.31
CA LYS A 155 -0.59 9.49 8.54
C LYS A 155 0.38 8.98 7.48
N LEU A 156 1.09 9.90 6.85
CA LEU A 156 1.99 9.58 5.75
C LEU A 156 3.29 8.92 6.25
N SER A 157 3.60 9.13 7.52
CA SER A 157 4.81 8.59 8.11
C SER A 157 4.74 7.06 8.21
N LYS A 158 3.53 6.54 8.15
CA LYS A 158 3.25 5.12 8.32
C LYS A 158 3.55 4.60 9.73
N ILE A 159 3.65 5.51 10.70
CA ILE A 159 3.84 5.08 12.09
C ILE A 159 2.67 4.18 12.48
N ARG A 160 2.96 3.10 13.19
CA ARG A 160 1.90 2.19 13.62
C ARG A 160 1.76 2.35 15.13
N PRO A 161 0.60 1.97 15.69
CA PRO A 161 0.43 2.10 17.15
C PRO A 161 1.55 1.41 17.94
N GLY A 162 1.95 2.04 19.04
CA GLY A 162 3.00 1.52 19.90
C GLY A 162 4.40 1.82 19.41
N GLN A 163 4.54 2.33 18.19
CA GLN A 163 5.86 2.65 17.64
C GLN A 163 6.34 4.06 18.00
N TRP A 164 7.65 4.27 17.90
CA TRP A 164 8.28 5.54 18.24
C TRP A 164 8.34 6.51 17.06
N ILE A 165 7.78 7.71 17.25
CA ILE A 165 7.90 8.76 16.27
C ILE A 165 8.65 9.95 16.87
N ALA A 166 9.67 10.42 16.16
CA ALA A 166 10.41 11.60 16.60
C ALA A 166 9.83 12.83 15.92
N ILE A 167 9.35 13.77 16.72
CA ILE A 167 8.83 15.03 16.18
C ILE A 167 9.80 16.19 16.39
N TYR A 168 10.31 16.77 15.31
CA TYR A 168 11.28 17.86 15.42
C TYR A 168 10.61 19.21 15.22
N GLY A 169 10.76 20.11 16.19
CA GLY A 169 10.16 21.42 16.13
C GLY A 169 8.77 21.34 16.74
N LEU A 170 8.64 21.80 17.98
CA LEU A 170 7.39 21.66 18.70
C LEU A 170 6.62 22.99 18.77
N GLY A 171 6.50 23.65 17.62
CA GLY A 171 5.85 24.95 17.51
C GLY A 171 4.36 24.80 17.23
N GLY A 172 3.81 25.68 16.40
CA GLY A 172 2.39 25.60 16.04
C GLY A 172 2.06 24.23 15.46
N LEU A 173 2.78 23.84 14.42
CA LEU A 173 2.59 22.52 13.84
C LEU A 173 3.01 21.43 14.81
N GLY A 174 4.22 21.55 15.35
CA GLY A 174 4.81 20.48 16.13
C GLY A 174 4.01 20.07 17.33
N ASN A 175 3.41 21.04 18.01
CA ASN A 175 2.62 20.72 19.18
C ASN A 175 1.39 19.89 18.78
N LEU A 176 0.79 20.25 17.65
CA LEU A 176 -0.35 19.49 17.16
C LEU A 176 0.09 18.14 16.59
N ALA A 177 1.28 18.09 15.98
CA ALA A 177 1.82 16.81 15.54
C ALA A 177 1.93 15.83 16.72
N LEU A 178 2.39 16.35 17.86
CA LEU A 178 2.48 15.58 19.10
C LEU A 178 1.12 15.06 19.52
N GLN A 179 0.13 15.93 19.47
CA GLN A 179 -1.21 15.56 19.90
C GLN A 179 -1.85 14.53 18.98
N TYR A 180 -1.75 14.71 17.67
CA TYR A 180 -2.25 13.69 16.74
C TYR A 180 -1.49 12.36 16.90
N ALA A 181 -0.17 12.43 16.99
CA ALA A 181 0.63 11.21 17.08
C ALA A 181 0.27 10.40 18.33
N LYS A 182 0.19 11.07 19.46
CA LYS A 182 -0.13 10.42 20.72
C LYS A 182 -1.59 10.04 20.82
N ASN A 183 -2.46 11.02 20.64
CA ASN A 183 -3.89 10.86 20.96
C ASN A 183 -4.73 10.20 19.88
N VAL A 184 -4.22 10.23 18.65
CA VAL A 184 -4.99 9.72 17.53
C VAL A 184 -4.31 8.49 16.93
N PHE A 185 -3.00 8.56 16.73
CA PHE A 185 -2.30 7.43 16.12
C PHE A 185 -1.67 6.46 17.10
N ASN A 186 -1.78 6.80 18.39
CA ASN A 186 -1.31 5.95 19.46
CA ASN A 186 -1.30 5.95 19.47
C ASN A 186 0.18 5.60 19.40
N ALA A 187 0.98 6.57 18.95
CA ALA A 187 2.42 6.36 18.88
C ALA A 187 3.10 6.81 20.17
N LYS A 188 4.32 6.34 20.41
CA LYS A 188 5.14 6.91 21.47
C LYS A 188 5.94 8.03 20.83
N VAL A 189 6.12 9.13 21.54
CA VAL A 189 6.66 10.33 20.90
C VAL A 189 7.94 10.84 21.55
N ILE A 190 8.95 11.08 20.72
CA ILE A 190 10.09 11.89 21.14
C ILE A 190 9.92 13.30 20.60
N ALA A 191 9.88 14.28 21.50
CA ALA A 191 9.78 15.68 21.10
C ALA A 191 11.16 16.32 21.14
N ILE A 192 11.57 16.91 20.02
CA ILE A 192 12.91 17.50 19.93
C ILE A 192 12.81 18.94 19.46
N ASP A 193 13.47 19.86 20.18
CA ASP A 193 13.42 21.28 19.83
C ASP A 193 14.68 21.95 20.40
N VAL A 194 14.86 23.23 20.14
CA VAL A 194 15.98 23.98 20.72
C VAL A 194 15.50 24.92 21.84
N ASN A 195 14.20 24.84 22.13
CA ASN A 195 13.56 25.75 23.07
C ASN A 195 12.94 24.97 24.24
N ASP A 196 13.43 25.21 25.45
CA ASP A 196 12.96 24.44 26.62
C ASP A 196 11.48 24.66 26.95
N GLU A 197 10.98 25.87 26.70
CA GLU A 197 9.56 26.15 26.91
C GLU A 197 8.68 25.30 25.98
N GLN A 198 9.08 25.16 24.70
CA GLN A 198 8.33 24.31 23.81
C GLN A 198 8.37 22.86 24.30
N LEU A 199 9.52 22.43 24.79
CA LEU A 199 9.69 21.06 25.24
C LEU A 199 8.88 20.81 26.50
N LYS A 200 8.85 21.82 27.38
CA LYS A 200 8.13 21.71 28.63
C LYS A 200 6.64 21.53 28.34
N LEU A 201 6.13 22.27 27.35
CA LEU A 201 4.74 22.14 26.97
C LEU A 201 4.47 20.76 26.37
N ALA A 202 5.40 20.28 25.55
CA ALA A 202 5.26 18.95 24.92
C ALA A 202 5.15 17.86 25.99
N THR A 203 6.00 17.94 27.00
CA THR A 203 5.99 16.97 28.08
C THR A 203 4.68 17.03 28.86
N GLU A 204 4.21 18.24 29.14
CA GLU A 204 2.89 18.44 29.76
C GLU A 204 1.81 17.73 28.96
N MET A 205 1.94 17.76 27.64
CA MET A 205 0.92 17.19 26.77
C MET A 205 1.18 15.73 26.40
N GLY A 206 2.10 15.08 27.11
CA GLY A 206 2.24 13.64 27.01
C GLY A 206 3.46 13.12 26.25
N ALA A 207 4.33 14.00 25.78
CA ALA A 207 5.51 13.53 25.04
C ALA A 207 6.27 12.54 25.92
N ASP A 208 6.58 11.38 25.36
CA ASP A 208 7.26 10.33 26.11
C ASP A 208 8.69 10.70 26.49
N LEU A 209 9.42 11.26 25.53
CA LEU A 209 10.77 11.73 25.78
C LEU A 209 10.87 13.13 25.20
N ALA A 210 11.78 13.94 25.74
CA ALA A 210 11.97 15.31 25.26
C ALA A 210 13.46 15.57 25.21
N ILE A 211 13.93 16.11 24.08
CA ILE A 211 15.35 16.39 23.92
C ILE A 211 15.58 17.79 23.40
N ASN A 212 16.46 18.54 24.06
CA ASN A 212 16.89 19.82 23.55
C ASN A 212 18.14 19.59 22.72
N SER A 213 18.02 19.78 21.40
CA SER A 213 19.12 19.49 20.49
C SER A 213 20.23 20.56 20.51
N HIS A 214 20.04 21.64 21.26
CA HIS A 214 21.14 22.55 21.51
C HIS A 214 22.01 22.08 22.67
N THR A 215 21.45 21.27 23.55
CA THR A 215 22.21 20.78 24.70
C THR A 215 22.58 19.31 24.60
N GLU A 216 21.88 18.55 23.77
CA GLU A 216 22.22 17.13 23.58
C GLU A 216 22.33 16.73 22.12
N ASP A 217 22.94 15.58 21.88
CA ASP A 217 23.04 15.01 20.54
C ASP A 217 21.75 14.22 20.29
N ALA A 218 20.76 14.88 19.70
CA ALA A 218 19.41 14.34 19.60
C ALA A 218 19.34 12.93 19.01
N ALA A 219 19.94 12.73 17.84
CA ALA A 219 19.84 11.44 17.14
C ALA A 219 20.48 10.33 17.96
N LYS A 220 21.59 10.65 18.61
CA LYS A 220 22.26 9.68 19.46
C LYS A 220 21.37 9.29 20.63
N ILE A 221 20.73 10.27 21.27
CA ILE A 221 19.86 9.99 22.40
C ILE A 221 18.63 9.17 21.98
N VAL A 222 18.08 9.49 20.81
CA VAL A 222 16.98 8.73 20.24
C VAL A 222 17.41 7.26 20.04
N GLN A 223 18.56 7.07 19.42
CA GLN A 223 19.05 5.71 19.15
C GLN A 223 19.23 4.93 20.44
N GLU A 224 19.85 5.57 21.43
CA GLU A 224 20.11 4.92 22.71
C GLU A 224 18.82 4.55 23.45
N LYS A 225 17.87 5.46 23.50
CA LYS A 225 16.69 5.27 24.34
C LYS A 225 15.58 4.44 23.69
N THR A 226 15.55 4.40 22.35
CA THR A 226 14.42 3.77 21.67
C THR A 226 14.84 2.70 20.67
N GLY A 227 16.13 2.65 20.34
CA GLY A 227 16.63 1.75 19.31
C GLY A 227 16.54 2.41 17.94
N GLY A 228 16.16 3.68 17.92
CA GLY A 228 15.94 4.41 16.69
C GLY A 228 14.44 4.53 16.48
N ALA A 229 13.97 5.73 16.12
CA ALA A 229 12.54 5.93 15.88
C ALA A 229 12.07 5.20 14.62
N HIS A 230 10.84 4.69 14.66
CA HIS A 230 10.27 4.06 13.48
C HIS A 230 9.99 5.09 12.39
N ALA A 231 9.74 6.33 12.82
CA ALA A 231 9.47 7.40 11.89
C ALA A 231 9.82 8.76 12.48
N ALA A 232 9.89 9.76 11.62
CA ALA A 232 10.09 11.13 12.07
C ALA A 232 9.20 12.10 11.29
N VAL A 233 8.75 13.13 11.97
CA VAL A 233 8.09 14.25 11.31
C VAL A 233 8.85 15.52 11.64
N VAL A 234 9.34 16.21 10.63
CA VAL A 234 10.14 17.39 10.89
C VAL A 234 9.37 18.65 10.55
N THR A 235 8.96 19.37 11.61
CA THR A 235 8.23 20.63 11.47
C THR A 235 9.09 21.81 11.93
N ALA A 236 10.41 21.67 11.87
CA ALA A 236 11.32 22.70 12.33
C ALA A 236 11.72 23.64 11.20
N VAL A 237 12.14 24.84 11.55
CA VAL A 237 12.50 25.83 10.54
C VAL A 237 14.02 25.94 10.38
N ALA A 238 14.71 24.81 10.52
CA ALA A 238 16.18 24.80 10.40
C ALA A 238 16.64 23.46 9.80
N LYS A 239 17.55 23.51 8.83
CA LYS A 239 17.99 22.31 8.14
C LYS A 239 18.62 21.26 9.04
N ALA A 240 19.21 21.69 10.16
CA ALA A 240 19.84 20.75 11.10
C ALA A 240 18.83 19.73 11.61
N ALA A 241 17.58 20.15 11.79
CA ALA A 241 16.55 19.22 12.26
C ALA A 241 16.28 18.12 11.25
N PHE A 242 16.27 18.47 9.96
CA PHE A 242 16.04 17.50 8.90
C PHE A 242 17.20 16.52 8.84
N ASN A 243 18.42 17.05 8.89
CA ASN A 243 19.59 16.18 8.88
C ASN A 243 19.58 15.21 10.06
N SER A 244 19.22 15.72 11.24
CA SER A 244 19.21 14.90 12.45
C SER A 244 18.20 13.76 12.41
N ALA A 245 16.99 14.06 11.92
CA ALA A 245 15.93 13.08 11.81
C ALA A 245 16.38 11.86 11.00
N VAL A 246 17.13 12.10 9.92
CA VAL A 246 17.63 11.01 9.10
C VAL A 246 18.53 10.05 9.90
N ASP A 247 19.30 10.61 10.84
CA ASP A 247 20.13 9.82 11.74
C ASP A 247 19.35 9.19 12.88
N ALA A 248 18.19 9.74 13.20
CA ALA A 248 17.48 9.33 14.40
C ALA A 248 16.55 8.14 14.19
N VAL A 249 16.23 7.82 12.94
CA VAL A 249 15.35 6.68 12.67
C VAL A 249 16.12 5.35 12.63
N ARG A 250 15.40 4.24 12.79
CA ARG A 250 16.01 2.93 12.66
C ARG A 250 15.96 2.56 11.19
N ALA A 251 16.62 1.46 10.84
CA ALA A 251 16.61 0.97 9.45
C ALA A 251 15.17 0.80 8.99
N GLY A 252 14.91 1.09 7.72
CA GLY A 252 13.56 1.02 7.19
C GLY A 252 12.67 2.17 7.60
N GLY A 253 13.18 3.06 8.45
CA GLY A 253 12.37 4.16 8.98
C GLY A 253 12.09 5.26 7.97
N ARG A 254 10.98 5.97 8.15
CA ARG A 254 10.56 7.04 7.27
C ARG A 254 10.60 8.43 7.93
N VAL A 255 11.34 9.34 7.31
CA VAL A 255 11.35 10.74 7.68
C VAL A 255 10.38 11.54 6.80
N VAL A 256 9.41 12.20 7.43
CA VAL A 256 8.48 13.06 6.70
C VAL A 256 8.87 14.52 6.88
N ALA A 257 9.27 15.16 5.79
CA ALA A 257 9.66 16.57 5.82
C ALA A 257 8.43 17.45 5.68
N VAL A 258 8.29 18.42 6.57
CA VAL A 258 7.14 19.32 6.56
C VAL A 258 7.55 20.80 6.58
N GLY A 259 8.56 21.13 7.39
CA GLY A 259 9.07 22.48 7.48
C GLY A 259 9.56 23.01 6.15
N LEU A 260 9.56 24.32 6.01
CA LEU A 260 9.95 24.93 4.75
C LEU A 260 11.12 25.92 4.84
N PRO A 261 12.19 25.58 5.58
CA PRO A 261 13.32 26.51 5.53
C PRO A 261 13.88 26.56 4.11
N PRO A 262 14.29 27.73 3.64
CA PRO A 262 14.83 27.82 2.27
C PRO A 262 16.28 27.36 2.28
N GLU A 263 16.49 26.08 2.59
CA GLU A 263 17.81 25.51 2.78
C GLU A 263 17.78 24.09 2.20
N SER A 264 18.95 23.45 2.11
CA SER A 264 19.03 22.09 1.61
C SER A 264 19.38 21.16 2.77
N MET A 265 18.78 19.98 2.82
CA MET A 265 19.21 18.99 3.80
C MET A 265 20.28 18.08 3.17
N SER A 266 20.98 17.33 4.02
CA SER A 266 22.05 16.46 3.55
CA SER A 266 22.05 16.46 3.54
C SER A 266 21.75 15.00 3.89
N LEU A 267 21.96 14.10 2.94
CA LEU A 267 21.75 12.66 3.18
C LEU A 267 23.01 11.87 2.89
N ASP A 268 23.56 11.20 3.91
CA ASP A 268 24.66 10.25 3.74
C ASP A 268 24.16 9.12 2.88
N ILE A 269 24.77 8.95 1.71
CA ILE A 269 24.24 7.99 0.76
C ILE A 269 24.36 6.53 1.23
N PRO A 270 25.54 6.12 1.74
CA PRO A 270 25.59 4.74 2.25
C PRO A 270 24.63 4.47 3.40
N ARG A 271 24.42 5.45 4.27
CA ARG A 271 23.42 5.31 5.33
C ARG A 271 22.02 5.14 4.73
N LEU A 272 21.70 5.96 3.74
CA LEU A 272 20.38 5.94 3.10
C LEU A 272 20.09 4.59 2.46
N VAL A 273 21.12 4.04 1.81
CA VAL A 273 20.97 2.77 1.10
C VAL A 273 21.06 1.56 2.01
N LEU A 274 22.18 1.43 2.73
CA LEU A 274 22.42 0.26 3.56
C LEU A 274 21.43 0.11 4.72
N ASP A 275 20.77 1.20 5.09
CA ASP A 275 19.76 1.12 6.14
C ASP A 275 18.34 1.32 5.63
N GLY A 276 18.17 1.37 4.31
CA GLY A 276 16.86 1.49 3.70
C GLY A 276 15.98 2.61 4.25
N ILE A 277 16.56 3.79 4.42
CA ILE A 277 15.84 4.95 4.95
C ILE A 277 14.91 5.55 3.88
N GLU A 278 13.77 6.08 4.28
CA GLU A 278 12.89 6.79 3.35
C GLU A 278 12.72 8.23 3.79
N VAL A 279 12.79 9.13 2.82
CA VAL A 279 12.53 10.54 3.11
C VAL A 279 11.47 11.04 2.15
N VAL A 280 10.40 11.63 2.68
CA VAL A 280 9.29 12.09 1.84
C VAL A 280 8.75 13.45 2.27
N GLY A 281 8.33 14.24 1.29
CA GLY A 281 7.73 15.53 1.60
C GLY A 281 6.23 15.39 1.74
N SER A 282 5.63 16.14 2.67
CA SER A 282 4.18 16.14 2.84
C SER A 282 3.66 17.57 2.75
N LEU A 283 2.55 17.75 2.05
CA LEU A 283 2.03 19.08 1.78
C LEU A 283 0.57 19.19 2.18
N VAL A 284 0.34 19.94 3.27
CA VAL A 284 -0.96 20.11 3.90
C VAL A 284 -1.79 18.83 3.86
N GLY A 285 -3.05 18.92 3.47
CA GLY A 285 -3.88 17.73 3.33
C GLY A 285 -5.00 17.96 2.34
N THR A 286 -5.62 16.88 1.87
CA THR A 286 -6.75 17.00 0.95
C THR A 286 -7.95 17.51 1.70
N ARG A 287 -9.02 17.84 0.99
CA ARG A 287 -10.23 18.27 1.69
C ARG A 287 -10.74 17.21 2.67
N GLN A 288 -10.55 15.94 2.32
CA GLN A 288 -10.95 14.85 3.22
C GLN A 288 -10.08 14.80 4.47
N ASP A 289 -8.77 15.00 4.30
CA ASP A 289 -7.85 15.06 5.44
C ASP A 289 -8.27 16.16 6.42
N LEU A 290 -8.62 17.33 5.88
CA LEU A 290 -9.04 18.44 6.74
C LEU A 290 -10.33 18.14 7.48
N THR A 291 -11.33 17.66 6.74
CA THR A 291 -12.56 17.19 7.38
C THR A 291 -12.27 16.22 8.54
N GLU A 292 -11.39 15.25 8.30
CA GLU A 292 -11.05 14.31 9.35
C GLU A 292 -10.33 14.98 10.50
N ALA A 293 -9.35 15.83 10.17
CA ALA A 293 -8.60 16.56 11.18
C ALA A 293 -9.52 17.41 12.08
N PHE A 294 -10.45 18.14 11.46
CA PHE A 294 -11.44 18.93 12.16
C PHE A 294 -12.24 18.09 13.15
N GLN A 295 -12.68 16.92 12.69
CA GLN A 295 -13.52 16.05 13.53
C GLN A 295 -12.81 15.58 14.80
N PHE A 296 -11.51 15.30 14.70
CA PHE A 296 -10.72 14.95 15.89
C PHE A 296 -10.70 16.10 16.90
N ALA A 297 -10.56 17.33 16.41
CA ALA A 297 -10.57 18.47 17.31
C ALA A 297 -11.97 18.70 17.88
N ALA A 298 -13.00 18.50 17.06
CA ALA A 298 -14.38 18.63 17.54
C ALA A 298 -14.66 17.66 18.69
N GLU A 299 -14.06 16.48 18.65
CA GLU A 299 -14.27 15.48 19.70
C GLU A 299 -13.27 15.61 20.86
N GLY A 300 -12.41 16.62 20.80
CA GLY A 300 -11.48 16.90 21.88
C GLY A 300 -10.28 15.96 21.96
N LYS A 301 -9.99 15.26 20.88
CA LYS A 301 -8.84 14.33 20.85
C LYS A 301 -7.53 15.10 20.71
N VAL A 302 -7.62 16.28 20.09
CA VAL A 302 -6.52 17.24 20.10
C VAL A 302 -7.11 18.59 20.53
N VAL A 303 -6.28 19.41 21.17
CA VAL A 303 -6.75 20.69 21.65
C VAL A 303 -5.69 21.74 21.31
N PRO A 304 -5.96 22.54 20.28
CA PRO A 304 -5.01 23.58 19.88
C PRO A 304 -4.76 24.59 20.98
N LYS A 305 -3.49 24.86 21.27
CA LYS A 305 -3.14 25.96 22.17
C LYS A 305 -3.14 27.26 21.37
N VAL A 306 -3.99 28.19 21.77
CA VAL A 306 -4.17 29.43 21.00
C VAL A 306 -4.15 30.66 21.90
N ALA A 307 -3.73 31.79 21.35
CA ALA A 307 -3.88 33.09 22.01
C ALA A 307 -4.46 34.08 20.99
N LEU A 308 -5.43 34.89 21.43
CA LEU A 308 -6.14 35.79 20.51
C LEU A 308 -5.45 37.15 20.45
N ARG A 309 -5.32 37.72 19.25
CA ARG A 309 -4.68 39.02 19.06
C ARG A 309 -5.45 39.87 18.05
N PRO A 310 -5.39 41.20 18.18
CA PRO A 310 -6.00 42.03 17.14
C PRO A 310 -5.12 42.03 15.90
N LEU A 311 -5.72 42.34 14.74
CA LEU A 311 -4.99 42.39 13.49
C LEU A 311 -3.84 43.39 13.58
N ALA A 312 -4.01 44.42 14.40
CA ALA A 312 -2.95 45.43 14.57
C ALA A 312 -1.63 44.84 15.11
N ASP A 313 -1.70 43.66 15.73
CA ASP A 313 -0.51 43.03 16.32
C ASP A 313 0.29 42.13 15.37
N ILE A 314 -0.09 42.10 14.09
CA ILE A 314 0.56 41.14 13.17
C ILE A 314 2.10 41.25 13.11
N ASN A 315 2.63 42.46 13.00
CA ASN A 315 4.09 42.59 12.94
C ASN A 315 4.77 42.15 14.24
N THR A 316 4.19 42.55 15.36
CA THR A 316 4.65 42.10 16.67
C THR A 316 4.64 40.57 16.77
N ILE A 317 3.56 39.95 16.31
CA ILE A 317 3.46 38.49 16.30
C ILE A 317 4.61 37.83 15.54
N PHE A 318 4.91 38.36 14.36
CA PHE A 318 5.98 37.83 13.52
C PHE A 318 7.35 37.95 14.20
N THR A 319 7.56 39.02 14.96
CA THR A 319 8.76 39.18 15.77
C THR A 319 8.81 38.11 16.87
N GLU A 320 7.67 37.91 17.54
CA GLU A 320 7.56 36.87 18.57
C GLU A 320 7.83 35.49 17.98
N MET A 321 7.33 35.26 16.77
CA MET A 321 7.54 34.01 16.05
C MET A 321 9.03 33.79 15.72
N GLU A 322 9.67 34.81 15.14
CA GLU A 322 11.11 34.80 14.86
C GLU A 322 11.92 34.46 16.09
N GLU A 323 11.57 35.10 17.19
CA GLU A 323 12.29 34.95 18.45
C GLU A 323 11.91 33.69 19.20
N GLY A 324 10.99 32.91 18.62
CA GLY A 324 10.58 31.65 19.22
C GLY A 324 9.87 31.79 20.55
N LYS A 325 9.01 32.79 20.66
CA LYS A 325 8.32 33.07 21.91
C LYS A 325 6.84 32.67 21.92
N ILE A 326 6.41 31.96 20.88
CA ILE A 326 5.00 31.55 20.82
C ILE A 326 4.83 30.09 21.27
N ARG A 327 3.92 29.86 22.19
CA ARG A 327 3.49 28.52 22.56
C ARG A 327 2.19 28.25 21.81
N GLY A 328 2.23 27.27 20.92
CA GLY A 328 1.11 26.99 20.03
C GLY A 328 0.97 28.04 18.94
N ARG A 329 -0.23 28.59 18.82
CA ARG A 329 -0.56 29.53 17.75
C ARG A 329 -0.98 30.88 18.29
N MET A 330 -0.61 31.93 17.58
CA MET A 330 -1.28 33.22 17.72
C MET A 330 -2.36 33.27 16.67
N VAL A 331 -3.55 33.75 17.08
CA VAL A 331 -4.71 33.79 16.23
C VAL A 331 -5.27 35.23 16.13
N ILE A 332 -5.34 35.76 14.92
CA ILE A 332 -5.93 37.08 14.73
C ILE A 332 -7.45 36.95 14.94
N ASP A 333 -7.99 37.74 15.86
CA ASP A 333 -9.42 37.67 16.15
C ASP A 333 -10.17 38.87 15.56
N PHE A 334 -11.16 38.60 14.71
CA PHE A 334 -11.97 39.67 14.10
C PHE A 334 -13.34 39.78 14.76
N ARG A 335 -13.58 38.96 15.77
CA ARG A 335 -14.90 38.90 16.41
C ARG A 335 -15.12 40.02 17.44
N HIS A 336 -16.38 40.39 17.66
CA HIS A 336 -16.75 41.33 18.71
C HIS A 336 -17.20 40.59 19.97
N MET B 1 3.42 -37.64 31.12
CA MET B 1 2.81 -36.40 31.55
C MET B 1 1.37 -36.35 31.04
N LYS B 2 0.54 -35.51 31.63
CA LYS B 2 -0.89 -35.46 31.28
C LYS B 2 -1.13 -34.52 30.11
N ALA B 3 -1.91 -34.99 29.13
CA ALA B 3 -2.17 -34.26 27.90
C ALA B 3 -3.65 -34.33 27.54
N ALA B 4 -4.14 -33.32 26.82
CA ALA B 4 -5.47 -33.35 26.21
C ALA B 4 -5.35 -33.95 24.80
N VAL B 5 -5.86 -35.16 24.63
CA VAL B 5 -5.71 -35.90 23.38
C VAL B 5 -7.05 -36.08 22.65
N VAL B 6 -7.08 -35.78 21.36
CA VAL B 6 -8.32 -35.92 20.56
C VAL B 6 -8.70 -37.39 20.42
N THR B 7 -9.99 -37.69 20.59
CA THR B 7 -10.48 -39.06 20.38
C THR B 7 -11.25 -39.19 19.06
N LYS B 8 -11.40 -40.44 18.61
CA LYS B 8 -12.14 -40.77 17.40
C LYS B 8 -13.59 -40.28 17.42
N ASP B 9 -14.21 -40.27 18.60
CA ASP B 9 -15.60 -39.84 18.72
C ASP B 9 -15.74 -38.36 19.09
N HIS B 10 -14.68 -37.61 18.81
CA HIS B 10 -14.70 -36.15 18.92
C HIS B 10 -14.83 -35.64 20.34
N HIS B 11 -14.17 -36.34 21.26
CA HIS B 11 -14.06 -35.85 22.63
C HIS B 11 -12.60 -35.74 22.99
N VAL B 12 -12.32 -35.45 24.25
CA VAL B 12 -10.93 -35.32 24.68
C VAL B 12 -10.63 -36.37 25.73
N ASP B 13 -9.55 -37.10 25.50
CA ASP B 13 -9.08 -38.08 26.46
C ASP B 13 -7.98 -37.43 27.27
N VAL B 14 -8.26 -37.13 28.54
CA VAL B 14 -7.22 -36.59 29.41
C VAL B 14 -6.37 -37.74 29.87
N THR B 15 -5.22 -37.90 29.23
CA THR B 15 -4.48 -39.12 29.37
C THR B 15 -2.99 -38.90 29.49
N TYR B 16 -2.28 -40.01 29.55
CA TYR B 16 -0.85 -40.04 29.77
C TYR B 16 -0.14 -39.98 28.43
N LYS B 17 0.83 -39.09 28.32
CA LYS B 17 1.62 -38.96 27.11
C LYS B 17 3.10 -38.83 27.48
N THR B 18 3.97 -39.48 26.73
CA THR B 18 5.41 -39.36 26.96
C THR B 18 6.12 -38.75 25.76
N LEU B 19 6.80 -37.63 25.96
CA LEU B 19 7.49 -36.95 24.87
C LEU B 19 8.85 -37.58 24.54
N ARG B 20 9.17 -37.60 23.24
CA ARG B 20 10.48 -38.06 22.78
C ARG B 20 11.56 -37.08 23.22
N SER B 21 12.83 -37.47 23.07
CA SER B 21 13.91 -36.54 23.30
C SER B 21 13.96 -35.47 22.18
N LEU B 22 14.71 -34.39 22.40
CA LEU B 22 14.72 -33.27 21.47
C LEU B 22 15.59 -33.49 20.24
N LYS B 23 15.22 -32.84 19.14
CA LYS B 23 16.08 -32.80 17.97
C LYS B 23 16.84 -31.47 17.94
N HIS B 24 17.76 -31.33 16.99
CA HIS B 24 18.45 -30.08 16.75
C HIS B 24 17.40 -29.00 16.53
N GLY B 25 17.59 -27.84 17.16
CA GLY B 25 16.69 -26.71 17.01
C GLY B 25 15.45 -26.67 17.91
N GLU B 26 15.24 -27.73 18.69
CA GLU B 26 14.03 -27.81 19.52
C GLU B 26 14.29 -27.44 20.97
N ALA B 27 13.20 -27.18 21.68
CA ALA B 27 13.29 -26.97 23.12
C ALA B 27 12.12 -27.65 23.78
N LEU B 28 12.30 -28.01 25.05
CA LEU B 28 11.23 -28.62 25.82
C LEU B 28 10.71 -27.58 26.79
N LEU B 29 9.41 -27.31 26.71
CA LEU B 29 8.75 -26.41 27.66
C LEU B 29 8.02 -27.20 28.71
N LYS B 30 8.15 -26.78 29.96
CA LYS B 30 7.25 -27.22 31.00
C LYS B 30 6.13 -26.20 30.99
N MET B 31 4.91 -26.65 30.67
CA MET B 31 3.83 -25.70 30.46
C MET B 31 3.29 -25.11 31.76
N GLU B 32 2.92 -23.84 31.70
CA GLU B 32 2.26 -23.18 32.82
C GLU B 32 0.76 -23.08 32.53
N CYS B 33 0.44 -22.65 31.31
CA CYS B 33 -0.92 -22.28 30.92
C CYS B 33 -1.19 -22.71 29.50
N CYS B 34 -2.43 -23.03 29.18
CA CYS B 34 -2.83 -23.14 27.78
C CYS B 34 -4.27 -22.71 27.62
N GLY B 35 -4.50 -21.65 26.87
CA GLY B 35 -5.85 -21.21 26.57
C GLY B 35 -6.62 -22.21 25.73
N VAL B 36 -7.94 -22.23 25.88
CA VAL B 36 -8.76 -23.08 25.02
C VAL B 36 -9.36 -22.22 23.90
N CYS B 37 -8.97 -22.52 22.66
CA CYS B 37 -9.47 -21.77 21.50
C CYS B 37 -10.60 -22.53 20.83
N HIS B 38 -11.53 -21.82 20.21
CA HIS B 38 -12.59 -22.51 19.47
C HIS B 38 -12.01 -23.34 18.30
N THR B 39 -10.80 -23.00 17.85
CA THR B 39 -10.13 -23.83 16.83
C THR B 39 -9.87 -25.25 17.37
N ASP B 40 -9.58 -25.36 18.66
CA ASP B 40 -9.40 -26.67 19.31
C ASP B 40 -10.69 -27.47 19.17
N LEU B 41 -11.82 -26.77 19.29
CA LEU B 41 -13.14 -27.39 19.15
C LEU B 41 -13.37 -27.91 17.73
N HIS B 42 -13.13 -27.07 16.73
CA HIS B 42 -13.19 -27.50 15.34
C HIS B 42 -12.30 -28.73 15.09
N VAL B 43 -11.05 -28.65 15.58
CA VAL B 43 -10.10 -29.74 15.37
C VAL B 43 -10.61 -31.07 15.93
N LYS B 44 -10.98 -31.07 17.20
CA LYS B 44 -11.45 -32.30 17.84
C LYS B 44 -12.74 -32.80 17.23
N ASN B 45 -13.53 -31.91 16.64
CA ASN B 45 -14.78 -32.27 15.99
C ASN B 45 -14.57 -32.83 14.60
N GLY B 46 -13.34 -32.76 14.10
CA GLY B 46 -13.02 -33.28 12.77
C GLY B 46 -13.27 -32.33 11.60
N ASP B 47 -13.45 -31.04 11.90
CA ASP B 47 -13.78 -30.08 10.84
C ASP B 47 -12.67 -29.90 9.81
N PHE B 48 -11.43 -30.19 10.20
CA PHE B 48 -10.29 -30.05 9.31
C PHE B 48 -9.64 -31.42 9.04
N GLY B 49 -10.46 -32.48 9.08
CA GLY B 49 -9.94 -33.82 8.91
C GLY B 49 -9.76 -34.55 10.24
N ASP B 50 -9.60 -35.86 10.18
CA ASP B 50 -9.48 -36.65 11.39
C ASP B 50 -8.10 -36.49 12.01
N LYS B 51 -8.06 -35.99 13.23
CA LYS B 51 -6.78 -35.78 13.90
C LYS B 51 -6.74 -36.52 15.24
N THR B 52 -7.49 -37.63 15.33
CA THR B 52 -7.45 -38.51 16.51
C THR B 52 -6.01 -38.78 16.92
N GLY B 53 -5.71 -38.59 18.20
CA GLY B 53 -4.37 -38.81 18.70
C GLY B 53 -3.56 -37.55 18.93
N VAL B 54 -3.90 -36.44 18.27
CA VAL B 54 -3.10 -35.24 18.46
C VAL B 54 -3.37 -34.63 19.84
N ILE B 55 -2.32 -34.06 20.45
CA ILE B 55 -2.49 -33.22 21.63
C ILE B 55 -2.95 -31.84 21.16
N LEU B 56 -4.02 -31.32 21.77
CA LEU B 56 -4.59 -30.02 21.39
C LEU B 56 -3.78 -28.86 21.97
N GLY B 57 -4.22 -27.64 21.71
CA GLY B 57 -3.62 -26.47 22.34
C GLY B 57 -2.64 -25.68 21.50
N HIS B 58 -2.92 -24.38 21.34
CA HIS B 58 -1.99 -23.47 20.69
C HIS B 58 -2.17 -22.07 21.24
N GLU B 59 -2.54 -21.97 22.52
CA GLU B 59 -2.37 -20.75 23.31
C GLU B 59 -1.50 -21.13 24.51
N GLY B 60 -0.35 -21.73 24.24
CA GLY B 60 0.45 -22.29 25.32
C GLY B 60 1.54 -21.35 25.79
N ILE B 61 1.70 -21.24 27.11
CA ILE B 61 2.82 -20.53 27.71
C ILE B 61 3.60 -21.50 28.60
N GLY B 62 4.90 -21.60 28.39
CA GLY B 62 5.68 -22.54 29.17
C GLY B 62 7.06 -22.02 29.47
N VAL B 63 7.76 -22.70 30.38
CA VAL B 63 9.13 -22.32 30.72
C VAL B 63 10.07 -23.35 30.12
N VAL B 64 11.11 -22.88 29.45
CA VAL B 64 12.07 -23.77 28.81
C VAL B 64 12.80 -24.58 29.87
N ALA B 65 12.68 -25.91 29.80
CA ALA B 65 13.37 -26.80 30.72
C ALA B 65 14.72 -27.21 30.14
N GLU B 66 14.72 -27.58 28.86
CA GLU B 66 15.93 -28.00 28.15
C GLU B 66 15.90 -27.48 26.73
N VAL B 67 17.07 -27.26 26.16
CA VAL B 67 17.20 -26.92 24.76
C VAL B 67 17.97 -28.00 24.04
N GLY B 68 17.66 -28.24 22.77
CA GLY B 68 18.37 -29.24 21.98
C GLY B 68 19.64 -28.68 21.38
N PRO B 69 20.35 -29.50 20.58
CA PRO B 69 21.59 -28.98 19.97
C PRO B 69 21.36 -27.77 19.07
N GLY B 70 22.30 -26.84 19.08
CA GLY B 70 22.28 -25.73 18.15
C GLY B 70 21.36 -24.58 18.53
N VAL B 71 20.68 -24.71 19.66
CA VAL B 71 19.69 -23.70 20.06
C VAL B 71 20.31 -22.52 20.78
N THR B 72 20.13 -21.34 20.20
CA THR B 72 20.61 -20.09 20.81
C THR B 72 19.49 -19.06 21.04
N SER B 73 18.32 -19.29 20.47
CA SER B 73 17.23 -18.31 20.58
C SER B 73 16.49 -18.40 21.90
N LEU B 74 16.65 -19.54 22.57
CA LEU B 74 16.02 -19.79 23.86
C LEU B 74 17.04 -20.40 24.80
N LYS B 75 16.86 -20.19 26.10
CA LYS B 75 17.69 -20.84 27.11
C LYS B 75 16.79 -21.27 28.27
N PRO B 76 17.24 -22.26 29.06
CA PRO B 76 16.43 -22.74 30.19
C PRO B 76 16.01 -21.58 31.07
N GLY B 77 14.76 -21.56 31.49
CA GLY B 77 14.24 -20.49 32.30
C GLY B 77 13.44 -19.45 31.52
N ASP B 78 13.65 -19.36 30.21
CA ASP B 78 12.87 -18.43 29.38
C ASP B 78 11.39 -18.84 29.35
N ARG B 79 10.49 -17.85 29.37
CA ARG B 79 9.08 -18.13 29.07
C ARG B 79 8.84 -17.94 27.58
N ALA B 80 8.27 -18.97 26.94
CA ALA B 80 8.01 -18.91 25.50
C ALA B 80 6.61 -19.43 25.20
N SER B 81 6.19 -19.31 23.94
CA SER B 81 4.80 -19.60 23.57
C SER B 81 4.67 -20.70 22.53
N VAL B 82 3.49 -21.32 22.54
CA VAL B 82 3.12 -22.33 21.58
C VAL B 82 1.86 -21.85 20.88
N ALA B 83 2.02 -21.33 19.67
CA ALA B 83 0.94 -20.67 18.96
C ALA B 83 0.53 -21.54 17.77
N TRP B 84 -0.58 -21.19 17.14
CA TRP B 84 -1.03 -21.89 15.94
C TRP B 84 0.09 -21.96 14.92
N PHE B 85 0.76 -20.83 14.68
CA PHE B 85 1.93 -20.79 13.83
C PHE B 85 3.12 -21.39 14.58
N TYR B 86 3.24 -22.71 14.51
CA TYR B 86 4.28 -23.43 15.25
C TYR B 86 5.61 -23.48 14.52
N GLU B 87 5.58 -23.59 13.20
CA GLU B 87 6.78 -23.57 12.38
C GLU B 87 6.47 -23.30 10.91
N GLY B 88 7.25 -22.41 10.29
CA GLY B 88 7.15 -22.15 8.87
C GLY B 88 8.45 -22.58 8.22
N CYS B 89 8.49 -22.65 6.90
CA CYS B 89 9.67 -23.17 6.22
C CYS B 89 10.82 -22.16 6.19
N GLY B 90 10.51 -20.88 6.27
CA GLY B 90 11.54 -19.85 6.37
C GLY B 90 12.11 -19.41 5.03
N HIS B 91 11.72 -20.11 3.97
CA HIS B 91 12.29 -19.86 2.65
C HIS B 91 11.28 -20.19 1.56
N CYS B 92 10.28 -19.33 1.39
CA CYS B 92 9.36 -19.47 0.28
C CYS B 92 8.74 -18.11 -0.01
N GLU B 93 7.84 -18.08 -0.98
CA GLU B 93 7.22 -16.83 -1.41
C GLU B 93 6.45 -16.17 -0.27
N TYR B 94 5.90 -16.97 0.65
CA TYR B 94 5.14 -16.44 1.78
C TYR B 94 6.06 -16.04 2.92
N CYS B 95 7.00 -16.94 3.26
CA CYS B 95 7.87 -16.71 4.40
C CYS B 95 8.78 -15.50 4.21
N ASN B 96 9.25 -15.28 2.98
CA ASN B 96 10.20 -14.20 2.74
C ASN B 96 9.58 -12.86 2.39
N SER B 97 8.25 -12.83 2.25
CA SER B 97 7.55 -11.61 1.84
C SER B 97 6.75 -10.99 2.98
N GLY B 98 6.95 -11.49 4.19
CA GLY B 98 6.21 -10.98 5.33
C GLY B 98 4.85 -11.62 5.50
N ASN B 99 4.65 -12.76 4.85
CA ASN B 99 3.38 -13.51 4.93
C ASN B 99 3.55 -14.95 5.43
N GLU B 100 4.39 -15.13 6.45
CA GLU B 100 4.79 -16.50 6.83
C GLU B 100 3.66 -17.40 7.32
N THR B 101 2.56 -16.86 7.83
CA THR B 101 1.50 -17.77 8.31
C THR B 101 0.83 -18.51 7.15
N LEU B 102 0.95 -17.96 5.94
CA LEU B 102 0.42 -18.64 4.74
C LEU B 102 1.36 -19.71 4.16
N CYS B 103 2.50 -19.94 4.81
CA CYS B 103 3.43 -20.99 4.35
C CYS B 103 2.69 -22.30 4.12
N ARG B 104 2.91 -22.90 2.95
CA ARG B 104 2.20 -24.09 2.55
C ARG B 104 2.79 -25.34 3.22
N SER B 105 3.96 -25.16 3.84
CA SER B 105 4.60 -26.23 4.62
C SER B 105 4.43 -25.96 6.12
N VAL B 106 3.50 -25.07 6.49
CA VAL B 106 3.38 -24.69 7.89
C VAL B 106 3.03 -25.90 8.79
N LYS B 107 3.54 -25.89 10.02
CA LYS B 107 3.07 -26.81 11.04
C LYS B 107 2.25 -26.05 12.06
N ASN B 108 1.09 -26.60 12.43
CA ASN B 108 0.18 -25.94 13.35
C ASN B 108 0.00 -26.69 14.66
N ALA B 109 0.38 -26.05 15.75
CA ALA B 109 0.20 -26.63 17.09
C ALA B 109 -1.26 -27.03 17.38
N GLY B 110 -1.46 -28.25 17.86
CA GLY B 110 -2.79 -28.73 18.20
C GLY B 110 -3.57 -29.22 17.00
N TYR B 111 -2.86 -29.40 15.89
CA TYR B 111 -3.49 -29.85 14.66
C TYR B 111 -2.59 -30.82 13.91
N SER B 112 -1.50 -30.30 13.35
CA SER B 112 -0.59 -31.15 12.58
C SER B 112 0.70 -31.46 13.35
N VAL B 113 0.80 -30.91 14.56
CA VAL B 113 1.87 -31.27 15.47
C VAL B 113 1.28 -31.17 16.86
N ASP B 114 1.78 -31.95 17.81
CA ASP B 114 1.30 -31.92 19.20
C ASP B 114 1.35 -30.51 19.75
N GLY B 115 0.27 -30.10 20.40
CA GLY B 115 0.16 -28.74 20.89
C GLY B 115 0.49 -28.58 22.36
N GLY B 116 0.10 -27.44 22.92
CA GLY B 116 0.50 -27.07 24.26
C GLY B 116 -0.49 -27.33 25.37
N MET B 117 -1.59 -28.01 25.06
CA MET B 117 -2.55 -28.35 26.10
C MET B 117 -2.14 -29.64 26.81
N ALA B 118 -0.96 -29.60 27.43
CA ALA B 118 -0.40 -30.74 28.12
C ALA B 118 0.62 -30.19 29.09
N GLU B 119 1.11 -31.04 29.98
CA GLU B 119 2.11 -30.58 30.96
C GLU B 119 3.46 -30.20 30.34
N GLU B 120 3.77 -30.80 29.19
CA GLU B 120 5.03 -30.53 28.51
C GLU B 120 4.75 -30.38 27.03
N CYS B 121 5.62 -29.65 26.33
CA CYS B 121 5.48 -29.48 24.89
C CYS B 121 6.83 -29.25 24.22
N ILE B 122 7.06 -29.94 23.11
CA ILE B 122 8.25 -29.70 22.31
C ILE B 122 7.99 -28.60 21.29
N VAL B 123 8.86 -27.60 21.27
CA VAL B 123 8.75 -26.50 20.31
C VAL B 123 9.97 -26.41 19.42
N VAL B 124 9.80 -25.77 18.27
CA VAL B 124 10.95 -25.38 17.46
C VAL B 124 11.39 -24.02 18.01
N ALA B 125 12.61 -23.95 18.52
CA ALA B 125 13.06 -22.79 19.30
C ALA B 125 12.86 -21.44 18.61
N ASP B 126 13.32 -21.33 17.37
CA ASP B 126 13.28 -20.07 16.64
C ASP B 126 11.86 -19.64 16.31
N TYR B 127 10.89 -20.52 16.53
CA TYR B 127 9.48 -20.20 16.27
C TYR B 127 8.62 -20.10 17.55
N ALA B 128 9.21 -20.37 18.70
CA ALA B 128 8.53 -20.18 19.98
C ALA B 128 8.81 -18.77 20.50
N VAL B 129 7.91 -17.83 20.21
CA VAL B 129 8.16 -16.43 20.52
C VAL B 129 8.15 -16.26 22.04
N LYS B 130 9.10 -15.49 22.57
CA LYS B 130 9.20 -15.25 24.00
C LYS B 130 8.13 -14.33 24.57
N VAL B 131 7.80 -14.55 25.82
CA VAL B 131 6.85 -13.70 26.52
C VAL B 131 7.61 -12.57 27.21
N PRO B 132 7.15 -11.31 27.08
CA PRO B 132 7.86 -10.21 27.74
C PRO B 132 7.62 -10.24 29.25
N ASP B 133 8.60 -9.78 30.01
CA ASP B 133 8.57 -9.89 31.48
C ASP B 133 7.34 -9.29 32.16
N GLY B 134 6.87 -8.16 31.65
CA GLY B 134 5.72 -7.49 32.26
C GLY B 134 4.36 -8.12 32.04
N LEU B 135 4.31 -9.31 31.45
CA LEU B 135 3.04 -9.94 31.09
C LEU B 135 2.83 -11.30 31.79
N ASP B 136 1.80 -11.37 32.63
CA ASP B 136 1.51 -12.61 33.35
CA ASP B 136 1.46 -12.60 33.35
C ASP B 136 1.09 -13.73 32.38
N SER B 137 1.40 -14.96 32.75
CA SER B 137 1.24 -16.12 31.87
C SER B 137 -0.20 -16.39 31.41
N ALA B 138 -1.17 -16.20 32.27
CA ALA B 138 -2.55 -16.46 31.87
C ALA B 138 -3.02 -15.47 30.78
N ALA B 139 -2.73 -14.18 30.97
CA ALA B 139 -3.05 -13.18 29.95
C ALA B 139 -2.27 -13.47 28.65
N ALA B 140 -1.01 -13.84 28.80
CA ALA B 140 -0.19 -14.10 27.64
C ALA B 140 -0.75 -15.25 26.80
N SER B 141 -1.32 -16.26 27.46
CA SER B 141 -1.90 -17.38 26.73
C SER B 141 -2.98 -16.87 25.75
N SER B 142 -3.82 -15.96 26.21
CA SER B 142 -4.86 -15.42 25.33
C SER B 142 -4.27 -14.66 24.14
N ILE B 143 -3.18 -13.93 24.36
CA ILE B 143 -2.56 -13.17 23.25
C ILE B 143 -1.97 -14.12 22.22
N THR B 144 -1.59 -15.30 22.68
CA THR B 144 -0.91 -16.28 21.83
C THR B 144 -1.76 -16.79 20.65
N CYS B 145 -3.08 -16.67 20.73
CA CYS B 145 -3.92 -16.86 19.56
C CYS B 145 -5.00 -15.81 19.43
N ALA B 146 -5.91 -15.74 20.40
CA ALA B 146 -7.02 -14.77 20.38
C ALA B 146 -6.51 -13.35 20.12
N GLY B 147 -5.45 -12.97 20.83
CA GLY B 147 -4.92 -11.62 20.77
C GLY B 147 -4.15 -11.31 19.50
N VAL B 148 -3.15 -12.11 19.18
CA VAL B 148 -2.39 -11.86 17.96
C VAL B 148 -3.26 -11.90 16.71
N THR B 149 -4.22 -12.81 16.67
CA THR B 149 -5.06 -12.97 15.50
C THR B 149 -5.88 -11.72 15.25
N THR B 150 -6.45 -11.16 16.32
CA THR B 150 -7.34 -10.03 16.20
C THR B 150 -6.57 -8.71 16.06
N TYR B 151 -5.40 -8.63 16.70
CA TYR B 151 -4.48 -7.52 16.48
C TYR B 151 -4.19 -7.44 14.98
N LYS B 152 -3.79 -8.58 14.42
CA LYS B 152 -3.46 -8.66 13.00
C LYS B 152 -4.68 -8.41 12.12
N ALA B 153 -5.83 -8.97 12.49
CA ALA B 153 -7.04 -8.78 11.70
C ALA B 153 -7.42 -7.30 11.60
N VAL B 154 -7.29 -6.59 12.71
CA VAL B 154 -7.62 -5.16 12.73
C VAL B 154 -6.61 -4.38 11.90
N LYS B 155 -5.35 -4.77 12.00
CA LYS B 155 -4.30 -4.19 11.19
C LYS B 155 -4.62 -4.36 9.71
N LEU B 156 -4.97 -5.59 9.33
CA LEU B 156 -5.26 -5.93 7.94
C LEU B 156 -6.56 -5.29 7.42
N SER B 157 -7.44 -4.90 8.35
CA SER B 157 -8.73 -4.33 7.98
C SER B 157 -8.59 -2.95 7.35
N LYS B 158 -7.42 -2.35 7.53
CA LYS B 158 -7.13 -0.98 7.07
C LYS B 158 -7.92 0.11 7.78
N ILE B 159 -8.55 -0.23 8.91
CA ILE B 159 -9.27 0.76 9.70
C ILE B 159 -8.29 1.87 10.11
N ARG B 160 -8.75 3.12 10.06
CA ARG B 160 -7.91 4.24 10.46
C ARG B 160 -8.50 4.83 11.73
N PRO B 161 -7.71 5.58 12.50
CA PRO B 161 -8.24 6.19 13.73
C PRO B 161 -9.49 7.02 13.45
N GLY B 162 -10.45 6.97 14.37
CA GLY B 162 -11.71 7.69 14.27
C GLY B 162 -12.74 7.02 13.38
N GLN B 163 -12.36 5.97 12.67
CA GLN B 163 -13.29 5.25 11.79
C GLN B 163 -14.09 4.17 12.53
N TRP B 164 -15.21 3.76 11.93
CA TRP B 164 -16.09 2.73 12.49
C TRP B 164 -15.72 1.33 12.03
N ILE B 165 -15.56 0.43 13.00
CA ILE B 165 -15.31 -0.97 12.71
C ILE B 165 -16.37 -1.85 13.40
N ALA B 166 -16.93 -2.78 12.64
CA ALA B 166 -17.93 -3.69 13.20
C ALA B 166 -17.24 -4.99 13.57
N ILE B 167 -17.29 -5.36 14.85
CA ILE B 167 -16.75 -6.64 15.30
C ILE B 167 -17.88 -7.65 15.49
N TYR B 168 -17.91 -8.70 14.68
CA TYR B 168 -18.91 -9.76 14.82
C TYR B 168 -18.37 -10.97 15.61
N GLY B 169 -19.10 -11.38 16.65
CA GLY B 169 -18.66 -12.49 17.49
C GLY B 169 -17.76 -11.92 18.57
N LEU B 170 -18.27 -11.81 19.79
CA LEU B 170 -17.54 -11.16 20.87
C LEU B 170 -17.05 -12.15 21.92
N GLY B 171 -16.50 -13.27 21.45
CA GLY B 171 -16.02 -14.32 22.33
C GLY B 171 -14.55 -14.14 22.65
N GLY B 172 -13.80 -15.25 22.68
CA GLY B 172 -12.38 -15.17 23.04
C GLY B 172 -11.64 -14.20 22.14
N LEU B 173 -11.77 -14.41 20.83
CA LEU B 173 -11.19 -13.50 19.86
C LEU B 173 -11.87 -12.14 19.87
N GLY B 174 -13.19 -12.13 19.77
CA GLY B 174 -13.93 -10.89 19.58
C GLY B 174 -13.73 -9.86 20.67
N ASN B 175 -13.74 -10.30 21.92
CA ASN B 175 -13.52 -9.38 23.02
C ASN B 175 -12.15 -8.71 22.93
N LEU B 176 -11.13 -9.49 22.56
CA LEU B 176 -9.81 -8.90 22.36
C LEU B 176 -9.75 -8.02 21.09
N ALA B 177 -10.50 -8.40 20.06
CA ALA B 177 -10.60 -7.57 18.85
C ALA B 177 -11.16 -6.19 19.20
N LEU B 178 -12.18 -6.17 20.04
CA LEU B 178 -12.74 -4.91 20.52
C LEU B 178 -11.67 -4.07 21.22
N GLN B 179 -10.92 -4.70 22.11
CA GLN B 179 -9.90 -3.99 22.89
C GLN B 179 -8.78 -3.47 22.00
N TYR B 180 -8.27 -4.30 21.10
CA TYR B 180 -7.27 -3.80 20.14
C TYR B 180 -7.83 -2.64 19.28
N ALA B 181 -8.99 -2.84 18.66
CA ALA B 181 -9.61 -1.81 17.81
C ALA B 181 -9.75 -0.50 18.56
N LYS B 182 -10.29 -0.57 19.77
CA LYS B 182 -10.54 0.64 20.53
C LYS B 182 -9.30 1.23 21.18
N ASN B 183 -8.56 0.42 21.92
CA ASN B 183 -7.49 0.96 22.75
C ASN B 183 -6.17 1.13 22.01
N VAL B 184 -6.00 0.41 20.92
CA VAL B 184 -4.72 0.42 20.22
C VAL B 184 -4.84 1.14 18.88
N PHE B 185 -5.88 0.81 18.11
CA PHE B 185 -6.05 1.44 16.78
C PHE B 185 -6.97 2.67 16.79
N ASN B 186 -7.52 2.96 17.97
CA ASN B 186 -8.40 4.11 18.18
CA ASN B 186 -8.37 4.13 18.16
C ASN B 186 -9.57 4.20 17.22
N ALA B 187 -10.21 3.07 16.97
CA ALA B 187 -11.42 3.03 16.17
C ALA B 187 -12.65 3.18 17.06
N LYS B 188 -13.77 3.53 16.44
CA LYS B 188 -15.07 3.44 17.09
C LYS B 188 -15.61 2.06 16.73
N VAL B 189 -16.26 1.39 17.68
CA VAL B 189 -16.57 -0.02 17.53
C VAL B 189 -18.06 -0.33 17.67
N ILE B 190 -18.59 -1.08 16.72
CA ILE B 190 -19.88 -1.73 16.91
C ILE B 190 -19.62 -3.19 17.29
N ALA B 191 -20.14 -3.60 18.44
CA ALA B 191 -20.03 -4.99 18.89
C ALA B 191 -21.34 -5.71 18.54
N ILE B 192 -21.24 -6.84 17.87
CA ILE B 192 -22.41 -7.56 17.39
C ILE B 192 -22.29 -9.05 17.74
N ASP B 193 -23.33 -9.61 18.34
CA ASP B 193 -23.29 -11.01 18.76
C ASP B 193 -24.74 -11.47 18.94
N VAL B 194 -24.95 -12.76 19.14
CA VAL B 194 -26.30 -13.25 19.38
C VAL B 194 -26.50 -13.46 20.88
N ASN B 195 -25.45 -13.19 21.66
CA ASN B 195 -25.39 -13.52 23.09
C ASN B 195 -25.33 -12.22 23.87
N ASP B 196 -26.36 -11.92 24.65
CA ASP B 196 -26.41 -10.67 25.42
C ASP B 196 -25.33 -10.50 26.47
N GLU B 197 -24.85 -11.61 27.03
CA GLU B 197 -23.78 -11.53 28.02
C GLU B 197 -22.48 -11.08 27.37
N GLN B 198 -22.23 -11.53 26.14
CA GLN B 198 -21.07 -11.11 25.37
C GLN B 198 -21.16 -9.62 25.06
N LEU B 199 -22.37 -9.17 24.75
CA LEU B 199 -22.62 -7.75 24.46
C LEU B 199 -22.48 -6.89 25.71
N LYS B 200 -23.03 -7.36 26.83
CA LYS B 200 -22.86 -6.67 28.11
C LYS B 200 -21.36 -6.43 28.39
N LEU B 201 -20.54 -7.47 28.23
CA LEU B 201 -19.10 -7.32 28.45
C LEU B 201 -18.45 -6.35 27.48
N ALA B 202 -18.89 -6.39 26.21
CA ALA B 202 -18.35 -5.50 25.18
C ALA B 202 -18.60 -4.03 25.53
N THR B 203 -19.85 -3.72 25.85
CA THR B 203 -20.22 -2.36 26.28
C THR B 203 -19.41 -1.94 27.52
N GLU B 204 -19.27 -2.86 28.46
CA GLU B 204 -18.48 -2.60 29.66
C GLU B 204 -17.03 -2.23 29.32
N MET B 205 -16.52 -2.77 28.22
CA MET B 205 -15.16 -2.47 27.79
C MET B 205 -15.04 -1.38 26.73
N GLY B 206 -16.12 -0.64 26.51
CA GLY B 206 -16.03 0.55 25.70
C GLY B 206 -16.59 0.49 24.31
N ALA B 207 -17.27 -0.60 23.95
CA ALA B 207 -17.91 -0.66 22.65
C ALA B 207 -18.83 0.56 22.52
N ASP B 208 -18.71 1.29 21.42
CA ASP B 208 -19.54 2.48 21.20
C ASP B 208 -20.99 2.11 20.96
N LEU B 209 -21.19 1.00 20.25
CA LEU B 209 -22.54 0.49 19.99
C LEU B 209 -22.54 -1.02 20.17
N ALA B 210 -23.69 -1.56 20.58
CA ALA B 210 -23.82 -3.00 20.79
C ALA B 210 -25.14 -3.46 20.17
N ILE B 211 -25.11 -4.53 19.38
CA ILE B 211 -26.32 -4.99 18.73
C ILE B 211 -26.45 -6.49 18.86
N ASN B 212 -27.63 -6.95 19.25
CA ASN B 212 -27.92 -8.38 19.22
C ASN B 212 -28.50 -8.70 17.84
N SER B 213 -27.72 -9.41 17.03
CA SER B 213 -28.10 -9.71 15.66
C SER B 213 -29.11 -10.84 15.55
N HIS B 214 -29.45 -11.46 16.67
CA HIS B 214 -30.48 -12.49 16.64
C HIS B 214 -31.86 -11.86 16.72
N THR B 215 -31.98 -10.77 17.47
CA THR B 215 -33.24 -10.09 17.63
C THR B 215 -33.34 -8.83 16.78
N GLU B 216 -32.19 -8.34 16.30
CA GLU B 216 -32.20 -7.12 15.49
C GLU B 216 -31.58 -7.31 14.11
N ASP B 217 -31.82 -6.36 13.22
CA ASP B 217 -31.20 -6.37 11.90
C ASP B 217 -29.89 -5.59 11.97
N ALA B 218 -28.79 -6.30 12.27
CA ALA B 218 -27.53 -5.63 12.58
C ALA B 218 -27.04 -4.69 11.49
N ALA B 219 -27.04 -5.15 10.24
CA ALA B 219 -26.53 -4.32 9.14
C ALA B 219 -27.34 -3.04 9.01
N LYS B 220 -28.65 -3.16 9.11
CA LYS B 220 -29.53 -2.00 8.97
C LYS B 220 -29.21 -0.97 10.04
N ILE B 221 -29.09 -1.43 11.28
CA ILE B 221 -28.75 -0.54 12.39
C ILE B 221 -27.38 0.11 12.22
N VAL B 222 -26.38 -0.68 11.82
CA VAL B 222 -25.06 -0.09 11.58
C VAL B 222 -25.12 1.02 10.53
N GLN B 223 -25.83 0.74 9.44
CA GLN B 223 -26.02 1.72 8.37
C GLN B 223 -26.72 2.98 8.91
N GLU B 224 -27.81 2.78 9.64
CA GLU B 224 -28.56 3.91 10.20
C GLU B 224 -27.74 4.78 11.16
N LYS B 225 -26.92 4.17 11.99
CA LYS B 225 -26.28 4.88 13.10
C LYS B 225 -24.88 5.44 12.78
N THR B 226 -24.22 4.89 11.78
CA THR B 226 -22.82 5.20 11.55
C THR B 226 -22.55 5.62 10.11
N GLY B 227 -23.51 5.38 9.22
CA GLY B 227 -23.30 5.60 7.79
C GLY B 227 -22.65 4.42 7.09
N GLY B 228 -22.56 3.30 7.81
CA GLY B 228 -21.89 2.12 7.30
C GLY B 228 -20.50 2.07 7.90
N ALA B 229 -20.11 0.91 8.40
CA ALA B 229 -18.78 0.75 8.99
C ALA B 229 -17.68 0.83 7.92
N HIS B 230 -16.53 1.42 8.26
CA HIS B 230 -15.42 1.49 7.34
C HIS B 230 -14.79 0.12 7.18
N ALA B 231 -14.91 -0.69 8.21
CA ALA B 231 -14.41 -2.06 8.15
C ALA B 231 -15.15 -2.99 9.08
N ALA B 232 -14.91 -4.29 8.92
CA ALA B 232 -15.50 -5.26 9.83
C ALA B 232 -14.51 -6.40 10.09
N VAL B 233 -14.57 -6.98 11.28
CA VAL B 233 -13.81 -8.17 11.58
C VAL B 233 -14.78 -9.22 12.10
N VAL B 234 -14.81 -10.35 11.41
CA VAL B 234 -15.78 -11.37 11.73
C VAL B 234 -15.11 -12.55 12.41
N THR B 235 -15.27 -12.63 13.73
CA THR B 235 -14.74 -13.75 14.49
C THR B 235 -15.84 -14.71 14.94
N ALA B 236 -17.03 -14.61 14.36
CA ALA B 236 -18.15 -15.46 14.79
C ALA B 236 -18.06 -16.87 14.21
N VAL B 237 -18.78 -17.82 14.82
CA VAL B 237 -18.72 -19.22 14.43
C VAL B 237 -19.98 -19.65 13.65
N ALA B 238 -20.51 -18.73 12.87
CA ALA B 238 -21.71 -19.00 12.08
C ALA B 238 -21.74 -18.09 10.86
N LYS B 239 -22.13 -18.66 9.72
CA LYS B 239 -22.10 -17.93 8.44
C LYS B 239 -22.93 -16.64 8.42
N ALA B 240 -24.01 -16.58 9.21
CA ALA B 240 -24.87 -15.39 9.22
C ALA B 240 -24.11 -14.11 9.52
N ALA B 241 -23.09 -14.19 10.39
CA ALA B 241 -22.29 -13.01 10.75
C ALA B 241 -21.50 -12.49 9.55
N PHE B 242 -20.97 -13.41 8.77
CA PHE B 242 -20.20 -13.06 7.58
C PHE B 242 -21.13 -12.40 6.56
N ASN B 243 -22.32 -12.96 6.41
CA ASN B 243 -23.29 -12.43 5.48
C ASN B 243 -23.76 -11.03 5.90
N SER B 244 -23.93 -10.83 7.20
CA SER B 244 -24.36 -9.54 7.72
C SER B 244 -23.26 -8.47 7.56
N ALA B 245 -22.02 -8.89 7.79
CA ALA B 245 -20.89 -7.98 7.70
C ALA B 245 -20.79 -7.32 6.34
N VAL B 246 -21.03 -8.10 5.29
CA VAL B 246 -21.02 -7.60 3.92
C VAL B 246 -21.97 -6.42 3.73
N ASP B 247 -23.08 -6.45 4.44
CA ASP B 247 -24.10 -5.40 4.30
C ASP B 247 -23.91 -4.27 5.30
N ALA B 248 -23.06 -4.48 6.30
CA ALA B 248 -22.87 -3.47 7.33
C ALA B 248 -21.80 -2.40 6.99
N VAL B 249 -20.91 -2.71 6.04
CA VAL B 249 -19.85 -1.75 5.68
C VAL B 249 -20.33 -0.71 4.65
N ARG B 250 -19.70 0.46 4.64
CA ARG B 250 -19.99 1.49 3.64
C ARG B 250 -19.25 1.10 2.37
N ALA B 251 -19.50 1.83 1.27
CA ALA B 251 -18.78 1.56 0.03
C ALA B 251 -17.26 1.64 0.23
N GLY B 252 -16.53 0.74 -0.42
CA GLY B 252 -15.08 0.66 -0.26
C GLY B 252 -14.62 -0.01 1.02
N GLY B 253 -15.56 -0.38 1.89
CA GLY B 253 -15.22 -0.98 3.17
C GLY B 253 -14.64 -2.38 3.04
N ARG B 254 -13.85 -2.78 4.02
CA ARG B 254 -13.20 -4.09 4.00
C ARG B 254 -13.71 -5.00 5.10
N VAL B 255 -14.20 -6.18 4.73
CA VAL B 255 -14.59 -7.20 5.70
C VAL B 255 -13.43 -8.18 5.87
N VAL B 256 -12.92 -8.31 7.10
CA VAL B 256 -11.88 -9.31 7.40
C VAL B 256 -12.49 -10.55 8.02
N ALA B 257 -12.39 -11.67 7.30
CA ALA B 257 -12.91 -12.95 7.78
C ALA B 257 -11.87 -13.63 8.67
N VAL B 258 -12.28 -14.00 9.88
CA VAL B 258 -11.37 -14.65 10.81
C VAL B 258 -11.96 -15.98 11.31
N GLY B 259 -13.25 -15.98 11.58
CA GLY B 259 -13.95 -17.17 12.05
C GLY B 259 -13.87 -18.34 11.08
N LEU B 260 -13.98 -19.56 11.62
CA LEU B 260 -13.81 -20.76 10.82
C LEU B 260 -14.98 -21.76 10.84
N PRO B 261 -16.25 -21.28 10.77
CA PRO B 261 -17.31 -22.28 10.71
C PRO B 261 -17.20 -23.05 9.39
N PRO B 262 -17.54 -24.36 9.41
CA PRO B 262 -17.45 -25.17 8.19
C PRO B 262 -18.64 -24.88 7.27
N GLU B 263 -18.70 -23.65 6.76
CA GLU B 263 -19.84 -23.18 6.01
C GLU B 263 -19.38 -22.22 4.91
N SER B 264 -20.30 -21.81 4.04
CA SER B 264 -19.99 -20.81 3.02
C SER B 264 -20.74 -19.52 3.30
N MET B 265 -20.08 -18.39 3.07
CA MET B 265 -20.79 -17.11 3.08
C MET B 265 -21.31 -16.79 1.67
N SER B 266 -22.32 -15.92 1.61
CA SER B 266 -22.92 -15.52 0.35
C SER B 266 -22.62 -14.05 0.10
N LEU B 267 -22.18 -13.73 -1.10
CA LEU B 267 -21.73 -12.39 -1.40
C LEU B 267 -22.42 -11.93 -2.69
N ASP B 268 -23.40 -11.04 -2.54
CA ASP B 268 -24.13 -10.51 -3.70
C ASP B 268 -23.15 -9.80 -4.62
N ILE B 269 -23.12 -10.23 -5.88
CA ILE B 269 -22.11 -9.71 -6.79
C ILE B 269 -22.29 -8.22 -7.16
N PRO B 270 -23.53 -7.79 -7.50
CA PRO B 270 -23.66 -6.35 -7.74
C PRO B 270 -23.30 -5.50 -6.52
N ARG B 271 -23.67 -5.94 -5.32
CA ARG B 271 -23.22 -5.25 -4.11
C ARG B 271 -21.67 -5.19 -4.03
N LEU B 272 -21.04 -6.34 -4.21
CA LEU B 272 -19.56 -6.40 -4.17
C LEU B 272 -18.90 -5.41 -5.15
N VAL B 273 -19.41 -5.41 -6.39
CA VAL B 273 -18.83 -4.63 -7.45
C VAL B 273 -19.20 -3.14 -7.40
N LEU B 274 -20.51 -2.87 -7.43
CA LEU B 274 -20.99 -1.49 -7.52
C LEU B 274 -20.69 -0.67 -6.27
N ASP B 275 -20.46 -1.35 -5.14
CA ASP B 275 -20.07 -0.65 -3.92
C ASP B 275 -18.58 -0.84 -3.53
N GLY B 276 -17.81 -1.47 -4.41
CA GLY B 276 -16.39 -1.69 -4.18
C GLY B 276 -16.02 -2.32 -2.85
N ILE B 277 -16.76 -3.35 -2.45
CA ILE B 277 -16.55 -4.03 -1.18
C ILE B 277 -15.28 -4.89 -1.28
N GLU B 278 -14.61 -5.13 -0.16
CA GLU B 278 -13.50 -6.07 -0.10
C GLU B 278 -13.74 -7.10 1.00
N VAL B 279 -13.46 -8.36 0.67
CA VAL B 279 -13.53 -9.45 1.66
C VAL B 279 -12.20 -10.19 1.66
N VAL B 280 -11.56 -10.26 2.83
CA VAL B 280 -10.24 -10.88 2.92
C VAL B 280 -10.10 -11.80 4.14
N GLY B 281 -9.47 -12.95 3.95
CA GLY B 281 -9.19 -13.82 5.09
C GLY B 281 -7.92 -13.38 5.81
N SER B 282 -7.90 -13.51 7.14
CA SER B 282 -6.69 -13.26 7.93
C SER B 282 -6.37 -14.50 8.76
N LEU B 283 -5.08 -14.81 8.89
CA LEU B 283 -4.66 -16.06 9.53
C LEU B 283 -3.60 -15.80 10.59
N VAL B 284 -4.00 -15.92 11.85
CA VAL B 284 -3.18 -15.62 13.01
C VAL B 284 -2.26 -14.42 12.77
N GLY B 285 -0.97 -14.56 13.04
CA GLY B 285 -0.07 -13.46 12.78
C GLY B 285 1.35 -13.96 12.70
N THR B 286 2.24 -13.17 12.10
CA THR B 286 3.66 -13.51 12.03
C THR B 286 4.27 -13.44 13.41
N ARG B 287 5.49 -13.96 13.56
CA ARG B 287 6.18 -13.83 14.83
C ARG B 287 6.31 -12.37 15.29
N GLN B 288 6.51 -11.46 14.35
CA GLN B 288 6.58 -10.04 14.70
C GLN B 288 5.20 -9.53 15.18
N ASP B 289 4.13 -9.99 14.53
CA ASP B 289 2.79 -9.63 14.98
C ASP B 289 2.58 -10.04 16.43
N LEU B 290 3.02 -11.25 16.78
CA LEU B 290 2.81 -11.77 18.12
C LEU B 290 3.63 -10.98 19.14
N THR B 291 4.89 -10.72 18.80
CA THR B 291 5.76 -9.88 19.62
C THR B 291 5.09 -8.54 19.92
N GLU B 292 4.59 -7.89 18.89
CA GLU B 292 3.90 -6.62 19.09
C GLU B 292 2.62 -6.75 19.89
N ALA B 293 1.84 -7.81 19.62
CA ALA B 293 0.59 -8.01 20.34
C ALA B 293 0.84 -8.24 21.84
N PHE B 294 1.88 -9.02 22.17
CA PHE B 294 2.26 -9.29 23.57
C PHE B 294 2.61 -7.99 24.29
N GLN B 295 3.33 -7.11 23.60
CA GLN B 295 3.82 -5.89 24.22
C GLN B 295 2.67 -4.96 24.62
N PHE B 296 1.64 -4.89 23.77
CA PHE B 296 0.44 -4.14 24.15
C PHE B 296 -0.20 -4.68 25.44
N ALA B 297 -0.29 -6.01 25.56
CA ALA B 297 -0.85 -6.61 26.75
C ALA B 297 0.04 -6.37 27.96
N ALA B 298 1.37 -6.45 27.76
CA ALA B 298 2.34 -6.17 28.81
C ALA B 298 2.19 -4.75 29.36
N GLU B 299 1.85 -3.81 28.48
CA GLU B 299 1.65 -2.43 28.88
C GLU B 299 0.19 -2.14 29.28
N GLY B 300 -0.63 -3.18 29.32
CA GLY B 300 -1.98 -3.05 29.84
C GLY B 300 -2.98 -2.41 28.89
N LYS B 301 -2.59 -2.26 27.63
CA LYS B 301 -3.46 -1.62 26.65
C LYS B 301 -4.63 -2.51 26.28
N VAL B 302 -4.41 -3.83 26.40
CA VAL B 302 -5.50 -4.79 26.34
C VAL B 302 -5.41 -5.67 27.59
N VAL B 303 -6.57 -6.14 28.07
CA VAL B 303 -6.66 -6.93 29.29
C VAL B 303 -7.52 -8.15 29.00
N PRO B 304 -6.87 -9.29 28.76
CA PRO B 304 -7.60 -10.54 28.49
C PRO B 304 -8.49 -10.96 29.65
N LYS B 305 -9.74 -11.28 29.32
CA LYS B 305 -10.67 -11.85 30.28
C LYS B 305 -10.39 -13.35 30.32
N VAL B 306 -9.93 -13.84 31.46
CA VAL B 306 -9.47 -15.22 31.59
C VAL B 306 -9.98 -15.84 32.88
N ALA B 307 -10.21 -17.14 32.83
CA ALA B 307 -10.60 -17.91 34.00
C ALA B 307 -9.79 -19.20 33.96
N LEU B 308 -9.28 -19.62 35.11
CA LEU B 308 -8.37 -20.75 35.16
C LEU B 308 -9.15 -22.04 35.47
N ARG B 309 -8.79 -23.12 34.78
CA ARG B 309 -9.45 -24.42 34.93
C ARG B 309 -8.39 -25.51 34.95
N PRO B 310 -8.67 -26.64 35.64
CA PRO B 310 -7.73 -27.77 35.56
C PRO B 310 -7.92 -28.50 34.25
N LEU B 311 -6.89 -29.21 33.81
CA LEU B 311 -6.95 -29.96 32.55
C LEU B 311 -8.13 -30.92 32.49
N ALA B 312 -8.53 -31.43 33.66
CA ALA B 312 -9.60 -32.43 33.72
C ALA B 312 -10.94 -31.87 33.26
N ASP B 313 -11.07 -30.55 33.30
CA ASP B 313 -12.30 -29.87 32.93
C ASP B 313 -12.49 -29.67 31.42
N ILE B 314 -11.57 -30.18 30.60
CA ILE B 314 -11.53 -29.77 29.18
C ILE B 314 -12.82 -30.09 28.41
N ASN B 315 -13.38 -31.27 28.64
CA ASN B 315 -14.61 -31.63 27.96
C ASN B 315 -15.77 -30.75 28.39
N THR B 316 -15.80 -30.38 29.68
CA THR B 316 -16.85 -29.51 30.20
C THR B 316 -16.73 -28.12 29.60
N ILE B 317 -15.50 -27.64 29.52
CA ILE B 317 -15.19 -26.35 28.88
C ILE B 317 -15.70 -26.30 27.44
N PHE B 318 -15.47 -27.35 26.67
CA PHE B 318 -15.96 -27.38 25.28
C PHE B 318 -17.49 -27.32 25.24
N THR B 319 -18.16 -27.93 26.21
CA THR B 319 -19.61 -27.83 26.30
C THR B 319 -20.02 -26.39 26.59
N GLU B 320 -19.34 -25.77 27.55
CA GLU B 320 -19.58 -24.36 27.86
C GLU B 320 -19.36 -23.47 26.65
N MET B 321 -18.29 -23.75 25.91
CA MET B 321 -18.00 -23.03 24.66
C MET B 321 -19.15 -23.18 23.67
N GLU B 322 -19.52 -24.41 23.37
CA GLU B 322 -20.66 -24.70 22.50
C GLU B 322 -21.90 -23.92 22.92
N GLU B 323 -22.14 -23.82 24.22
CA GLU B 323 -23.36 -23.22 24.74
C GLU B 323 -23.26 -21.70 24.95
N GLY B 324 -22.08 -21.13 24.70
CA GLY B 324 -21.93 -19.68 24.76
C GLY B 324 -21.86 -19.16 26.19
N LYS B 325 -21.26 -19.95 27.08
CA LYS B 325 -21.23 -19.59 28.49
C LYS B 325 -19.88 -19.07 28.95
N ILE B 326 -18.98 -18.82 28.00
CA ILE B 326 -17.64 -18.34 28.37
C ILE B 326 -17.49 -16.84 28.11
N ARG B 327 -17.10 -16.08 29.14
CA ARG B 327 -16.65 -14.70 28.95
C ARG B 327 -15.15 -14.69 28.70
N GLY B 328 -14.74 -14.29 27.50
CA GLY B 328 -13.33 -14.31 27.15
C GLY B 328 -12.80 -15.72 26.94
N ARG B 329 -11.81 -16.10 27.72
CA ARG B 329 -11.12 -17.38 27.57
C ARG B 329 -11.19 -18.26 28.82
N MET B 330 -11.32 -19.57 28.63
CA MET B 330 -10.94 -20.53 29.66
C MET B 330 -9.48 -20.92 29.42
N VAL B 331 -8.71 -20.95 30.51
CA VAL B 331 -7.30 -21.22 30.46
C VAL B 331 -6.91 -22.44 31.32
N ILE B 332 -6.42 -23.49 30.68
CA ILE B 332 -5.94 -24.65 31.45
C ILE B 332 -4.72 -24.26 32.28
N ASP B 333 -4.77 -24.50 33.58
CA ASP B 333 -3.66 -24.12 34.43
C ASP B 333 -2.91 -25.36 34.84
N PHE B 334 -1.63 -25.43 34.50
CA PHE B 334 -0.79 -26.55 34.88
C PHE B 334 0.08 -26.23 36.08
N ARG B 335 0.05 -24.97 36.54
CA ARG B 335 0.90 -24.57 37.64
C ARG B 335 0.48 -25.27 38.94
N HIS B 336 1.45 -25.88 39.62
CA HIS B 336 1.15 -26.76 40.75
C HIS B 336 0.91 -25.96 42.02
N MET C 1 -33.19 14.44 -32.96
CA MET C 1 -32.18 13.42 -33.26
C MET C 1 -32.64 12.06 -32.75
N LYS C 2 -31.95 11.00 -33.15
CA LYS C 2 -32.38 9.65 -32.81
C LYS C 2 -31.66 9.10 -31.59
N ALA C 3 -32.40 8.37 -30.76
CA ALA C 3 -31.89 7.89 -29.48
C ALA C 3 -32.37 6.48 -29.17
N ALA C 4 -31.52 5.69 -28.54
CA ALA C 4 -31.90 4.35 -28.07
C ALA C 4 -32.49 4.46 -26.67
N VAL C 5 -33.81 4.30 -26.57
CA VAL C 5 -34.53 4.50 -25.32
C VAL C 5 -35.07 3.17 -24.78
N VAL C 6 -34.85 2.95 -23.48
CA VAL C 6 -35.35 1.77 -22.78
C VAL C 6 -36.89 1.77 -22.74
N THR C 7 -37.49 0.63 -23.05
CA THR C 7 -38.94 0.52 -22.96
C THR C 7 -39.37 -0.21 -21.69
N LYS C 8 -40.64 -0.05 -21.35
CA LYS C 8 -41.23 -0.68 -20.18
C LYS C 8 -41.10 -2.19 -20.23
N ASP C 9 -41.18 -2.76 -21.42
CA ASP C 9 -41.06 -4.22 -21.55
C ASP C 9 -39.63 -4.70 -21.86
N HIS C 10 -38.64 -3.90 -21.46
CA HIS C 10 -37.24 -4.32 -21.51
C HIS C 10 -36.73 -4.55 -22.93
N HIS C 11 -37.17 -3.70 -23.85
CA HIS C 11 -36.55 -3.60 -25.17
C HIS C 11 -36.05 -2.17 -25.37
N VAL C 12 -35.66 -1.85 -26.61
CA VAL C 12 -35.23 -0.50 -26.94
C VAL C 12 -36.08 0.03 -28.07
N ASP C 13 -36.56 1.25 -27.93
CA ASP C 13 -37.26 1.96 -29.01
C ASP C 13 -36.32 3.04 -29.55
N VAL C 14 -36.00 2.99 -30.84
CA VAL C 14 -35.29 4.09 -31.46
C VAL C 14 -36.28 5.24 -31.57
N THR C 15 -35.98 6.34 -30.88
CA THR C 15 -36.95 7.41 -30.66
C THR C 15 -36.34 8.76 -31.08
N TYR C 16 -37.19 9.66 -31.58
CA TYR C 16 -36.75 11.04 -31.80
C TYR C 16 -36.85 11.83 -30.51
N LYS C 17 -35.78 12.54 -30.19
CA LYS C 17 -35.75 13.39 -29.00
C LYS C 17 -35.17 14.73 -29.41
N THR C 18 -35.57 15.78 -28.72
CA THR C 18 -34.89 17.07 -28.86
C THR C 18 -34.29 17.39 -27.51
N LEU C 19 -32.96 17.47 -27.45
CA LEU C 19 -32.28 17.73 -26.20
C LEU C 19 -32.54 19.14 -25.70
N ARG C 20 -32.56 19.29 -24.36
CA ARG C 20 -32.69 20.60 -23.74
C ARG C 20 -31.43 21.45 -23.99
N SER C 21 -31.51 22.73 -23.65
CA SER C 21 -30.38 23.63 -23.76
C SER C 21 -29.31 23.29 -22.71
N LEU C 22 -28.07 23.66 -23.01
CA LEU C 22 -26.96 23.41 -22.10
C LEU C 22 -27.04 24.31 -20.87
N LYS C 23 -26.70 23.74 -19.71
CA LYS C 23 -26.53 24.53 -18.50
C LYS C 23 -25.06 24.89 -18.33
N HIS C 24 -24.76 25.68 -17.30
CA HIS C 24 -23.39 26.01 -16.97
C HIS C 24 -22.60 24.72 -16.76
N GLY C 25 -21.40 24.67 -17.31
CA GLY C 25 -20.52 23.52 -17.13
C GLY C 25 -20.79 22.35 -18.07
N GLU C 26 -21.80 22.47 -18.93
CA GLU C 26 -22.14 21.38 -19.83
C GLU C 26 -21.63 21.58 -21.26
N ALA C 27 -21.64 20.51 -22.04
CA ALA C 27 -21.26 20.58 -23.45
C ALA C 27 -22.13 19.65 -24.29
N LEU C 28 -22.32 20.01 -25.56
CA LEU C 28 -23.11 19.18 -26.47
C LEU C 28 -22.18 18.41 -27.37
N LEU C 29 -22.29 17.08 -27.35
CA LEU C 29 -21.53 16.23 -28.24
C LEU C 29 -22.38 15.77 -29.42
N LYS C 30 -21.85 15.93 -30.63
CA LYS C 30 -22.40 15.21 -31.77
C LYS C 30 -21.69 13.85 -31.82
N MET C 31 -22.44 12.78 -31.63
CA MET C 31 -21.84 11.46 -31.43
C MET C 31 -21.33 10.85 -32.73
N GLU C 32 -20.17 10.22 -32.64
CA GLU C 32 -19.61 9.50 -33.77
C GLU C 32 -19.95 8.04 -33.61
N CYS C 33 -19.75 7.51 -32.41
CA CYS C 33 -20.17 6.14 -32.14
C CYS C 33 -20.38 5.83 -30.67
N CYS C 34 -21.01 4.69 -30.40
CA CYS C 34 -21.25 4.29 -29.03
C CYS C 34 -21.23 2.78 -28.91
N GLY C 35 -20.27 2.26 -28.15
CA GLY C 35 -20.22 0.83 -27.92
C GLY C 35 -21.43 0.30 -27.16
N VAL C 36 -21.77 -0.97 -27.38
CA VAL C 36 -22.81 -1.60 -26.58
C VAL C 36 -22.19 -2.45 -25.47
N CYS C 37 -22.43 -2.05 -24.22
CA CYS C 37 -21.92 -2.79 -23.06
C CYS C 37 -22.98 -3.73 -22.51
N HIS C 38 -22.54 -4.81 -21.86
CA HIS C 38 -23.47 -5.75 -21.28
C HIS C 38 -24.21 -5.07 -20.11
N THR C 39 -23.60 -4.04 -19.53
CA THR C 39 -24.29 -3.21 -18.54
C THR C 39 -25.57 -2.57 -19.12
N ASP C 40 -25.53 -2.13 -20.38
CA ASP C 40 -26.74 -1.64 -21.05
C ASP C 40 -27.85 -2.70 -21.03
N LEU C 41 -27.46 -3.96 -21.22
CA LEU C 41 -28.40 -5.07 -21.18
C LEU C 41 -29.02 -5.25 -19.77
N HIS C 42 -28.20 -5.27 -18.74
CA HIS C 42 -28.69 -5.31 -17.37
C HIS C 42 -29.66 -4.15 -17.11
N VAL C 43 -29.27 -2.96 -17.54
CA VAL C 43 -30.07 -1.76 -17.29
C VAL C 43 -31.45 -1.89 -17.93
N LYS C 44 -31.48 -2.24 -19.21
CA LYS C 44 -32.75 -2.32 -19.92
C LYS C 44 -33.63 -3.47 -19.41
N ASN C 45 -33.03 -4.53 -18.88
CA ASN C 45 -33.80 -5.65 -18.35
C ASN C 45 -34.33 -5.35 -16.97
N GLY C 46 -33.93 -4.21 -16.40
CA GLY C 46 -34.42 -3.82 -15.09
C GLY C 46 -33.67 -4.39 -13.91
N ASP C 47 -32.47 -4.95 -14.15
CA ASP C 47 -31.67 -5.48 -13.04
C ASP C 47 -31.33 -4.45 -11.98
N PHE C 48 -31.22 -3.19 -12.37
CA PHE C 48 -30.88 -2.11 -11.44
C PHE C 48 -32.05 -1.14 -11.21
N GLY C 49 -33.28 -1.65 -11.28
CA GLY C 49 -34.44 -0.81 -11.10
C GLY C 49 -35.00 -0.41 -12.45
N ASP C 50 -36.24 0.07 -12.49
CA ASP C 50 -36.81 0.42 -13.77
C ASP C 50 -36.29 1.76 -14.29
N LYS C 51 -35.75 1.75 -15.50
CA LYS C 51 -35.24 2.98 -16.09
C LYS C 51 -35.88 3.23 -17.44
N THR C 52 -37.14 2.80 -17.58
CA THR C 52 -37.94 3.13 -18.75
C THR C 52 -37.75 4.59 -19.10
N GLY C 53 -37.45 4.87 -20.36
CA GLY C 53 -37.31 6.25 -20.80
C GLY C 53 -35.88 6.72 -20.94
N VAL C 54 -34.93 6.03 -20.29
CA VAL C 54 -33.55 6.50 -20.34
C VAL C 54 -32.88 6.20 -21.70
N ILE C 55 -32.04 7.11 -22.14
CA ILE C 55 -31.18 6.87 -23.30
C ILE C 55 -29.98 6.05 -22.83
N LEU C 56 -29.77 4.90 -23.46
CA LEU C 56 -28.69 3.98 -23.10
C LEU C 56 -27.32 4.51 -23.53
N GLY C 57 -26.28 3.77 -23.16
CA GLY C 57 -24.96 3.98 -23.72
C GLY C 57 -23.98 4.74 -22.85
N HIS C 58 -22.82 4.13 -22.64
CA HIS C 58 -21.76 4.83 -21.92
C HIS C 58 -20.41 4.35 -22.43
N GLU C 59 -20.35 4.06 -23.74
CA GLU C 59 -19.08 3.92 -24.44
C GLU C 59 -19.17 4.89 -25.60
N GLY C 60 -19.48 6.15 -25.29
CA GLY C 60 -19.72 7.14 -26.33
C GLY C 60 -18.50 7.97 -26.68
N ILE C 61 -18.28 8.16 -27.98
CA ILE C 61 -17.26 9.06 -28.47
C ILE C 61 -17.95 10.10 -29.36
N GLY C 62 -17.80 11.38 -29.03
CA GLY C 62 -18.44 12.44 -29.80
C GLY C 62 -17.53 13.62 -30.05
N VAL C 63 -17.98 14.54 -30.89
CA VAL C 63 -17.24 15.77 -31.15
C VAL C 63 -18.01 16.92 -30.54
N VAL C 64 -17.32 17.75 -29.76
CA VAL C 64 -17.94 18.89 -29.13
C VAL C 64 -18.54 19.85 -30.18
N ALA C 65 -19.87 20.01 -30.14
CA ALA C 65 -20.54 20.91 -31.06
C ALA C 65 -20.70 22.29 -30.45
N GLU C 66 -20.91 22.31 -29.14
CA GLU C 66 -21.22 23.54 -28.43
C GLU C 66 -20.85 23.38 -26.96
N VAL C 67 -20.40 24.47 -26.34
CA VAL C 67 -20.12 24.46 -24.91
C VAL C 67 -20.99 25.47 -24.20
N GLY C 68 -21.37 25.15 -22.97
CA GLY C 68 -22.22 26.04 -22.19
C GLY C 68 -21.40 27.08 -21.45
N PRO C 69 -22.08 27.91 -20.64
CA PRO C 69 -21.41 28.95 -19.85
C PRO C 69 -20.33 28.36 -18.95
N GLY C 70 -19.22 29.07 -18.82
CA GLY C 70 -18.17 28.69 -17.88
C GLY C 70 -17.26 27.55 -18.29
N VAL C 71 -17.46 26.99 -19.47
CA VAL C 71 -16.69 25.80 -19.88
C VAL C 71 -15.34 26.13 -20.52
N THR C 72 -14.27 25.64 -19.90
CA THR C 72 -12.92 25.81 -20.44
C THR C 72 -12.21 24.49 -20.73
N SER C 73 -12.72 23.40 -20.16
CA SER C 73 -12.05 22.10 -20.27
C SER C 73 -12.22 21.49 -21.65
N LEU C 74 -13.30 21.88 -22.33
CA LEU C 74 -13.56 21.42 -23.70
C LEU C 74 -13.81 22.63 -24.60
N LYS C 75 -13.55 22.47 -25.90
CA LYS C 75 -13.86 23.50 -26.88
C LYS C 75 -14.43 22.80 -28.10
N PRO C 76 -15.21 23.53 -28.92
CA PRO C 76 -15.80 22.92 -30.13
C PRO C 76 -14.72 22.29 -31.00
N GLY C 77 -14.97 21.09 -31.51
CA GLY C 77 -13.97 20.38 -32.27
C GLY C 77 -13.26 19.27 -31.51
N ASP C 78 -13.26 19.33 -30.18
CA ASP C 78 -12.62 18.29 -29.37
C ASP C 78 -13.38 16.97 -29.48
N ARG C 79 -12.66 15.86 -29.53
CA ARG C 79 -13.28 14.55 -29.36
C ARG C 79 -13.26 14.19 -27.89
N ALA C 80 -14.42 13.93 -27.31
CA ALA C 80 -14.54 13.60 -25.89
C ALA C 80 -15.42 12.36 -25.71
N SER C 81 -15.46 11.84 -24.48
CA SER C 81 -16.08 10.54 -24.23
C SER C 81 -17.27 10.60 -23.27
N VAL C 82 -18.15 9.60 -23.39
CA VAL C 82 -19.30 9.45 -22.51
C VAL C 82 -19.20 8.08 -21.85
N ALA C 83 -18.72 8.07 -20.61
CA ALA C 83 -18.42 6.84 -19.89
C ALA C 83 -19.44 6.61 -18.78
N TRP C 84 -19.39 5.42 -18.19
CA TRP C 84 -20.25 5.09 -17.05
C TRP C 84 -20.11 6.14 -15.95
N PHE C 85 -18.87 6.50 -15.63
CA PHE C 85 -18.60 7.55 -14.65
C PHE C 85 -18.84 8.89 -15.34
N TYR C 86 -20.07 9.37 -15.28
CA TYR C 86 -20.44 10.57 -16.03
C TYR C 86 -20.23 11.84 -15.21
N GLU C 87 -20.46 11.77 -13.90
CA GLU C 87 -20.15 12.90 -13.04
C GLU C 87 -20.09 12.44 -11.59
N GLY C 88 -19.03 12.83 -10.90
CA GLY C 88 -18.92 12.62 -9.47
C GLY C 88 -19.12 13.94 -8.76
N CYS C 89 -19.28 13.89 -7.45
CA CYS C 89 -19.53 15.12 -6.70
C CYS C 89 -18.27 15.97 -6.56
N GLY C 90 -17.09 15.35 -6.63
CA GLY C 90 -15.84 16.10 -6.57
C GLY C 90 -15.38 16.52 -5.18
N HIS C 91 -16.19 16.24 -4.17
CA HIS C 91 -15.86 16.68 -2.81
C HIS C 91 -16.52 15.74 -1.78
N CYS C 92 -15.89 14.58 -1.58
CA CYS C 92 -16.34 13.63 -0.58
C CYS C 92 -15.22 12.64 -0.31
N GLU C 93 -15.48 11.70 0.58
CA GLU C 93 -14.46 10.77 1.04
C GLU C 93 -13.94 9.90 -0.09
N TYR C 94 -14.76 9.71 -1.12
CA TYR C 94 -14.37 8.91 -2.26
C TYR C 94 -13.71 9.75 -3.34
N CYS C 95 -14.31 10.88 -3.66
CA CYS C 95 -13.79 11.74 -4.74
C CYS C 95 -12.40 12.33 -4.43
N ASN C 96 -12.13 12.61 -3.15
CA ASN C 96 -10.87 13.24 -2.79
C ASN C 96 -9.77 12.27 -2.41
N SER C 97 -10.08 10.97 -2.35
CA SER C 97 -9.11 9.96 -1.93
C SER C 97 -8.60 9.11 -3.10
N GLY C 98 -8.93 9.49 -4.33
CA GLY C 98 -8.55 8.68 -5.47
C GLY C 98 -9.54 7.56 -5.77
N ASN C 99 -10.72 7.62 -5.15
CA ASN C 99 -11.76 6.61 -5.33
C ASN C 99 -13.06 7.17 -5.91
N GLU C 100 -12.97 8.07 -6.88
CA GLU C 100 -14.15 8.82 -7.30
C GLU C 100 -15.29 7.99 -7.90
N THR C 101 -15.00 6.81 -8.45
CA THR C 101 -16.08 6.03 -9.05
C THR C 101 -17.04 5.49 -8.00
N LEU C 102 -16.58 5.47 -6.75
CA LEU C 102 -17.42 5.00 -5.64
C LEU C 102 -18.28 6.11 -5.04
N CYS C 103 -18.16 7.31 -5.59
CA CYS C 103 -18.95 8.46 -5.14
C CYS C 103 -20.42 8.08 -5.02
N ARG C 104 -21.02 8.40 -3.89
CA ARG C 104 -22.40 8.01 -3.60
C ARG C 104 -23.41 8.94 -4.25
N SER C 105 -22.94 10.03 -4.84
CA SER C 105 -23.79 10.93 -5.64
C SER C 105 -23.46 10.82 -7.12
N VAL C 106 -22.76 9.76 -7.52
CA VAL C 106 -22.35 9.60 -8.92
C VAL C 106 -23.56 9.59 -9.88
N LYS C 107 -23.39 10.19 -11.05
CA LYS C 107 -24.33 10.05 -12.15
C LYS C 107 -23.73 9.10 -13.18
N ASN C 108 -24.50 8.11 -13.62
CA ASN C 108 -24.02 7.11 -14.56
C ASN C 108 -24.72 7.19 -15.92
N ALA C 109 -23.94 7.45 -16.98
CA ALA C 109 -24.50 7.51 -18.34
C ALA C 109 -25.19 6.22 -18.75
N GLY C 110 -26.39 6.34 -19.32
CA GLY C 110 -27.17 5.20 -19.75
C GLY C 110 -27.88 4.50 -18.61
N TYR C 111 -27.96 5.18 -17.47
CA TYR C 111 -28.64 4.63 -16.32
C TYR C 111 -29.39 5.70 -15.54
N SER C 112 -28.64 6.62 -14.93
CA SER C 112 -29.27 7.65 -14.12
C SER C 112 -29.23 9.03 -14.76
N VAL C 113 -28.63 9.09 -15.95
CA VAL C 113 -28.69 10.28 -16.79
C VAL C 113 -28.65 9.75 -18.21
N ASP C 114 -29.25 10.47 -19.16
CA ASP C 114 -29.21 10.08 -20.57
C ASP C 114 -27.79 9.78 -21.05
N GLY C 115 -27.64 8.65 -21.75
CA GLY C 115 -26.33 8.22 -22.21
C GLY C 115 -25.97 8.62 -23.63
N GLY C 116 -24.98 7.92 -24.19
CA GLY C 116 -24.39 8.32 -25.45
C GLY C 116 -24.82 7.49 -26.64
N MET C 117 -25.78 6.59 -26.45
CA MET C 117 -26.29 5.84 -27.58
C MET C 117 -27.39 6.65 -28.29
N ALA C 118 -27.00 7.81 -28.81
CA ALA C 118 -27.92 8.69 -29.50
C ALA C 118 -27.08 9.59 -30.37
N GLU C 119 -27.70 10.32 -31.29
CA GLU C 119 -26.94 11.16 -32.20
C GLU C 119 -26.26 12.33 -31.52
N GLU C 120 -26.83 12.78 -30.39
CA GLU C 120 -26.27 13.86 -29.60
C GLU C 120 -26.31 13.48 -28.13
N CYS C 121 -25.43 14.07 -27.34
CA CYS C 121 -25.42 13.79 -25.90
C CYS C 121 -24.90 14.99 -25.14
N ILE C 122 -25.61 15.35 -24.08
CA ILE C 122 -25.18 16.43 -23.20
C ILE C 122 -24.25 15.83 -22.15
N VAL C 123 -23.04 16.39 -22.03
CA VAL C 123 -22.09 15.90 -21.03
C VAL C 123 -21.71 17.02 -20.08
N VAL C 124 -21.22 16.64 -18.91
CA VAL C 124 -20.60 17.59 -18.01
C VAL C 124 -19.15 17.66 -18.43
N ALA C 125 -18.73 18.83 -18.90
CA ALA C 125 -17.44 19.02 -19.58
C ALA C 125 -16.24 18.51 -18.80
N ASP C 126 -16.17 18.82 -17.50
CA ASP C 126 -14.99 18.47 -16.71
C ASP C 126 -14.88 16.96 -16.48
N TYR C 127 -15.95 16.22 -16.76
CA TYR C 127 -15.98 14.77 -16.56
C TYR C 127 -16.00 13.99 -17.88
N ALA C 128 -16.00 14.71 -19.01
CA ALA C 128 -15.99 14.06 -20.31
C ALA C 128 -14.56 13.98 -20.82
N VAL C 129 -13.90 12.87 -20.53
CA VAL C 129 -12.47 12.76 -20.84
C VAL C 129 -12.20 12.78 -22.34
N LYS C 130 -11.23 13.60 -22.74
CA LYS C 130 -10.85 13.75 -24.15
C LYS C 130 -10.21 12.48 -24.70
N VAL C 131 -10.39 12.25 -26.00
CA VAL C 131 -9.77 11.13 -26.67
C VAL C 131 -8.44 11.59 -27.27
N PRO C 132 -7.37 10.80 -27.08
CA PRO C 132 -6.08 11.20 -27.64
C PRO C 132 -6.09 11.10 -29.16
N ASP C 133 -5.31 11.98 -29.80
CA ASP C 133 -5.34 12.10 -31.26
C ASP C 133 -5.01 10.80 -32.00
N GLY C 134 -4.08 10.02 -31.47
CA GLY C 134 -3.68 8.82 -32.16
C GLY C 134 -4.62 7.62 -32.08
N LEU C 135 -5.85 7.82 -31.60
CA LEU C 135 -6.79 6.70 -31.41
C LEU C 135 -8.10 6.84 -32.19
N ASP C 136 -8.37 5.89 -33.08
CA ASP C 136 -9.61 5.85 -33.86
CA ASP C 136 -9.60 5.91 -33.86
C ASP C 136 -10.84 5.81 -32.95
N SER C 137 -11.93 6.44 -33.38
CA SER C 137 -13.13 6.57 -32.55
C SER C 137 -13.79 5.25 -32.13
N ALA C 138 -13.89 4.30 -33.04
CA ALA C 138 -14.50 3.01 -32.71
C ALA C 138 -13.69 2.30 -31.63
N ALA C 139 -12.37 2.30 -31.79
CA ALA C 139 -11.51 1.68 -30.78
C ALA C 139 -11.65 2.40 -29.45
N ALA C 140 -11.69 3.73 -29.50
CA ALA C 140 -11.83 4.52 -28.29
C ALA C 140 -13.12 4.20 -27.54
N SER C 141 -14.19 3.92 -28.27
CA SER C 141 -15.45 3.58 -27.64
C SER C 141 -15.30 2.37 -26.70
N SER C 142 -14.56 1.36 -27.15
CA SER C 142 -14.34 0.18 -26.30
C SER C 142 -13.54 0.51 -25.05
N ILE C 143 -12.55 1.40 -25.17
CA ILE C 143 -11.73 1.74 -24.01
C ILE C 143 -12.55 2.52 -22.97
N THR C 144 -13.57 3.23 -23.47
CA THR C 144 -14.42 4.08 -22.65
C THR C 144 -15.15 3.33 -21.53
N CYS C 145 -15.41 2.03 -21.73
CA CYS C 145 -15.88 1.21 -20.62
C CYS C 145 -15.15 -0.13 -20.50
N ALA C 146 -15.21 -0.95 -21.54
CA ALA C 146 -14.57 -2.26 -21.49
C ALA C 146 -13.08 -2.16 -21.18
N GLY C 147 -12.41 -1.19 -21.78
CA GLY C 147 -10.98 -1.03 -21.63
C GLY C 147 -10.56 -0.44 -20.29
N VAL C 148 -11.14 0.70 -19.92
CA VAL C 148 -10.78 1.33 -18.64
C VAL C 148 -11.12 0.43 -17.46
N THR C 149 -12.25 -0.28 -17.55
CA THR C 149 -12.65 -1.15 -16.45
C THR C 149 -11.66 -2.29 -16.22
N THR C 150 -11.20 -2.92 -17.30
CA THR C 150 -10.30 -4.06 -17.18
C THR C 150 -8.86 -3.61 -16.94
N TYR C 151 -8.50 -2.43 -17.43
CA TYR C 151 -7.21 -1.83 -17.09
C TYR C 151 -7.14 -1.60 -15.59
N LYS C 152 -8.18 -1.00 -15.03
CA LYS C 152 -8.23 -0.73 -13.60
C LYS C 152 -8.31 -2.02 -12.79
N ALA C 153 -9.10 -2.99 -13.26
CA ALA C 153 -9.26 -4.25 -12.57
C ALA C 153 -7.93 -5.00 -12.42
N VAL C 154 -7.15 -5.02 -13.48
CA VAL C 154 -5.85 -5.68 -13.46
C VAL C 154 -4.89 -4.91 -12.54
N LYS C 155 -4.95 -3.59 -12.62
CA LYS C 155 -4.14 -2.74 -11.74
C LYS C 155 -4.47 -3.03 -10.26
N LEU C 156 -5.77 -3.10 -9.97
CA LEU C 156 -6.27 -3.37 -8.62
C LEU C 156 -5.97 -4.80 -8.16
N SER C 157 -5.73 -5.70 -9.12
CA SER C 157 -5.53 -7.12 -8.79
C SER C 157 -4.19 -7.32 -8.12
N LYS C 158 -3.32 -6.32 -8.26
CA LYS C 158 -1.95 -6.36 -7.75
C LYS C 158 -1.10 -7.45 -8.38
N ILE C 159 -1.50 -7.91 -9.57
CA ILE C 159 -0.67 -8.84 -10.32
C ILE C 159 0.68 -8.16 -10.60
N ARG C 160 1.78 -8.89 -10.40
CA ARG C 160 3.09 -8.38 -10.75
C ARG C 160 3.60 -9.06 -12.02
N PRO C 161 4.56 -8.44 -12.72
CA PRO C 161 5.08 -9.05 -13.95
C PRO C 161 5.55 -10.49 -13.71
N GLY C 162 5.34 -11.35 -14.69
CA GLY C 162 5.72 -12.75 -14.58
C GLY C 162 4.73 -13.61 -13.82
N GLN C 163 3.77 -13.00 -13.13
CA GLN C 163 2.83 -13.76 -12.33
C GLN C 163 1.64 -14.24 -13.15
N TRP C 164 0.88 -15.18 -12.61
CA TRP C 164 -0.24 -15.79 -13.31
C TRP C 164 -1.56 -15.13 -12.95
N ILE C 165 -2.29 -14.68 -13.96
CA ILE C 165 -3.62 -14.11 -13.73
C ILE C 165 -4.69 -14.86 -14.52
N ALA C 166 -5.76 -15.26 -13.84
CA ALA C 166 -6.84 -15.96 -14.51
C ALA C 166 -7.89 -14.94 -14.93
N ILE C 167 -8.22 -14.88 -16.21
CA ILE C 167 -9.26 -13.98 -16.69
C ILE C 167 -10.50 -14.81 -17.02
N TYR C 168 -11.57 -14.63 -16.26
CA TYR C 168 -12.83 -15.34 -16.50
C TYR C 168 -13.80 -14.46 -17.29
N GLY C 169 -14.33 -15.02 -18.39
CA GLY C 169 -15.23 -14.28 -19.26
C GLY C 169 -14.43 -13.48 -20.28
N LEU C 170 -14.40 -13.96 -21.51
CA LEU C 170 -13.54 -13.36 -22.53
C LEU C 170 -14.38 -12.62 -23.57
N GLY C 171 -15.35 -11.85 -23.10
CA GLY C 171 -16.25 -11.09 -23.95
C GLY C 171 -15.69 -9.72 -24.27
N GLY C 172 -16.55 -8.71 -24.30
CA GLY C 172 -16.11 -7.36 -24.58
C GLY C 172 -15.07 -6.88 -23.59
N LEU C 173 -15.36 -7.04 -22.31
CA LEU C 173 -14.38 -6.70 -21.29
C LEU C 173 -13.20 -7.68 -21.28
N GLY C 174 -13.51 -8.98 -21.28
CA GLY C 174 -12.48 -9.99 -21.04
C GLY C 174 -11.39 -10.04 -22.08
N ASN C 175 -11.75 -9.82 -23.33
CA ASN C 175 -10.74 -9.81 -24.38
C ASN C 175 -9.76 -8.66 -24.20
N LEU C 176 -10.26 -7.50 -23.77
CA LEU C 176 -9.38 -6.39 -23.42
C LEU C 176 -8.62 -6.61 -22.11
N ALA C 177 -9.22 -7.32 -21.16
CA ALA C 177 -8.50 -7.64 -19.92
C ALA C 177 -7.27 -8.49 -20.23
N LEU C 178 -7.45 -9.48 -21.08
CA LEU C 178 -6.35 -10.29 -21.58
C LEU C 178 -5.24 -9.44 -22.18
N GLN C 179 -5.62 -8.50 -23.03
CA GLN C 179 -4.65 -7.65 -23.70
C GLN C 179 -3.91 -6.76 -22.73
N TYR C 180 -4.64 -6.09 -21.84
CA TYR C 180 -3.98 -5.32 -20.79
C TYR C 180 -3.09 -6.19 -19.88
N ALA C 181 -3.61 -7.32 -19.41
CA ALA C 181 -2.83 -8.19 -18.53
C ALA C 181 -1.53 -8.62 -19.20
N LYS C 182 -1.62 -9.03 -20.46
CA LYS C 182 -0.46 -9.55 -21.18
C LYS C 182 0.47 -8.46 -21.72
N ASN C 183 -0.10 -7.47 -22.38
CA ASN C 183 0.72 -6.52 -23.14
C ASN C 183 1.14 -5.31 -22.33
N VAL C 184 0.45 -5.05 -21.23
CA VAL C 184 0.73 -3.84 -20.48
C VAL C 184 1.30 -4.17 -19.11
N PHE C 185 0.71 -5.16 -18.44
CA PHE C 185 1.17 -5.52 -17.10
C PHE C 185 2.14 -6.69 -17.10
N ASN C 186 2.37 -7.26 -18.29
CA ASN C 186 3.31 -8.36 -18.47
CA ASN C 186 3.33 -8.35 -18.46
C ASN C 186 3.05 -9.57 -17.58
N ALA C 187 1.78 -9.93 -17.43
CA ALA C 187 1.42 -11.13 -16.68
C ALA C 187 1.31 -12.34 -17.61
N LYS C 188 1.37 -13.54 -17.03
CA LYS C 188 1.02 -14.75 -17.75
C LYS C 188 -0.47 -14.96 -17.57
N VAL C 189 -1.17 -15.30 -18.65
CA VAL C 189 -2.64 -15.30 -18.61
C VAL C 189 -3.28 -16.67 -18.84
N ILE C 190 -4.22 -17.04 -17.96
CA ILE C 190 -5.14 -18.14 -18.23
C ILE C 190 -6.48 -17.52 -18.64
N ALA C 191 -6.95 -17.86 -19.83
CA ALA C 191 -8.26 -17.38 -20.31
C ALA C 191 -9.30 -18.47 -20.09
N ILE C 192 -10.44 -18.11 -19.49
CA ILE C 192 -11.43 -19.09 -19.07
C ILE C 192 -12.84 -18.62 -19.49
N ASP C 193 -13.59 -19.47 -20.17
CA ASP C 193 -14.93 -19.10 -20.66
C ASP C 193 -15.70 -20.38 -20.93
N VAL C 194 -17.00 -20.26 -21.14
CA VAL C 194 -17.80 -21.44 -21.47
C VAL C 194 -17.90 -21.56 -23.00
N ASN C 195 -17.39 -20.56 -23.71
CA ASN C 195 -17.52 -20.47 -25.16
C ASN C 195 -16.17 -20.67 -25.85
N ASP C 196 -16.03 -21.78 -26.57
CA ASP C 196 -14.77 -22.10 -27.29
C ASP C 196 -14.34 -21.05 -28.29
N GLU C 197 -15.31 -20.38 -28.92
CA GLU C 197 -14.95 -19.35 -29.87
C GLU C 197 -14.33 -18.11 -29.21
N GLN C 198 -14.78 -17.77 -28.00
CA GLN C 198 -14.13 -16.69 -27.25
C GLN C 198 -12.71 -17.09 -26.87
N LEU C 199 -12.53 -18.37 -26.55
CA LEU C 199 -11.21 -18.90 -26.17
C LEU C 199 -10.22 -18.91 -27.33
N LYS C 200 -10.70 -19.22 -28.54
CA LYS C 200 -9.88 -19.17 -29.74
C LYS C 200 -9.31 -17.77 -29.91
N LEU C 201 -10.17 -16.76 -29.77
CA LEU C 201 -9.70 -15.38 -29.82
C LEU C 201 -8.61 -15.12 -28.79
N ALA C 202 -8.82 -15.59 -27.56
CA ALA C 202 -7.83 -15.41 -26.50
C ALA C 202 -6.49 -16.03 -26.88
N THR C 203 -6.54 -17.24 -27.40
CA THR C 203 -5.33 -17.95 -27.81
C THR C 203 -4.62 -17.21 -28.95
N GLU C 204 -5.40 -16.71 -29.92
CA GLU C 204 -4.83 -15.92 -31.02
C GLU C 204 -4.09 -14.70 -30.49
N MET C 205 -4.59 -14.13 -29.40
CA MET C 205 -3.99 -12.93 -28.83
C MET C 205 -2.96 -13.22 -27.75
N GLY C 206 -2.52 -14.48 -27.65
CA GLY C 206 -1.38 -14.82 -26.81
C GLY C 206 -1.67 -15.33 -25.41
N ALA C 207 -2.92 -15.65 -25.11
CA ALA C 207 -3.24 -16.31 -23.84
C ALA C 207 -2.32 -17.51 -23.67
N ASP C 208 -1.73 -17.66 -22.48
CA ASP C 208 -0.76 -18.70 -22.20
C ASP C 208 -1.47 -20.04 -22.06
N LEU C 209 -2.68 -19.97 -21.53
CA LEU C 209 -3.46 -21.17 -21.28
C LEU C 209 -4.93 -20.80 -21.52
N ALA C 210 -5.71 -21.72 -22.07
CA ALA C 210 -7.13 -21.51 -22.31
C ALA C 210 -7.91 -22.70 -21.76
N ILE C 211 -9.03 -22.44 -21.09
CA ILE C 211 -9.81 -23.50 -20.45
C ILE C 211 -11.28 -23.24 -20.67
N ASN C 212 -12.00 -24.26 -21.13
CA ASN C 212 -13.47 -24.20 -21.17
C ASN C 212 -14.04 -24.66 -19.83
N SER C 213 -14.63 -23.74 -19.09
CA SER C 213 -15.08 -24.03 -17.73
C SER C 213 -16.38 -24.83 -17.71
N HIS C 214 -16.98 -25.01 -18.87
CA HIS C 214 -18.18 -25.83 -18.95
C HIS C 214 -17.77 -27.31 -19.04
N THR C 215 -16.78 -27.59 -19.88
CA THR C 215 -16.38 -28.97 -20.13
C THR C 215 -15.18 -29.40 -19.28
N GLU C 216 -14.56 -28.44 -18.59
CA GLU C 216 -13.44 -28.77 -17.71
C GLU C 216 -13.62 -28.13 -16.34
N ASP C 217 -12.96 -28.71 -15.33
CA ASP C 217 -12.97 -28.15 -13.98
C ASP C 217 -11.85 -27.11 -13.94
N ALA C 218 -12.21 -25.84 -14.14
CA ALA C 218 -11.22 -24.78 -14.37
C ALA C 218 -10.23 -24.57 -13.25
N ALA C 219 -10.72 -24.53 -12.01
CA ALA C 219 -9.87 -24.27 -10.86
C ALA C 219 -8.85 -25.39 -10.70
N LYS C 220 -9.29 -26.62 -10.94
CA LYS C 220 -8.41 -27.79 -10.80
C LYS C 220 -7.29 -27.72 -11.83
N ILE C 221 -7.64 -27.35 -13.05
CA ILE C 221 -6.65 -27.21 -14.11
C ILE C 221 -5.66 -26.08 -13.86
N VAL C 222 -6.15 -24.91 -13.44
CA VAL C 222 -5.26 -23.81 -13.05
C VAL C 222 -4.29 -24.23 -11.94
N GLN C 223 -4.81 -24.89 -10.92
CA GLN C 223 -3.98 -25.34 -9.82
C GLN C 223 -2.89 -26.28 -10.32
N GLU C 224 -3.31 -27.26 -11.11
CA GLU C 224 -2.40 -28.27 -11.66
C GLU C 224 -1.31 -27.66 -12.53
N LYS C 225 -1.68 -26.73 -13.41
CA LYS C 225 -0.74 -26.27 -14.43
C LYS C 225 0.12 -25.11 -13.99
N THR C 226 -0.34 -24.32 -13.02
CA THR C 226 0.37 -23.10 -12.65
C THR C 226 0.69 -23.00 -11.17
N GLY C 227 0.14 -23.90 -10.37
CA GLY C 227 0.32 -23.83 -8.93
C GLY C 227 -0.67 -22.88 -8.28
N GLY C 228 -1.63 -22.42 -9.07
CA GLY C 228 -2.65 -21.51 -8.60
C GLY C 228 -2.31 -20.12 -9.08
N ALA C 229 -3.30 -19.41 -9.62
CA ALA C 229 -3.07 -18.07 -10.15
C ALA C 229 -2.79 -17.09 -9.01
N HIS C 230 -1.88 -16.16 -9.26
CA HIS C 230 -1.61 -15.12 -8.29
C HIS C 230 -2.80 -14.17 -8.12
N ALA C 231 -3.53 -13.97 -9.21
CA ALA C 231 -4.74 -13.15 -9.18
C ALA C 231 -5.79 -13.62 -10.19
N ALA C 232 -6.99 -13.07 -10.09
CA ALA C 232 -8.00 -13.32 -11.11
C ALA C 232 -8.84 -12.08 -11.33
N VAL C 233 -9.30 -11.89 -12.57
CA VAL C 233 -10.27 -10.86 -12.87
C VAL C 233 -11.48 -11.56 -13.47
N VAL C 234 -12.65 -11.33 -12.87
CA VAL C 234 -13.85 -12.06 -13.31
C VAL C 234 -14.80 -11.09 -13.98
N THR C 235 -14.88 -11.17 -15.32
CA THR C 235 -15.76 -10.30 -16.06
C THR C 235 -16.98 -11.06 -16.57
N ALA C 236 -17.13 -12.31 -16.17
CA ALA C 236 -18.20 -13.16 -16.69
C ALA C 236 -19.58 -12.72 -16.19
N VAL C 237 -20.63 -13.15 -16.89
CA VAL C 237 -22.00 -12.82 -16.53
C VAL C 237 -22.74 -14.01 -15.85
N ALA C 238 -22.01 -14.81 -15.09
CA ALA C 238 -22.62 -15.93 -14.36
C ALA C 238 -21.84 -16.20 -13.10
N LYS C 239 -22.54 -16.54 -12.02
CA LYS C 239 -21.90 -16.69 -10.72
C LYS C 239 -20.85 -17.83 -10.66
N ALA C 240 -20.99 -18.82 -11.54
CA ALA C 240 -20.08 -19.97 -11.49
C ALA C 240 -18.62 -19.55 -11.66
N ALA C 241 -18.41 -18.49 -12.44
CA ALA C 241 -17.05 -18.01 -12.70
C ALA C 241 -16.45 -17.36 -11.45
N PHE C 242 -17.27 -16.61 -10.72
CA PHE C 242 -16.84 -16.00 -9.46
C PHE C 242 -16.51 -17.08 -8.44
N ASN C 243 -17.35 -18.09 -8.36
CA ASN C 243 -17.10 -19.24 -7.49
C ASN C 243 -15.83 -19.99 -7.84
N SER C 244 -15.63 -20.25 -9.14
CA SER C 244 -14.43 -20.95 -9.60
C SER C 244 -13.17 -20.13 -9.34
N ALA C 245 -13.26 -18.81 -9.53
CA ALA C 245 -12.08 -17.96 -9.33
C ALA C 245 -11.49 -18.09 -7.92
N VAL C 246 -12.36 -18.13 -6.90
CA VAL C 246 -11.91 -18.36 -5.51
C VAL C 246 -11.06 -19.62 -5.35
N ASP C 247 -11.39 -20.67 -6.12
CA ASP C 247 -10.64 -21.92 -6.04
C ASP C 247 -9.42 -21.96 -6.97
N ALA C 248 -9.35 -21.05 -7.94
CA ALA C 248 -8.26 -21.05 -8.93
C ALA C 248 -7.01 -20.28 -8.49
N VAL C 249 -7.16 -19.37 -7.52
CA VAL C 249 -6.01 -18.63 -7.02
C VAL C 249 -5.19 -19.43 -5.99
N ARG C 250 -3.89 -19.13 -5.88
CA ARG C 250 -3.07 -19.69 -4.82
C ARG C 250 -3.36 -18.93 -3.53
N ALA C 251 -2.82 -19.40 -2.41
CA ALA C 251 -3.02 -18.73 -1.13
C ALA C 251 -2.50 -17.31 -1.21
N GLY C 252 -3.18 -16.39 -0.55
CA GLY C 252 -2.83 -14.98 -0.64
C GLY C 252 -3.28 -14.31 -1.93
N GLY C 253 -3.90 -15.08 -2.83
CA GLY C 253 -4.31 -14.55 -4.12
C GLY C 253 -5.50 -13.60 -4.04
N ARG C 254 -5.64 -12.73 -5.03
CA ARG C 254 -6.74 -11.75 -5.07
C ARG C 254 -7.66 -11.97 -6.26
N VAL C 255 -8.96 -12.11 -5.99
CA VAL C 255 -9.94 -12.18 -7.05
C VAL C 255 -10.60 -10.81 -7.20
N VAL C 256 -10.52 -10.24 -8.40
CA VAL C 256 -11.17 -8.96 -8.65
C VAL C 256 -12.50 -9.18 -9.39
N ALA C 257 -13.59 -8.83 -8.73
CA ALA C 257 -14.92 -9.00 -9.32
C ALA C 257 -15.28 -7.79 -10.18
N VAL C 258 -15.71 -8.06 -11.41
CA VAL C 258 -16.05 -7.00 -12.35
C VAL C 258 -17.45 -7.21 -12.96
N GLY C 259 -17.75 -8.43 -13.37
CA GLY C 259 -19.06 -8.74 -13.93
C GLY C 259 -20.23 -8.48 -13.00
N LEU C 260 -21.41 -8.28 -13.57
CA LEU C 260 -22.57 -7.89 -12.78
C LEU C 260 -23.79 -8.81 -12.89
N PRO C 261 -23.60 -10.15 -12.87
CA PRO C 261 -24.81 -10.97 -12.92
C PRO C 261 -25.62 -10.71 -11.64
N PRO C 262 -26.97 -10.75 -11.75
CA PRO C 262 -27.82 -10.51 -10.56
C PRO C 262 -27.87 -11.76 -9.68
N GLU C 263 -26.71 -12.17 -9.19
CA GLU C 263 -26.58 -13.42 -8.44
C GLU C 263 -25.61 -13.21 -7.27
N SER C 264 -25.56 -14.20 -6.38
CA SER C 264 -24.60 -14.20 -5.28
C SER C 264 -23.50 -15.22 -5.53
N MET C 265 -22.27 -14.89 -5.16
CA MET C 265 -21.21 -15.90 -5.18
C MET C 265 -21.12 -16.59 -3.82
N SER C 266 -20.42 -17.72 -3.77
CA SER C 266 -20.29 -18.48 -2.54
C SER C 266 -18.83 -18.65 -2.20
N LEU C 267 -18.49 -18.34 -0.95
CA LEU C 267 -17.11 -18.43 -0.50
C LEU C 267 -17.05 -19.35 0.69
N ASP C 268 -16.38 -20.49 0.50
CA ASP C 268 -16.10 -21.37 1.60
C ASP C 268 -15.26 -20.61 2.61
N ILE C 269 -15.78 -20.48 3.82
CA ILE C 269 -15.11 -19.66 4.83
C ILE C 269 -13.72 -20.19 5.24
N PRO C 270 -13.59 -21.49 5.53
CA PRO C 270 -12.24 -21.97 5.86
C PRO C 270 -11.22 -21.76 4.73
N ARG C 271 -11.66 -21.92 3.48
CA ARG C 271 -10.78 -21.66 2.34
C ARG C 271 -10.34 -20.18 2.35
N LEU C 272 -11.32 -19.30 2.47
CA LEU C 272 -11.10 -17.86 2.52
C LEU C 272 -10.09 -17.48 3.60
N VAL C 273 -10.29 -18.04 4.79
CA VAL C 273 -9.44 -17.70 5.94
C VAL C 273 -8.10 -18.44 5.93
N LEU C 274 -8.14 -19.77 5.84
CA LEU C 274 -6.90 -20.55 5.99
C LEU C 274 -5.92 -20.35 4.84
N ASP C 275 -6.43 -19.89 3.70
CA ASP C 275 -5.56 -19.61 2.58
C ASP C 275 -5.42 -18.12 2.27
N GLY C 276 -5.89 -17.28 3.20
CA GLY C 276 -5.76 -15.83 3.07
C GLY C 276 -6.20 -15.26 1.72
N ILE C 277 -7.35 -15.69 1.24
CA ILE C 277 -7.84 -15.27 -0.07
C ILE C 277 -8.39 -13.83 0.04
N GLU C 278 -8.30 -13.07 -1.05
CA GLU C 278 -8.89 -11.72 -1.09
C GLU C 278 -9.86 -11.60 -2.25
N VAL C 279 -11.01 -11.00 -1.99
CA VAL C 279 -12.01 -10.75 -3.01
C VAL C 279 -12.45 -9.29 -2.95
N VAL C 280 -12.31 -8.60 -4.07
CA VAL C 280 -12.55 -7.15 -4.12
C VAL C 280 -13.35 -6.78 -5.37
N GLY C 281 -14.30 -5.86 -5.25
CA GLY C 281 -15.01 -5.39 -6.42
C GLY C 281 -14.33 -4.19 -7.06
N SER C 282 -14.32 -4.14 -8.39
CA SER C 282 -13.77 -2.98 -9.10
C SER C 282 -14.85 -2.32 -9.96
N LEU C 283 -14.90 -0.99 -9.93
CA LEU C 283 -15.96 -0.26 -10.60
C LEU C 283 -15.36 0.73 -11.56
N VAL C 284 -15.52 0.47 -12.85
CA VAL C 284 -14.91 1.24 -13.94
C VAL C 284 -13.52 1.81 -13.59
N GLY C 285 -13.29 3.10 -13.82
CA GLY C 285 -12.00 3.70 -13.50
C GLY C 285 -12.14 5.20 -13.28
N THR C 286 -11.17 5.83 -12.62
CA THR C 286 -11.20 7.28 -12.45
C THR C 286 -10.93 7.93 -13.79
N ARG C 287 -11.10 9.25 -13.87
CA ARG C 287 -10.74 9.96 -15.10
C ARG C 287 -9.27 9.74 -15.49
N GLN C 288 -8.39 9.69 -14.49
CA GLN C 288 -6.98 9.43 -14.77
C GLN C 288 -6.77 7.99 -15.28
N ASP C 289 -7.51 7.02 -14.74
CA ASP C 289 -7.43 5.64 -15.22
C ASP C 289 -7.80 5.61 -16.71
N LEU C 290 -8.85 6.36 -17.08
CA LEU C 290 -9.34 6.36 -18.46
C LEU C 290 -8.32 7.00 -19.39
N THR C 291 -7.79 8.15 -18.97
CA THR C 291 -6.70 8.79 -19.71
C THR C 291 -5.54 7.82 -19.97
N GLU C 292 -5.14 7.10 -18.94
CA GLU C 292 -4.05 6.12 -19.11
C GLU C 292 -4.47 4.98 -20.01
N ALA C 293 -5.69 4.47 -19.82
CA ALA C 293 -6.17 3.36 -20.65
C ALA C 293 -6.24 3.75 -22.13
N PHE C 294 -6.70 4.97 -22.40
CA PHE C 294 -6.76 5.53 -23.75
C PHE C 294 -5.36 5.58 -24.38
N GLN C 295 -4.39 6.03 -23.61
CA GLN C 295 -3.03 6.19 -24.13
C GLN C 295 -2.42 4.86 -24.58
N PHE C 296 -2.66 3.79 -23.82
CA PHE C 296 -2.21 2.46 -24.24
C PHE C 296 -2.81 2.02 -25.56
N ALA C 297 -4.09 2.35 -25.78
CA ALA C 297 -4.74 1.97 -27.02
C ALA C 297 -4.19 2.82 -28.16
N ALA C 298 -3.96 4.10 -27.89
CA ALA C 298 -3.38 5.02 -28.87
C ALA C 298 -2.01 4.57 -29.35
N GLU C 299 -1.25 3.94 -28.47
CA GLU C 299 0.08 3.43 -28.83
C GLU C 299 0.06 1.97 -29.28
N GLY C 300 -1.14 1.42 -29.43
CA GLY C 300 -1.27 0.10 -30.03
C GLY C 300 -0.96 -1.07 -29.12
N LYS C 301 -0.86 -0.83 -27.82
CA LYS C 301 -0.54 -1.89 -26.87
C LYS C 301 -1.75 -2.79 -26.65
N VAL C 302 -2.94 -2.22 -26.85
CA VAL C 302 -4.15 -3.03 -26.92
C VAL C 302 -4.91 -2.60 -28.16
N VAL C 303 -5.66 -3.54 -28.72
CA VAL C 303 -6.36 -3.33 -29.98
C VAL C 303 -7.76 -3.90 -29.81
N PRO C 304 -8.74 -3.03 -29.56
CA PRO C 304 -10.13 -3.49 -29.37
C PRO C 304 -10.67 -4.19 -30.62
N LYS C 305 -11.27 -5.35 -30.43
CA LYS C 305 -11.98 -6.02 -31.50
C LYS C 305 -13.37 -5.41 -31.62
N VAL C 306 -13.66 -4.79 -32.76
CA VAL C 306 -14.91 -4.05 -32.91
C VAL C 306 -15.62 -4.41 -34.21
N ALA C 307 -16.94 -4.27 -34.20
CA ALA C 307 -17.74 -4.40 -35.41
C ALA C 307 -18.78 -3.28 -35.38
N LEU C 308 -18.93 -2.57 -36.50
CA LEU C 308 -19.79 -1.39 -36.56
C LEU C 308 -21.20 -1.77 -36.99
N ARG C 309 -22.21 -1.19 -36.35
CA ARG C 309 -23.60 -1.48 -36.62
C ARG C 309 -24.42 -0.20 -36.63
N PRO C 310 -25.53 -0.18 -37.40
CA PRO C 310 -26.44 0.95 -37.31
C PRO C 310 -27.28 0.90 -36.03
N LEU C 311 -27.75 2.06 -35.59
CA LEU C 311 -28.58 2.21 -34.40
C LEU C 311 -29.80 1.27 -34.46
N ALA C 312 -30.33 1.06 -35.66
CA ALA C 312 -31.54 0.26 -35.81
C ALA C 312 -31.33 -1.19 -35.41
N ASP C 313 -30.07 -1.62 -35.33
CA ASP C 313 -29.73 -3.00 -34.98
C ASP C 313 -29.67 -3.28 -33.48
N ILE C 314 -29.93 -2.26 -32.66
CA ILE C 314 -29.68 -2.39 -31.20
C ILE C 314 -30.38 -3.57 -30.53
N ASN C 315 -31.66 -3.81 -30.84
CA ASN C 315 -32.33 -4.97 -30.25
C ASN C 315 -31.73 -6.28 -30.69
N THR C 316 -31.40 -6.38 -31.97
CA THR C 316 -30.73 -7.55 -32.51
C THR C 316 -29.40 -7.81 -31.83
N ILE C 317 -28.65 -6.73 -31.61
CA ILE C 317 -27.37 -6.80 -30.91
C ILE C 317 -27.54 -7.36 -29.50
N PHE C 318 -28.58 -6.92 -28.80
CA PHE C 318 -28.82 -7.40 -27.45
C PHE C 318 -29.16 -8.91 -27.46
N THR C 319 -29.84 -9.35 -28.50
CA THR C 319 -30.12 -10.78 -28.67
C THR C 319 -28.85 -11.59 -28.91
N GLU C 320 -27.97 -11.06 -29.77
CA GLU C 320 -26.69 -11.68 -30.04
C GLU C 320 -25.87 -11.75 -28.73
N MET C 321 -25.89 -10.67 -27.98
CA MET C 321 -25.22 -10.61 -26.67
C MET C 321 -25.75 -11.64 -25.67
N GLU C 322 -27.06 -11.67 -25.49
CA GLU C 322 -27.73 -12.66 -24.65
C GLU C 322 -27.37 -14.07 -25.03
N GLU C 323 -27.27 -14.33 -26.32
CA GLU C 323 -27.08 -15.69 -26.79
C GLU C 323 -25.62 -16.09 -26.88
N GLY C 324 -24.73 -15.18 -26.47
CA GLY C 324 -23.31 -15.45 -26.48
C GLY C 324 -22.69 -15.49 -27.87
N LYS C 325 -23.27 -14.76 -28.81
CA LYS C 325 -22.81 -14.80 -30.20
C LYS C 325 -21.84 -13.67 -30.53
N ILE C 326 -21.78 -12.65 -29.69
CA ILE C 326 -20.90 -11.51 -29.96
C ILE C 326 -19.45 -11.86 -29.66
N ARG C 327 -18.55 -11.37 -30.51
CA ARG C 327 -17.10 -11.46 -30.28
C ARG C 327 -16.54 -10.05 -30.18
N GLY C 328 -15.90 -9.72 -29.08
CA GLY C 328 -15.43 -8.36 -28.87
C GLY C 328 -16.63 -7.45 -28.61
N ARG C 329 -16.65 -6.31 -29.28
CA ARG C 329 -17.67 -5.30 -29.08
C ARG C 329 -18.48 -5.02 -30.34
N MET C 330 -19.78 -4.81 -30.17
CA MET C 330 -20.59 -4.20 -31.23
C MET C 330 -20.65 -2.71 -30.95
N VAL C 331 -20.41 -1.91 -31.99
CA VAL C 331 -20.36 -0.46 -31.85
C VAL C 331 -21.38 0.25 -32.75
N ILE C 332 -22.29 0.99 -32.14
CA ILE C 332 -23.25 1.78 -32.92
C ILE C 332 -22.51 2.89 -33.64
N ASP C 333 -22.62 2.94 -34.96
CA ASP C 333 -21.93 3.94 -35.75
C ASP C 333 -22.93 5.00 -36.22
N PHE C 334 -22.71 6.24 -35.81
CA PHE C 334 -23.61 7.34 -36.16
C PHE C 334 -23.06 8.14 -37.33
N ARG C 335 -21.82 7.84 -37.73
CA ARG C 335 -21.09 8.67 -38.70
C ARG C 335 -21.74 8.73 -40.07
N HIS C 336 -21.88 9.97 -40.55
CA HIS C 336 -22.43 10.36 -41.86
C HIS C 336 -22.68 9.25 -42.86
N MET D 1 43.08 -23.76 -2.53
CA MET D 1 42.28 -23.10 -3.57
C MET D 1 42.61 -21.62 -3.65
N LYS D 2 42.40 -21.00 -4.81
CA LYS D 2 42.76 -19.59 -5.02
C LYS D 2 41.62 -18.63 -4.71
N ALA D 3 41.93 -17.55 -4.01
CA ALA D 3 40.95 -16.60 -3.53
C ALA D 3 41.44 -15.17 -3.78
N ALA D 4 40.51 -14.27 -4.10
CA ALA D 4 40.82 -12.85 -4.23
C ALA D 4 40.78 -12.19 -2.86
N VAL D 5 41.94 -11.89 -2.31
CA VAL D 5 42.03 -11.34 -0.95
C VAL D 5 42.35 -9.85 -0.98
N VAL D 6 41.61 -9.07 -0.19
CA VAL D 6 41.85 -7.62 -0.07
C VAL D 6 43.13 -7.31 0.70
N THR D 7 43.95 -6.42 0.17
CA THR D 7 45.19 -6.03 0.85
C THR D 7 45.07 -4.67 1.54
N LYS D 8 46.02 -4.39 2.43
CA LYS D 8 46.01 -3.16 3.21
C LYS D 8 46.16 -1.90 2.36
N ASP D 9 46.76 -2.03 1.18
CA ASP D 9 46.87 -0.87 0.30
C ASP D 9 45.85 -0.90 -0.83
N HIS D 10 44.72 -1.54 -0.57
CA HIS D 10 43.56 -1.46 -1.46
C HIS D 10 43.80 -2.11 -2.83
N HIS D 11 44.51 -3.23 -2.82
CA HIS D 11 44.64 -4.05 -4.01
C HIS D 11 44.11 -5.44 -3.71
N VAL D 12 44.27 -6.35 -4.66
CA VAL D 12 43.90 -7.73 -4.41
C VAL D 12 45.11 -8.63 -4.55
N ASP D 13 45.31 -9.53 -3.58
CA ASP D 13 46.29 -10.60 -3.71
C ASP D 13 45.57 -11.91 -3.97
N VAL D 14 45.86 -12.54 -5.10
CA VAL D 14 45.40 -13.89 -5.37
C VAL D 14 46.14 -14.82 -4.41
N THR D 15 45.40 -15.40 -3.46
CA THR D 15 46.00 -16.09 -2.34
C THR D 15 45.57 -17.56 -2.29
N TYR D 16 46.52 -18.45 -2.01
CA TYR D 16 46.16 -19.85 -1.81
C TYR D 16 45.65 -20.05 -0.40
N LYS D 17 44.46 -20.64 -0.28
CA LYS D 17 43.83 -20.87 1.01
C LYS D 17 43.34 -22.31 1.16
N THR D 18 43.36 -22.79 2.40
CA THR D 18 42.65 -24.01 2.75
C THR D 18 41.45 -23.67 3.62
N LEU D 19 40.24 -23.93 3.11
CA LEU D 19 39.03 -23.61 3.84
C LEU D 19 38.82 -24.54 5.04
N ARG D 20 38.23 -23.99 6.10
CA ARG D 20 37.86 -24.77 7.28
C ARG D 20 36.76 -25.77 6.95
N SER D 21 36.56 -26.73 7.84
CA SER D 21 35.51 -27.73 7.70
C SER D 21 34.14 -27.08 7.82
N LEU D 22 33.14 -27.70 7.22
CA LEU D 22 31.77 -27.19 7.26
C LEU D 22 31.14 -27.33 8.65
N LYS D 23 30.37 -26.34 9.06
CA LYS D 23 29.59 -26.43 10.28
C LYS D 23 28.15 -26.86 9.96
N HIS D 24 27.35 -27.04 11.00
CA HIS D 24 25.94 -27.37 10.81
C HIS D 24 25.25 -26.29 9.98
N GLY D 25 24.46 -26.71 9.00
CA GLY D 25 23.71 -25.78 8.16
C GLY D 25 24.50 -25.20 6.99
N GLU D 26 25.78 -25.54 6.88
CA GLU D 26 26.63 -25.00 5.83
C GLU D 26 26.78 -25.95 4.62
N ALA D 27 27.12 -25.37 3.47
CA ALA D 27 27.51 -26.17 2.31
C ALA D 27 28.79 -25.63 1.68
N LEU D 28 29.54 -26.52 1.01
CA LEU D 28 30.73 -26.13 0.29
C LEU D 28 30.45 -26.06 -1.20
N LEU D 29 30.65 -24.88 -1.78
CA LEU D 29 30.49 -24.70 -3.21
C LEU D 29 31.84 -24.74 -3.92
N LYS D 30 31.89 -25.45 -5.05
CA LYS D 30 33.00 -25.30 -5.97
C LYS D 30 32.54 -24.31 -7.01
N MET D 31 33.21 -23.16 -7.05
CA MET D 31 32.72 -22.03 -7.82
C MET D 31 32.92 -22.19 -9.32
N GLU D 32 31.94 -21.71 -10.08
CA GLU D 32 32.02 -21.68 -11.53
C GLU D 32 32.37 -20.27 -11.98
N CYS D 33 31.63 -19.29 -11.45
CA CYS D 33 31.74 -17.89 -11.86
C CYS D 33 31.60 -16.99 -10.65
N CYS D 34 32.19 -15.80 -10.74
CA CYS D 34 31.87 -14.72 -9.82
C CYS D 34 32.02 -13.38 -10.54
N GLY D 35 30.92 -12.67 -10.66
CA GLY D 35 30.95 -11.36 -11.27
C GLY D 35 31.68 -10.38 -10.36
N VAL D 36 32.23 -9.35 -10.96
CA VAL D 36 32.88 -8.30 -10.19
C VAL D 36 31.91 -7.12 -10.06
N CYS D 37 31.53 -6.82 -8.81
CA CYS D 37 30.62 -5.73 -8.54
C CYS D 37 31.40 -4.49 -8.10
N HIS D 38 30.85 -3.31 -8.33
CA HIS D 38 31.51 -2.09 -7.89
C HIS D 38 31.53 -2.03 -6.37
N THR D 39 30.64 -2.77 -5.71
CA THR D 39 30.73 -2.91 -4.26
C THR D 39 32.06 -3.57 -3.84
N ASP D 40 32.57 -4.50 -4.65
CA ASP D 40 33.86 -5.12 -4.33
C ASP D 40 34.94 -4.03 -4.35
N LEU D 41 34.81 -3.10 -5.29
CA LEU D 41 35.75 -1.98 -5.41
C LEU D 41 35.69 -1.07 -4.16
N HIS D 42 34.49 -0.64 -3.79
CA HIS D 42 34.29 0.10 -2.53
C HIS D 42 34.93 -0.63 -1.35
N VAL D 43 34.66 -1.92 -1.24
CA VAL D 43 35.16 -2.73 -0.14
C VAL D 43 36.69 -2.77 -0.13
N LYS D 44 37.31 -3.05 -1.26
CA LYS D 44 38.76 -3.14 -1.30
C LYS D 44 39.41 -1.75 -1.14
N ASN D 45 38.68 -0.70 -1.49
CA ASN D 45 39.19 0.65 -1.30
C ASN D 45 39.10 1.12 0.15
N GLY D 46 38.35 0.40 0.97
CA GLY D 46 38.19 0.78 2.36
C GLY D 46 37.05 1.77 2.60
N ASP D 47 36.23 2.02 1.58
CA ASP D 47 35.08 2.93 1.72
C ASP D 47 34.11 2.56 2.84
N PHE D 48 34.09 1.29 3.24
CA PHE D 48 33.24 0.83 4.33
C PHE D 48 34.06 0.42 5.55
N GLY D 49 35.28 0.95 5.65
CA GLY D 49 36.18 0.58 6.73
C GLY D 49 37.19 -0.46 6.28
N ASP D 50 38.20 -0.67 7.11
CA ASP D 50 39.28 -1.59 6.77
C ASP D 50 38.82 -3.04 6.80
N LYS D 51 38.84 -3.69 5.63
CA LYS D 51 38.46 -5.09 5.54
C LYS D 51 39.59 -5.95 4.96
N THR D 52 40.82 -5.48 5.14
CA THR D 52 42.01 -6.24 4.76
C THR D 52 41.85 -7.71 5.16
N GLY D 53 42.14 -8.62 4.23
CA GLY D 53 42.09 -10.04 4.55
C GLY D 53 40.83 -10.77 4.08
N VAL D 54 39.75 -10.03 3.81
CA VAL D 54 38.52 -10.69 3.39
C VAL D 54 38.63 -11.17 1.94
N ILE D 55 37.98 -12.29 1.64
CA ILE D 55 37.81 -12.73 0.25
C ILE D 55 36.62 -11.96 -0.33
N LEU D 56 36.81 -11.36 -1.51
CA LEU D 56 35.76 -10.59 -2.17
C LEU D 56 34.70 -11.47 -2.83
N GLY D 57 33.69 -10.84 -3.42
CA GLY D 57 32.77 -11.55 -4.29
C GLY D 57 31.42 -11.92 -3.70
N HIS D 58 30.36 -11.41 -4.35
CA HIS D 58 28.99 -11.77 -3.97
C HIS D 58 28.11 -11.79 -5.21
N GLU D 59 28.71 -12.12 -6.34
CA GLU D 59 27.96 -12.52 -7.53
C GLU D 59 28.41 -13.93 -7.92
N GLY D 60 28.43 -14.82 -6.94
CA GLY D 60 29.01 -16.13 -7.14
C GLY D 60 28.02 -17.20 -7.52
N ILE D 61 28.42 -18.05 -8.46
CA ILE D 61 27.65 -19.22 -8.85
C ILE D 61 28.56 -20.44 -8.71
N GLY D 62 28.10 -21.43 -7.95
CA GLY D 62 28.89 -22.63 -7.74
C GLY D 62 28.05 -23.89 -7.67
N VAL D 63 28.73 -25.03 -7.71
CA VAL D 63 28.09 -26.33 -7.58
C VAL D 63 28.36 -26.87 -6.20
N VAL D 64 27.31 -27.34 -5.52
CA VAL D 64 27.49 -27.89 -4.18
C VAL D 64 28.35 -29.16 -4.25
N ALA D 65 29.50 -29.13 -3.56
CA ALA D 65 30.41 -30.28 -3.52
C ALA D 65 30.16 -31.13 -2.28
N GLU D 66 29.75 -30.47 -1.20
CA GLU D 66 29.56 -31.13 0.09
C GLU D 66 28.55 -30.32 0.89
N VAL D 67 27.71 -31.02 1.67
CA VAL D 67 26.84 -30.33 2.63
C VAL D 67 27.19 -30.75 4.06
N GLY D 68 26.99 -29.83 5.00
CA GLY D 68 27.27 -30.11 6.40
C GLY D 68 26.10 -30.78 7.09
N PRO D 69 26.22 -31.00 8.41
CA PRO D 69 25.16 -31.60 9.23
C PRO D 69 23.86 -30.83 9.12
N GLY D 70 22.75 -31.56 8.99
CA GLY D 70 21.43 -30.96 9.04
C GLY D 70 20.94 -30.28 7.77
N VAL D 71 21.77 -30.27 6.73
CA VAL D 71 21.40 -29.57 5.50
C VAL D 71 20.45 -30.41 4.66
N THR D 72 19.30 -29.84 4.34
CA THR D 72 18.33 -30.50 3.47
C THR D 72 17.94 -29.59 2.30
N SER D 73 18.26 -28.30 2.41
CA SER D 73 17.83 -27.33 1.41
C SER D 73 18.66 -27.41 0.14
N LEU D 74 19.84 -28.02 0.25
CA LEU D 74 20.77 -28.19 -0.86
C LEU D 74 21.34 -29.60 -0.80
N LYS D 75 21.78 -30.09 -1.94
CA LYS D 75 22.43 -31.39 -2.01
C LYS D 75 23.56 -31.30 -3.05
N PRO D 76 24.54 -32.21 -2.95
CA PRO D 76 25.66 -32.21 -3.90
C PRO D 76 25.16 -32.24 -5.35
N GLY D 77 25.75 -31.39 -6.19
CA GLY D 77 25.32 -31.30 -7.57
C GLY D 77 24.43 -30.08 -7.85
N ASP D 78 23.82 -29.52 -6.81
CA ASP D 78 22.98 -28.34 -6.99
C ASP D 78 23.81 -27.13 -7.42
N ARG D 79 23.24 -26.27 -8.27
CA ARG D 79 23.87 -24.97 -8.52
C ARG D 79 23.19 -23.92 -7.66
N ALA D 80 24.00 -23.22 -6.89
CA ALA D 80 23.51 -22.23 -5.94
C ALA D 80 24.36 -20.97 -5.98
N SER D 81 23.87 -19.91 -5.33
CA SER D 81 24.46 -18.60 -5.50
C SER D 81 25.07 -18.07 -4.21
N VAL D 82 26.02 -17.15 -4.36
CA VAL D 82 26.60 -16.44 -3.24
C VAL D 82 26.37 -14.97 -3.51
N ALA D 83 25.37 -14.40 -2.83
CA ALA D 83 24.93 -13.02 -3.04
C ALA D 83 25.35 -12.14 -1.88
N TRP D 84 25.19 -10.82 -2.02
CA TRP D 84 25.43 -9.89 -0.93
C TRP D 84 24.67 -10.32 0.34
N PHE D 85 23.39 -10.64 0.18
CA PHE D 85 22.62 -11.16 1.29
C PHE D 85 22.98 -12.63 1.52
N TYR D 86 24.00 -12.86 2.34
CA TYR D 86 24.56 -14.19 2.54
C TYR D 86 23.82 -14.93 3.67
N GLU D 87 23.42 -14.19 4.70
CA GLU D 87 22.63 -14.77 5.78
C GLU D 87 21.93 -13.67 6.58
N GLY D 88 20.68 -13.92 6.95
CA GLY D 88 19.94 -13.07 7.86
C GLY D 88 19.54 -13.88 9.09
N CYS D 89 19.09 -13.21 10.13
CA CYS D 89 18.80 -13.92 11.38
C CYS D 89 17.52 -14.77 11.29
N GLY D 90 16.57 -14.37 10.44
CA GLY D 90 15.36 -15.15 10.23
C GLY D 90 14.20 -14.87 11.18
N HIS D 91 14.48 -14.19 12.28
CA HIS D 91 13.47 -13.93 13.31
C HIS D 91 13.70 -12.54 13.91
N CYS D 92 13.25 -11.52 13.21
CA CYS D 92 13.32 -10.15 13.71
C CYS D 92 12.30 -9.32 12.94
N GLU D 93 12.18 -8.05 13.32
CA GLU D 93 11.21 -7.15 12.71
C GLU D 93 11.42 -7.01 11.19
N TYR D 94 12.65 -7.17 10.71
CA TYR D 94 12.92 -7.07 9.28
C TYR D 94 12.75 -8.39 8.55
N CYS D 95 13.28 -9.45 9.14
CA CYS D 95 13.21 -10.75 8.48
C CYS D 95 11.77 -11.25 8.35
N ASN D 96 10.92 -11.01 9.35
CA ASN D 96 9.55 -11.54 9.35
C ASN D 96 8.52 -10.66 8.65
N SER D 97 8.92 -9.47 8.23
CA SER D 97 7.98 -8.53 7.62
C SER D 97 8.23 -8.36 6.12
N GLY D 98 9.06 -9.23 5.54
CA GLY D 98 9.37 -9.11 4.13
C GLY D 98 10.54 -8.20 3.80
N ASN D 99 11.25 -7.75 4.83
CA ASN D 99 12.38 -6.82 4.65
C ASN D 99 13.72 -7.43 5.08
N GLU D 100 13.94 -8.70 4.78
CA GLU D 100 15.11 -9.39 5.36
C GLU D 100 16.48 -8.81 5.02
N THR D 101 16.62 -8.08 3.91
CA THR D 101 17.96 -7.55 3.59
C THR D 101 18.41 -6.48 4.56
N LEU D 102 17.45 -5.93 5.31
CA LEU D 102 17.74 -4.92 6.31
C LEU D 102 18.05 -5.50 7.68
N CYS D 103 18.04 -6.83 7.81
CA CYS D 103 18.38 -7.48 9.08
C CYS D 103 19.66 -6.86 9.67
N ARG D 104 19.62 -6.51 10.96
CA ARG D 104 20.73 -5.82 11.60
C ARG D 104 21.83 -6.81 11.97
N SER D 105 21.53 -8.10 11.84
CA SER D 105 22.51 -9.18 12.03
C SER D 105 22.99 -9.78 10.72
N VAL D 106 22.73 -9.10 9.60
CA VAL D 106 23.06 -9.64 8.29
C VAL D 106 24.56 -9.96 8.15
N LYS D 107 24.88 -11.00 7.40
CA LYS D 107 26.25 -11.25 6.98
C LYS D 107 26.30 -11.00 5.49
N ASN D 108 27.30 -10.24 5.06
CA ASN D 108 27.40 -9.85 3.66
C ASN D 108 28.61 -10.45 2.99
N ALA D 109 28.39 -11.27 1.98
CA ALA D 109 29.49 -11.95 1.30
C ALA D 109 30.44 -10.95 0.64
N GLY D 110 31.75 -11.16 0.81
CA GLY D 110 32.72 -10.25 0.25
C GLY D 110 32.89 -8.98 1.07
N TYR D 111 32.34 -8.98 2.29
CA TYR D 111 32.46 -7.82 3.17
C TYR D 111 32.63 -8.21 4.62
N SER D 112 31.59 -8.82 5.22
CA SER D 112 31.69 -9.27 6.60
C SER D 112 31.83 -10.79 6.75
N VAL D 113 31.93 -11.49 5.62
CA VAL D 113 32.19 -12.92 5.61
C VAL D 113 32.83 -13.19 4.26
N ASP D 114 33.71 -14.20 4.17
CA ASP D 114 34.40 -14.50 2.93
C ASP D 114 33.42 -14.72 1.78
N GLY D 115 33.68 -14.07 0.65
CA GLY D 115 32.78 -14.13 -0.49
C GLY D 115 33.11 -15.19 -1.51
N GLY D 116 32.51 -15.05 -2.68
CA GLY D 116 32.56 -16.08 -3.71
C GLY D 116 33.56 -15.86 -4.83
N MET D 117 34.43 -14.87 -4.69
CA MET D 117 35.46 -14.65 -5.71
C MET D 117 36.67 -15.51 -5.38
N ALA D 118 36.46 -16.82 -5.44
CA ALA D 118 37.47 -17.82 -5.09
C ALA D 118 37.05 -19.14 -5.71
N GLU D 119 37.96 -20.09 -5.76
CA GLU D 119 37.63 -21.40 -6.35
C GLU D 119 36.63 -22.19 -5.52
N GLU D 120 36.59 -21.90 -4.21
CA GLU D 120 35.67 -22.57 -3.30
C GLU D 120 35.05 -21.53 -2.39
N CYS D 121 33.83 -21.79 -1.94
CA CYS D 121 33.17 -20.88 -1.02
C CYS D 121 32.24 -21.64 -0.08
N ILE D 122 32.37 -21.36 1.21
CA ILE D 122 31.45 -21.92 2.21
C ILE D 122 30.19 -21.05 2.31
N VAL D 123 29.02 -21.65 2.16
CA VAL D 123 27.77 -20.91 2.25
C VAL D 123 26.88 -21.44 3.36
N VAL D 124 25.91 -20.61 3.77
CA VAL D 124 24.85 -21.05 4.65
C VAL D 124 23.72 -21.54 3.75
N ALA D 125 23.48 -22.85 3.78
CA ALA D 125 22.65 -23.53 2.77
C ALA D 125 21.27 -22.95 2.56
N ASP D 126 20.58 -22.58 3.63
CA ASP D 126 19.22 -22.07 3.53
C ASP D 126 19.16 -20.69 2.86
N TYR D 127 20.32 -20.03 2.74
CA TYR D 127 20.38 -18.68 2.17
C TYR D 127 21.10 -18.62 0.83
N ALA D 128 21.55 -19.77 0.35
CA ALA D 128 22.21 -19.84 -0.96
C ALA D 128 21.17 -20.23 -1.98
N VAL D 129 20.51 -19.24 -2.58
CA VAL D 129 19.40 -19.47 -3.48
C VAL D 129 19.84 -20.27 -4.71
N LYS D 130 19.03 -21.27 -5.08
CA LYS D 130 19.35 -22.13 -6.22
C LYS D 130 19.17 -21.40 -7.54
N VAL D 131 19.99 -21.77 -8.53
CA VAL D 131 19.88 -21.16 -9.85
C VAL D 131 18.99 -22.04 -10.72
N PRO D 132 18.02 -21.43 -11.44
CA PRO D 132 17.15 -22.25 -12.29
C PRO D 132 17.92 -22.90 -13.45
N ASP D 133 17.49 -24.10 -13.88
CA ASP D 133 18.21 -24.87 -14.88
C ASP D 133 18.38 -24.18 -16.24
N GLY D 134 17.42 -23.34 -16.63
CA GLY D 134 17.47 -22.71 -17.94
C GLY D 134 18.39 -21.48 -18.05
N LEU D 135 19.14 -21.19 -17.00
CA LEU D 135 19.96 -19.98 -16.95
C LEU D 135 21.45 -20.32 -16.89
N ASP D 136 22.21 -19.86 -17.87
CA ASP D 136 23.66 -20.11 -17.88
CA ASP D 136 23.65 -20.13 -17.87
C ASP D 136 24.33 -19.42 -16.69
N SER D 137 25.40 -20.04 -16.18
CA SER D 137 26.07 -19.59 -14.97
C SER D 137 26.65 -18.18 -15.03
N ALA D 138 27.21 -17.79 -16.17
CA ALA D 138 27.77 -16.45 -16.29
C ALA D 138 26.66 -15.40 -16.18
N ALA D 139 25.58 -15.62 -16.92
CA ALA D 139 24.41 -14.75 -16.85
C ALA D 139 23.88 -14.71 -15.42
N ALA D 140 23.81 -15.88 -14.80
CA ALA D 140 23.28 -15.99 -13.45
C ALA D 140 24.11 -15.20 -12.44
N SER D 141 25.42 -15.12 -12.66
CA SER D 141 26.27 -14.38 -11.75
C SER D 141 25.85 -12.91 -11.67
N SER D 142 25.52 -12.31 -12.82
CA SER D 142 25.08 -10.92 -12.83
C SER D 142 23.73 -10.72 -12.15
N ILE D 143 22.83 -11.69 -12.26
CA ILE D 143 21.53 -11.54 -11.62
C ILE D 143 21.71 -11.58 -10.09
N THR D 144 22.78 -12.24 -9.65
CA THR D 144 23.03 -12.48 -8.23
C THR D 144 23.25 -11.19 -7.41
N CYS D 145 23.67 -10.12 -8.07
CA CYS D 145 23.66 -8.81 -7.42
C CYS D 145 23.11 -7.72 -8.33
N ALA D 146 23.75 -7.48 -9.48
CA ALA D 146 23.33 -6.42 -10.41
C ALA D 146 21.85 -6.55 -10.79
N GLY D 147 21.46 -7.79 -11.11
CA GLY D 147 20.10 -8.09 -11.51
C GLY D 147 19.05 -7.97 -10.40
N VAL D 148 19.22 -8.73 -9.32
CA VAL D 148 18.24 -8.71 -8.22
C VAL D 148 18.11 -7.31 -7.64
N THR D 149 19.22 -6.60 -7.49
CA THR D 149 19.22 -5.25 -6.94
C THR D 149 18.37 -4.29 -7.77
N THR D 150 18.53 -4.33 -9.09
CA THR D 150 17.82 -3.39 -9.95
C THR D 150 16.38 -3.86 -10.20
N TYR D 151 16.17 -5.17 -10.27
CA TYR D 151 14.81 -5.71 -10.29
C TYR D 151 14.02 -5.15 -9.10
N LYS D 152 14.61 -5.30 -7.91
CA LYS D 152 13.97 -4.82 -6.68
C LYS D 152 13.81 -3.29 -6.66
N ALA D 153 14.85 -2.58 -7.07
CA ALA D 153 14.82 -1.11 -7.09
C ALA D 153 13.70 -0.57 -7.96
N VAL D 154 13.54 -1.15 -9.14
CA VAL D 154 12.44 -0.74 -10.02
C VAL D 154 11.08 -1.10 -9.41
N LYS D 155 11.01 -2.27 -8.79
CA LYS D 155 9.82 -2.66 -8.06
C LYS D 155 9.51 -1.64 -6.96
N LEU D 156 10.55 -1.23 -6.24
CA LEU D 156 10.39 -0.31 -5.11
C LEU D 156 10.07 1.12 -5.60
N SER D 157 10.47 1.44 -6.81
CA SER D 157 10.25 2.78 -7.37
C SER D 157 8.75 3.07 -7.53
N LYS D 158 7.95 2.01 -7.54
CA LYS D 158 6.51 2.08 -7.80
C LYS D 158 6.17 2.59 -9.20
N ILE D 159 7.14 2.48 -10.12
CA ILE D 159 6.86 2.83 -11.51
C ILE D 159 5.73 1.94 -12.03
N ARG D 160 4.79 2.52 -12.75
CA ARG D 160 3.69 1.75 -13.30
C ARG D 160 3.91 1.63 -14.80
N PRO D 161 3.28 0.65 -15.46
CA PRO D 161 3.47 0.54 -16.92
C PRO D 161 3.15 1.85 -17.66
N GLY D 162 3.92 2.15 -18.70
CA GLY D 162 3.69 3.33 -19.51
C GLY D 162 4.27 4.60 -18.93
N GLN D 163 4.74 4.53 -17.69
CA GLN D 163 5.31 5.69 -17.01
C GLN D 163 6.80 5.86 -17.32
N TRP D 164 7.31 7.07 -17.08
CA TRP D 164 8.71 7.41 -17.33
C TRP D 164 9.61 7.18 -16.13
N ILE D 165 10.68 6.41 -16.34
CA ILE D 165 11.65 6.22 -15.28
C ILE D 165 13.05 6.66 -15.72
N ALA D 166 13.71 7.45 -14.89
CA ALA D 166 15.07 7.87 -15.16
C ALA D 166 16.07 6.96 -14.47
N ILE D 167 16.93 6.34 -15.26
CA ILE D 167 18.00 5.50 -14.71
C ILE D 167 19.36 6.21 -14.86
N TYR D 168 19.95 6.55 -13.72
CA TYR D 168 21.28 7.18 -13.68
C TYR D 168 22.37 6.12 -13.44
N GLY D 169 23.41 6.12 -14.28
CA GLY D 169 24.48 5.14 -14.17
C GLY D 169 24.09 3.90 -14.94
N LEU D 170 24.57 3.79 -16.18
CA LEU D 170 24.22 2.66 -17.03
C LEU D 170 25.35 1.60 -17.05
N GLY D 171 25.86 1.26 -15.88
CA GLY D 171 26.95 0.30 -15.78
C GLY D 171 26.41 -1.10 -15.58
N GLY D 172 27.09 -1.87 -14.74
CA GLY D 172 26.68 -3.24 -14.49
C GLY D 172 25.25 -3.35 -13.97
N LEU D 173 24.95 -2.59 -12.92
CA LEU D 173 23.59 -2.51 -12.42
C LEU D 173 22.67 -1.81 -13.43
N GLY D 174 23.11 -0.65 -13.89
CA GLY D 174 22.28 0.23 -14.70
C GLY D 174 21.77 -0.39 -15.98
N ASN D 175 22.63 -1.12 -16.68
CA ASN D 175 22.20 -1.78 -17.90
C ASN D 175 21.10 -2.81 -17.61
N LEU D 176 21.20 -3.49 -16.47
CA LEU D 176 20.15 -4.45 -16.11
C LEU D 176 18.89 -3.76 -15.59
N ALA D 177 19.06 -2.62 -14.91
CA ALA D 177 17.93 -1.80 -14.49
C ALA D 177 17.14 -1.36 -15.71
N LEU D 178 17.84 -0.98 -16.78
CA LEU D 178 17.18 -0.61 -18.03
C LEU D 178 16.39 -1.78 -18.57
N GLN D 179 17.01 -2.96 -18.59
CA GLN D 179 16.34 -4.14 -19.13
C GLN D 179 15.11 -4.56 -18.33
N TYR D 180 15.22 -4.53 -17.00
CA TYR D 180 14.09 -4.88 -16.15
C TYR D 180 12.98 -3.83 -16.30
N ALA D 181 13.36 -2.55 -16.26
CA ALA D 181 12.38 -1.46 -16.38
C ALA D 181 11.59 -1.55 -17.70
N LYS D 182 12.32 -1.75 -18.79
CA LYS D 182 11.74 -1.84 -20.13
C LYS D 182 10.98 -3.13 -20.37
N ASN D 183 11.66 -4.25 -20.22
CA ASN D 183 11.15 -5.53 -20.67
C ASN D 183 10.28 -6.23 -19.65
N VAL D 184 10.38 -5.83 -18.39
CA VAL D 184 9.65 -6.52 -17.34
C VAL D 184 8.53 -5.63 -16.77
N PHE D 185 8.86 -4.37 -16.45
CA PHE D 185 7.87 -3.47 -15.86
C PHE D 185 7.18 -2.57 -16.89
N ASN D 186 7.61 -2.69 -18.15
CA ASN D 186 6.97 -1.96 -19.23
CA ASN D 186 7.02 -1.94 -19.26
C ASN D 186 6.98 -0.44 -19.06
N ALA D 187 8.10 0.10 -18.56
CA ALA D 187 8.25 1.53 -18.36
C ALA D 187 8.87 2.16 -19.60
N LYS D 188 8.79 3.48 -19.70
CA LYS D 188 9.57 4.22 -20.68
C LYS D 188 10.81 4.69 -19.95
N VAL D 189 11.97 4.59 -20.58
CA VAL D 189 13.23 4.81 -19.86
C VAL D 189 14.07 5.95 -20.39
N ILE D 190 14.52 6.81 -19.49
CA ILE D 190 15.58 7.74 -19.81
C ILE D 190 16.87 7.19 -19.22
N ALA D 191 17.86 6.94 -20.07
CA ALA D 191 19.17 6.47 -19.62
C ALA D 191 20.12 7.66 -19.45
N ILE D 192 20.74 7.79 -18.28
CA ILE D 192 21.61 8.92 -17.99
C ILE D 192 22.98 8.46 -17.46
N ASP D 193 24.05 8.97 -18.07
CA ASP D 193 25.41 8.59 -17.66
C ASP D 193 26.39 9.68 -18.13
N VAL D 194 27.63 9.63 -17.65
CA VAL D 194 28.66 10.56 -18.12
C VAL D 194 29.46 9.95 -19.26
N ASN D 195 29.19 8.68 -19.53
CA ASN D 195 29.97 7.88 -20.48
C ASN D 195 29.15 7.56 -21.73
N ASP D 196 29.54 8.14 -22.86
CA ASP D 196 28.79 7.95 -24.11
C ASP D 196 28.69 6.48 -24.52
N GLU D 197 29.73 5.71 -24.22
CA GLU D 197 29.74 4.29 -24.56
C GLU D 197 28.63 3.52 -23.83
N GLN D 198 28.41 3.84 -22.56
CA GLN D 198 27.33 3.23 -21.79
C GLN D 198 26.00 3.64 -22.39
N LEU D 199 25.91 4.89 -22.83
CA LEU D 199 24.65 5.40 -23.38
C LEU D 199 24.33 4.78 -24.72
N LYS D 200 25.35 4.57 -25.55
CA LYS D 200 25.16 3.90 -26.85
C LYS D 200 24.56 2.52 -26.63
N LEU D 201 25.10 1.80 -25.66
CA LEU D 201 24.62 0.47 -25.34
C LEU D 201 23.18 0.50 -24.80
N ALA D 202 22.89 1.46 -23.94
CA ALA D 202 21.53 1.63 -23.42
C ALA D 202 20.53 1.85 -24.56
N THR D 203 20.87 2.74 -25.48
CA THR D 203 20.01 2.97 -26.63
C THR D 203 19.85 1.71 -27.47
N GLU D 204 20.95 1.00 -27.70
CA GLU D 204 20.90 -0.26 -28.45
C GLU D 204 19.94 -1.24 -27.80
N MET D 205 19.83 -1.21 -26.48
CA MET D 205 18.96 -2.14 -25.79
C MET D 205 17.58 -1.56 -25.45
N GLY D 206 17.21 -0.47 -26.11
CA GLY D 206 15.84 0.03 -26.05
C GLY D 206 15.55 1.26 -25.22
N ALA D 207 16.59 1.89 -24.65
CA ALA D 207 16.37 3.12 -23.89
C ALA D 207 15.64 4.12 -24.78
N ASP D 208 14.56 4.70 -24.26
CA ASP D 208 13.75 5.63 -25.04
C ASP D 208 14.46 6.95 -25.27
N LEU D 209 15.17 7.41 -24.25
CA LEU D 209 15.95 8.64 -24.33
C LEU D 209 17.30 8.40 -23.69
N ALA D 210 18.32 9.13 -24.13
CA ALA D 210 19.65 9.00 -23.54
C ALA D 210 20.23 10.39 -23.35
N ILE D 211 20.75 10.65 -22.16
CA ILE D 211 21.34 11.95 -21.86
C ILE D 211 22.71 11.77 -21.23
N ASN D 212 23.69 12.52 -21.75
CA ASN D 212 25.00 12.61 -21.11
C ASN D 212 24.99 13.76 -20.09
N SER D 213 25.01 13.40 -18.82
CA SER D 213 24.84 14.35 -17.73
C SER D 213 26.08 15.22 -17.51
N HIS D 214 27.18 14.91 -18.18
CA HIS D 214 28.36 15.75 -18.12
C HIS D 214 28.22 16.92 -19.08
N THR D 215 27.72 16.65 -20.28
CA THR D 215 27.60 17.68 -21.30
C THR D 215 26.23 18.38 -21.31
N GLU D 216 25.25 17.76 -20.66
CA GLU D 216 23.89 18.31 -20.64
C GLU D 216 23.33 18.44 -19.24
N ASP D 217 22.37 19.36 -19.07
CA ASP D 217 21.61 19.49 -17.84
C ASP D 217 20.55 18.39 -17.87
N ALA D 218 20.83 17.25 -17.24
CA ALA D 218 19.97 16.08 -17.35
C ALA D 218 18.54 16.35 -16.87
N ALA D 219 18.40 16.91 -15.68
CA ALA D 219 17.08 17.16 -15.13
C ALA D 219 16.26 18.08 -16.03
N LYS D 220 16.91 19.11 -16.56
CA LYS D 220 16.24 20.06 -17.44
C LYS D 220 15.72 19.39 -18.70
N ILE D 221 16.53 18.50 -19.28
CA ILE D 221 16.13 17.75 -20.46
C ILE D 221 14.99 16.76 -20.15
N VAL D 222 15.08 16.07 -19.01
CA VAL D 222 14.03 15.15 -18.60
C VAL D 222 12.70 15.90 -18.45
N GLN D 223 12.74 17.04 -17.77
CA GLN D 223 11.53 17.83 -17.54
C GLN D 223 10.92 18.26 -18.86
N GLU D 224 11.76 18.75 -19.76
CA GLU D 224 11.29 19.24 -21.05
C GLU D 224 10.72 18.13 -21.92
N LYS D 225 11.41 16.99 -21.99
CA LYS D 225 10.97 15.94 -22.90
C LYS D 225 9.84 15.06 -22.37
N THR D 226 9.74 14.90 -21.06
CA THR D 226 8.77 13.94 -20.52
C THR D 226 7.77 14.54 -19.53
N GLY D 227 7.99 15.80 -19.14
CA GLY D 227 7.19 16.43 -18.11
C GLY D 227 7.65 16.04 -16.72
N GLY D 228 8.81 15.41 -16.63
CA GLY D 228 9.30 14.93 -15.36
C GLY D 228 9.10 13.42 -15.25
N ALA D 229 10.14 12.71 -14.84
CA ALA D 229 10.05 11.25 -14.69
C ALA D 229 9.15 10.90 -13.53
N HIS D 230 8.33 9.86 -13.69
CA HIS D 230 7.50 9.40 -12.58
C HIS D 230 8.33 8.83 -11.45
N ALA D 231 9.51 8.31 -11.82
CA ALA D 231 10.43 7.74 -10.85
C ALA D 231 11.88 7.81 -11.34
N ALA D 232 12.82 7.60 -10.42
CA ALA D 232 14.22 7.48 -10.81
C ALA D 232 14.92 6.37 -10.03
N VAL D 233 15.86 5.68 -10.68
CA VAL D 233 16.71 4.71 -10.01
C VAL D 233 18.16 5.13 -10.19
N VAL D 234 18.85 5.44 -9.09
CA VAL D 234 20.20 5.97 -9.20
C VAL D 234 21.24 4.91 -8.85
N THR D 235 21.88 4.37 -9.88
CA THR D 235 22.90 3.33 -9.71
C THR D 235 24.28 3.88 -10.04
N ALA D 236 24.43 5.19 -9.97
CA ALA D 236 25.69 5.84 -10.32
C ALA D 236 26.64 5.84 -9.13
N VAL D 237 27.91 6.09 -9.40
CA VAL D 237 28.91 6.07 -8.33
C VAL D 237 29.41 7.47 -7.99
N ALA D 238 28.57 8.47 -8.21
CA ALA D 238 28.89 9.86 -7.88
C ALA D 238 27.67 10.58 -7.36
N LYS D 239 27.87 11.46 -6.38
CA LYS D 239 26.76 12.20 -5.76
C LYS D 239 25.96 13.09 -6.72
N ALA D 240 26.61 13.59 -7.77
CA ALA D 240 25.93 14.45 -8.75
C ALA D 240 24.69 13.79 -9.40
N ALA D 241 24.68 12.48 -9.47
CA ALA D 241 23.55 11.77 -10.07
C ALA D 241 22.35 11.73 -9.11
N PHE D 242 22.65 11.54 -7.83
CA PHE D 242 21.61 11.55 -6.81
C PHE D 242 21.00 12.95 -6.72
N ASN D 243 21.85 13.97 -6.72
CA ASN D 243 21.38 15.36 -6.72
C ASN D 243 20.54 15.69 -7.95
N SER D 244 20.95 15.19 -9.11
CA SER D 244 20.23 15.47 -10.35
C SER D 244 18.86 14.80 -10.38
N ALA D 245 18.80 13.55 -9.90
CA ALA D 245 17.57 12.79 -9.91
C ALA D 245 16.41 13.53 -9.22
N VAL D 246 16.72 14.21 -8.12
CA VAL D 246 15.75 14.98 -7.34
C VAL D 246 15.03 16.02 -8.19
N ASP D 247 15.75 16.58 -9.16
CA ASP D 247 15.19 17.59 -10.04
C ASP D 247 14.61 16.99 -11.32
N ALA D 248 14.89 15.73 -11.56
CA ALA D 248 14.46 15.09 -12.80
C ALA D 248 13.03 14.53 -12.72
N VAL D 249 12.57 14.22 -11.50
CA VAL D 249 11.25 13.62 -11.31
C VAL D 249 10.11 14.68 -11.30
N ARG D 250 8.89 14.26 -11.61
CA ARG D 250 7.75 15.17 -11.50
C ARG D 250 7.32 15.17 -10.03
N ALA D 251 6.41 16.08 -9.68
CA ALA D 251 5.87 16.13 -8.32
C ALA D 251 5.30 14.77 -7.92
N GLY D 252 5.46 14.41 -6.66
CA GLY D 252 5.00 13.10 -6.18
C GLY D 252 5.91 11.96 -6.61
N GLY D 253 6.96 12.27 -7.36
CA GLY D 253 7.87 11.27 -7.90
C GLY D 253 8.82 10.66 -6.87
N ARG D 254 9.28 9.44 -7.15
CA ARG D 254 10.13 8.72 -6.20
C ARG D 254 11.53 8.49 -6.77
N VAL D 255 12.53 8.89 -6.00
CA VAL D 255 13.93 8.60 -6.34
C VAL D 255 14.42 7.43 -5.50
N VAL D 256 14.84 6.37 -6.17
CA VAL D 256 15.38 5.20 -5.48
C VAL D 256 16.92 5.25 -5.52
N ALA D 257 17.55 5.38 -4.36
CA ALA D 257 19.00 5.43 -4.25
C ALA D 257 19.54 4.01 -4.13
N VAL D 258 20.43 3.65 -5.05
CA VAL D 258 21.02 2.31 -5.05
C VAL D 258 22.56 2.34 -4.94
N GLY D 259 23.19 3.27 -5.67
CA GLY D 259 24.64 3.39 -5.67
C GLY D 259 25.20 3.76 -4.32
N LEU D 260 26.46 3.41 -4.09
CA LEU D 260 27.07 3.56 -2.77
C LEU D 260 28.33 4.45 -2.74
N PRO D 261 28.31 5.61 -3.42
CA PRO D 261 29.51 6.44 -3.28
C PRO D 261 29.63 6.93 -1.83
N PRO D 262 30.87 7.03 -1.32
CA PRO D 262 31.06 7.46 0.07
C PRO D 262 30.93 8.98 0.17
N GLU D 263 29.74 9.48 -0.14
CA GLU D 263 29.47 10.91 -0.26
C GLU D 263 28.08 11.20 0.29
N SER D 264 27.68 12.48 0.23
CA SER D 264 26.35 12.88 0.66
C SER D 264 25.61 13.53 -0.50
N MET D 265 24.29 13.35 -0.56
CA MET D 265 23.48 14.06 -1.56
C MET D 265 22.82 15.26 -0.89
N SER D 266 22.49 16.26 -1.70
CA SER D 266 21.83 17.45 -1.20
C SER D 266 20.40 17.48 -1.70
N LEU D 267 19.50 17.89 -0.83
CA LEU D 267 18.07 17.84 -1.10
C LEU D 267 17.46 19.17 -0.69
N ASP D 268 17.12 20.01 -1.65
CA ASP D 268 16.45 21.29 -1.37
C ASP D 268 15.12 21.00 -0.67
N ILE D 269 14.94 21.60 0.51
CA ILE D 269 13.78 21.27 1.33
C ILE D 269 12.45 21.77 0.75
N PRO D 270 12.37 23.04 0.29
CA PRO D 270 11.11 23.45 -0.37
C PRO D 270 10.74 22.59 -1.58
N ARG D 271 11.73 22.18 -2.36
CA ARG D 271 11.48 21.25 -3.46
C ARG D 271 10.90 19.92 -2.93
N LEU D 272 11.57 19.35 -1.95
CA LEU D 272 11.13 18.09 -1.34
C LEU D 272 9.67 18.16 -0.85
N VAL D 273 9.33 19.25 -0.17
CA VAL D 273 8.03 19.39 0.46
C VAL D 273 6.93 19.85 -0.50
N LEU D 274 7.15 20.97 -1.17
CA LEU D 274 6.10 21.57 -2.00
C LEU D 274 5.79 20.76 -3.26
N ASP D 275 6.71 19.86 -3.63
CA ASP D 275 6.48 19.00 -4.79
C ASP D 275 6.35 17.53 -4.37
N GLY D 276 6.28 17.29 -3.07
CA GLY D 276 5.98 15.96 -2.54
C GLY D 276 6.90 14.86 -3.07
N ILE D 277 8.19 15.16 -3.13
CA ILE D 277 9.19 14.23 -3.62
C ILE D 277 9.43 13.11 -2.59
N GLU D 278 9.79 11.93 -3.07
CA GLU D 278 10.19 10.82 -2.21
C GLU D 278 11.59 10.35 -2.56
N VAL D 279 12.41 10.12 -1.54
CA VAL D 279 13.76 9.58 -1.74
C VAL D 279 13.91 8.36 -0.84
N VAL D 280 14.21 7.21 -1.43
CA VAL D 280 14.27 5.97 -0.65
C VAL D 280 15.49 5.13 -1.04
N GLY D 281 16.12 4.52 -0.05
CA GLY D 281 17.25 3.64 -0.31
C GLY D 281 16.76 2.21 -0.55
N SER D 282 17.36 1.52 -1.51
CA SER D 282 17.04 0.10 -1.78
C SER D 282 18.29 -0.77 -1.63
N LEU D 283 18.14 -1.91 -0.95
CA LEU D 283 19.29 -2.77 -0.59
C LEU D 283 19.08 -4.19 -1.11
N VAL D 284 19.80 -4.52 -2.19
CA VAL D 284 19.72 -5.80 -2.89
C VAL D 284 18.28 -6.33 -3.01
N GLY D 285 18.06 -7.60 -2.74
CA GLY D 285 16.71 -8.15 -2.77
C GLY D 285 16.59 -9.32 -1.81
N THR D 286 15.35 -9.67 -1.43
CA THR D 286 15.12 -10.82 -0.57
C THR D 286 15.37 -12.07 -1.39
N ARG D 287 15.41 -13.23 -0.72
CA ARG D 287 15.56 -14.49 -1.43
C ARG D 287 14.47 -14.69 -2.48
N GLN D 288 13.25 -14.27 -2.17
CA GLN D 288 12.18 -14.33 -3.15
C GLN D 288 12.43 -13.36 -4.31
N ASP D 289 12.91 -12.15 -4.01
CA ASP D 289 13.28 -11.21 -5.09
C ASP D 289 14.30 -11.83 -6.04
N LEU D 290 15.30 -12.52 -5.48
CA LEU D 290 16.36 -13.13 -6.28
C LEU D 290 15.80 -14.25 -7.14
N THR D 291 14.99 -15.11 -6.52
CA THR D 291 14.30 -16.19 -7.23
C THR D 291 13.53 -15.67 -8.44
N GLU D 292 12.82 -14.56 -8.26
CA GLU D 292 12.03 -13.97 -9.34
C GLU D 292 12.95 -13.36 -10.40
N ALA D 293 13.97 -12.65 -9.94
CA ALA D 293 14.91 -12.03 -10.85
C ALA D 293 15.59 -13.08 -11.72
N PHE D 294 15.97 -14.21 -11.11
CA PHE D 294 16.58 -15.33 -11.85
C PHE D 294 15.63 -15.82 -12.94
N GLN D 295 14.35 -15.97 -12.57
CA GLN D 295 13.38 -16.52 -13.51
C GLN D 295 13.23 -15.66 -14.78
N PHE D 296 13.19 -14.34 -14.61
CA PHE D 296 13.15 -13.43 -15.75
C PHE D 296 14.34 -13.63 -16.70
N ALA D 297 15.54 -13.81 -16.14
CA ALA D 297 16.71 -14.06 -16.95
C ALA D 297 16.64 -15.44 -17.59
N ALA D 298 16.15 -16.43 -16.83
CA ALA D 298 16.02 -17.78 -17.36
C ALA D 298 15.08 -17.80 -18.56
N GLU D 299 14.08 -16.92 -18.53
CA GLU D 299 13.13 -16.83 -19.63
C GLU D 299 13.55 -15.82 -20.71
N GLY D 300 14.73 -15.23 -20.56
CA GLY D 300 15.25 -14.35 -21.59
C GLY D 300 14.68 -12.94 -21.61
N LYS D 301 13.93 -12.56 -20.58
CA LYS D 301 13.36 -11.21 -20.52
C LYS D 301 14.43 -10.15 -20.24
N VAL D 302 15.50 -10.55 -19.57
CA VAL D 302 16.71 -9.75 -19.49
C VAL D 302 17.88 -10.64 -19.87
N VAL D 303 18.91 -10.02 -20.44
CA VAL D 303 20.09 -10.74 -20.91
C VAL D 303 21.33 -9.99 -20.44
N PRO D 304 21.95 -10.47 -19.35
CA PRO D 304 23.12 -9.75 -18.83
C PRO D 304 24.24 -9.72 -19.85
N LYS D 305 24.89 -8.56 -20.00
CA LYS D 305 26.08 -8.47 -20.85
C LYS D 305 27.30 -8.80 -20.00
N VAL D 306 27.99 -9.88 -20.38
CA VAL D 306 29.09 -10.41 -19.57
C VAL D 306 30.32 -10.67 -20.42
N ALA D 307 31.48 -10.56 -19.80
CA ALA D 307 32.74 -10.97 -20.41
C ALA D 307 33.54 -11.78 -19.38
N LEU D 308 34.03 -12.94 -19.81
CA LEU D 308 34.73 -13.87 -18.94
C LEU D 308 36.20 -13.47 -18.78
N ARG D 309 36.69 -13.51 -17.54
CA ARG D 309 38.09 -13.17 -17.25
C ARG D 309 38.65 -14.17 -16.26
N PRO D 310 39.98 -14.43 -16.32
CA PRO D 310 40.63 -15.28 -15.31
C PRO D 310 40.80 -14.52 -14.00
N LEU D 311 40.98 -15.26 -12.89
CA LEU D 311 41.09 -14.62 -11.57
C LEU D 311 42.29 -13.68 -11.51
N ALA D 312 43.35 -14.05 -12.23
CA ALA D 312 44.56 -13.24 -12.30
C ALA D 312 44.32 -11.82 -12.81
N ASP D 313 43.22 -11.60 -13.53
CA ASP D 313 42.94 -10.27 -14.11
C ASP D 313 42.25 -9.33 -13.15
N ILE D 314 42.03 -9.75 -11.92
CA ILE D 314 41.15 -9.02 -11.01
C ILE D 314 41.58 -7.57 -10.80
N ASN D 315 42.87 -7.34 -10.54
CA ASN D 315 43.35 -5.96 -10.38
C ASN D 315 43.19 -5.11 -11.65
N THR D 316 43.46 -5.70 -12.81
CA THR D 316 43.28 -5.02 -14.07
C THR D 316 41.80 -4.66 -14.27
N ILE D 317 40.92 -5.59 -13.91
CA ILE D 317 39.48 -5.36 -14.00
C ILE D 317 39.04 -4.18 -13.15
N PHE D 318 39.54 -4.10 -11.92
CA PHE D 318 39.20 -2.98 -11.06
C PHE D 318 39.67 -1.65 -11.67
N THR D 319 40.81 -1.66 -12.35
CA THR D 319 41.28 -0.46 -13.03
C THR D 319 40.32 -0.07 -14.17
N GLU D 320 39.91 -1.07 -14.94
CA GLU D 320 38.95 -0.85 -16.02
C GLU D 320 37.65 -0.28 -15.45
N MET D 321 37.20 -0.84 -14.33
CA MET D 321 36.02 -0.35 -13.64
C MET D 321 36.15 1.12 -13.26
N GLU D 322 37.25 1.45 -12.57
CA GLU D 322 37.55 2.84 -12.18
C GLU D 322 37.47 3.81 -13.35
N GLU D 323 37.91 3.34 -14.51
CA GLU D 323 38.05 4.19 -15.69
C GLU D 323 36.81 4.20 -16.57
N GLY D 324 35.78 3.46 -16.17
CA GLY D 324 34.52 3.45 -16.90
C GLY D 324 34.65 2.73 -18.22
N LYS D 325 35.43 1.65 -18.26
CA LYS D 325 35.71 0.97 -19.52
C LYS D 325 34.98 -0.37 -19.67
N ILE D 326 34.15 -0.73 -18.69
CA ILE D 326 33.40 -1.99 -18.75
C ILE D 326 31.98 -1.76 -19.26
N ARG D 327 31.59 -2.55 -20.27
CA ARG D 327 30.20 -2.61 -20.70
C ARG D 327 29.58 -3.82 -20.04
N GLY D 328 28.57 -3.59 -19.20
CA GLY D 328 27.96 -4.68 -18.45
C GLY D 328 28.85 -5.15 -17.31
N ARG D 329 29.09 -6.46 -17.26
CA ARG D 329 29.82 -7.07 -16.16
C ARG D 329 31.08 -7.81 -16.63
N MET D 330 32.14 -7.71 -15.85
CA MET D 330 33.27 -8.63 -15.97
C MET D 330 33.01 -9.77 -15.01
N VAL D 331 33.20 -11.00 -15.49
CA VAL D 331 32.91 -12.19 -14.72
C VAL D 331 34.16 -13.06 -14.57
N ILE D 332 34.61 -13.29 -13.33
CA ILE D 332 35.75 -14.20 -13.11
C ILE D 332 35.30 -15.63 -13.36
N ASP D 333 35.99 -16.31 -14.26
CA ASP D 333 35.60 -17.68 -14.63
C ASP D 333 36.55 -18.67 -14.01
N PHE D 334 36.01 -19.61 -13.23
CA PHE D 334 36.79 -20.67 -12.58
C PHE D 334 36.70 -22.01 -13.31
N ARG D 335 35.76 -22.12 -14.24
CA ARG D 335 35.53 -23.37 -14.95
C ARG D 335 36.71 -23.78 -15.85
N HIS D 336 36.80 -25.07 -16.14
CA HIS D 336 37.85 -25.62 -16.99
C HIS D 336 39.25 -25.18 -16.56
N ALA E 1 -29.34 1.51 -0.19
CA ALA E 1 -30.45 2.02 0.61
C ALA E 1 -30.93 1.23 1.86
N ILE E 2 -30.06 0.55 2.63
CA ILE E 2 -28.64 0.28 2.36
C ILE E 2 -28.28 -1.11 2.90
N PRO E 3 -27.67 -1.96 2.07
CA PRO E 3 -27.34 -1.76 0.64
C PRO E 3 -28.54 -1.75 -0.30
N ASN E 4 -28.27 -1.28 -1.51
CA ASN E 4 -29.20 -1.29 -2.64
C ASN E 4 -28.40 -0.80 -3.83
N PRO E 5 -27.61 -1.72 -4.44
CA PRO E 5 -26.66 -1.39 -5.50
C PRO E 5 -27.26 -0.45 -6.56
N LEU E 6 -26.61 0.70 -6.74
CA LEU E 6 -26.94 1.65 -7.81
C LEU E 6 -28.20 2.47 -7.50
N LEU E 7 -29.29 1.79 -7.20
CA LEU E 7 -30.56 2.44 -6.87
C LEU E 7 -30.45 3.30 -5.61
N GLY E 8 -29.60 2.88 -4.67
CA GLY E 8 -29.45 3.58 -3.41
C GLY E 8 -28.70 4.90 -3.52
N LEU E 9 -28.18 5.19 -4.71
CA LEU E 9 -27.32 6.35 -4.90
C LEU E 9 -28.10 7.66 -4.85
N ALA E 10 -27.46 8.69 -4.32
CA ALA E 10 -28.08 10.00 -4.13
C ALA E 10 -28.20 10.76 -5.46
PA NAD F . 6.64 27.81 14.50
O1A NAD F . 5.34 27.91 15.26
O2A NAD F . 7.42 29.10 14.47
O5B NAD F . 7.47 26.64 15.24
C5B NAD F . 8.77 26.51 14.71
C4B NAD F . 9.48 25.54 15.69
O4B NAD F . 10.72 25.09 15.12
C3B NAD F . 9.81 26.30 17.00
O3B NAD F . 9.38 25.56 18.16
C2B NAD F . 11.36 26.38 16.96
O2B NAD F . 11.89 26.35 18.28
C1B NAD F . 11.63 25.05 16.23
N9A NAD F . 13.02 24.91 15.82
C8A NAD F . 13.86 25.88 15.34
N7A NAD F . 15.04 25.36 15.11
C5A NAD F . 15.02 24.03 15.45
C6A NAD F . 15.95 22.98 15.43
N6A NAD F . 17.25 23.18 14.98
N1A NAD F . 15.55 21.77 15.85
C2A NAD F . 14.32 21.56 16.28
N3A NAD F . 13.42 22.51 16.32
C4A NAD F . 13.72 23.74 15.91
O3 NAD F . 6.48 27.42 12.93
PN NAD F . 5.24 26.51 12.40
O1N NAD F . 4.00 27.40 12.13
O2N NAD F . 4.86 25.31 13.30
O5D NAD F . 5.72 26.01 10.94
C5D NAD F . 6.93 25.26 10.96
C4D NAD F . 7.41 25.03 9.51
O4D NAD F . 6.42 24.26 8.80
C3D NAD F . 7.55 26.36 8.72
O3D NAD F . 8.66 26.25 7.84
C2D NAD F . 6.23 26.43 7.93
O2D NAD F . 6.35 27.23 6.76
C1D NAD F . 6.09 24.93 7.56
N1N NAD F . 4.74 24.50 7.20
C2N NAD F . 4.62 23.56 6.27
C3N NAD F . 3.37 23.07 5.88
C7N NAD F . 3.27 22.02 4.82
O7N NAD F . 2.23 21.77 4.23
N7N NAD F . 4.36 21.28 4.53
C4N NAD F . 2.24 23.59 6.52
C5N NAD F . 2.40 24.56 7.49
C6N NAD F . 3.68 24.99 7.82
ZN ZN G . 0.44 27.10 6.87
ZN ZN H . -5.31 19.18 -10.40
PA NAD I . -15.67 -18.36 21.03
O1A NAD I . -14.96 -17.92 22.28
O2A NAD I . -16.52 -19.59 21.25
O5B NAD I . -16.59 -17.10 20.64
C5B NAD I . -17.51 -17.39 19.59
C4B NAD I . -18.46 -16.18 19.54
O4B NAD I . -19.20 -16.19 18.32
C3B NAD I . -19.46 -16.26 20.71
O3B NAD I . -19.50 -15.04 21.46
C2B NAD I . -20.82 -16.53 19.99
O2B NAD I . -21.93 -15.96 20.68
C1B NAD I . -20.52 -15.76 18.68
N9A NAD I . -21.52 -16.03 17.65
C8A NAD I . -22.15 -17.21 17.33
N7A NAD I . -22.98 -17.01 16.35
C5A NAD I . -22.95 -15.69 15.98
C6A NAD I . -23.60 -14.89 15.03
N6A NAD I . -24.54 -15.43 14.16
N1A NAD I . -23.29 -13.60 14.96
C2A NAD I . -22.40 -13.04 15.76
N3A NAD I . -21.77 -13.75 16.68
C4A NAD I . -22.02 -15.06 16.82
O3 NAD I . -14.74 -18.74 19.74
PN NAD I . -13.31 -18.03 19.49
O1N NAD I . -12.19 -18.75 20.26
O2N NAD I . -13.29 -16.52 19.78
O5D NAD I . -12.99 -18.32 17.92
C5D NAD I . -14.02 -17.86 17.04
C4D NAD I . -13.70 -18.35 15.61
O4D NAD I . -12.41 -17.86 15.18
C3D NAD I . -13.59 -19.88 15.60
O3D NAD I . -14.19 -20.40 14.42
C2D NAD I . -12.05 -20.14 15.61
O2D NAD I . -11.74 -21.40 15.04
C1D NAD I . -11.61 -18.98 14.70
N1N NAD I . -10.22 -18.59 14.84
C2N NAD I . -9.57 -18.20 13.76
C3N NAD I . -8.24 -17.79 13.83
C7N NAD I . -7.53 -17.35 12.60
O7N NAD I . -6.32 -17.28 12.53
N7N NAD I . -8.26 -16.99 11.53
C4N NAD I . -7.60 -17.80 15.09
C5N NAD I . -8.32 -18.20 16.21
C6N NAD I . -9.65 -18.59 16.05
ZN ZN J . -6.63 -20.49 17.90
ZN ZN K . 7.46 -21.03 3.91
C1 GOL L . -17.64 -26.79 15.19
O1 GOL L . -17.33 -28.10 14.78
C2 GOL L . -19.15 -26.68 15.34
O2 GOL L . -19.74 -26.91 14.08
C3 GOL L . -19.41 -25.27 15.85
O3 GOL L . -18.23 -24.74 16.41
PA NAD M . -20.14 -9.80 -22.86
O1A NAD M . -19.45 -9.15 -24.03
O2A NAD M . -21.53 -10.28 -23.21
O5B NAD M . -19.18 -11.03 -22.46
C5B NAD M . -19.77 -11.92 -21.52
C4B NAD M . -18.80 -13.10 -21.42
O4B NAD M . -19.04 -13.86 -20.21
C3B NAD M . -19.05 -14.03 -22.62
O3B NAD M . -17.85 -14.35 -23.34
C2B NAD M . -19.64 -15.31 -21.96
O2B NAD M . -19.32 -16.48 -22.72
C1B NAD M . -18.90 -15.24 -20.59
N9A NAD M . -19.45 -16.18 -19.61
C8A NAD M . -20.77 -16.49 -19.38
N7A NAD M . -20.84 -17.40 -18.45
C5A NAD M . -19.59 -17.74 -18.03
C6A NAD M . -19.05 -18.63 -17.08
N6A NAD M . -19.86 -19.44 -16.30
N1A NAD M . -17.72 -18.69 -16.94
C2A NAD M . -16.91 -17.93 -17.67
N3A NAD M . -17.38 -17.10 -18.58
C4A NAD M . -18.68 -16.97 -18.78
O3 NAD M . -20.30 -8.84 -21.56
PN NAD M . -19.27 -7.63 -21.25
O1N NAD M . -19.64 -6.32 -21.97
O2N NAD M . -17.80 -8.05 -21.44
O5D NAD M . -19.54 -7.31 -19.68
C5D NAD M . -19.49 -8.48 -18.84
C4D NAD M . -19.93 -8.11 -17.42
O4D NAD M . -19.16 -6.98 -16.91
C3D NAD M . -21.40 -7.62 -17.45
O3D NAD M . -22.11 -8.09 -16.30
C2D NAD M . -21.26 -6.08 -17.37
O2D NAD M . -22.45 -5.48 -16.86
C1D NAD M . -20.08 -5.98 -16.38
N1N NAD M . -19.37 -4.69 -16.41
C2N NAD M . -18.90 -4.20 -15.27
C3N NAD M . -18.18 -3.00 -15.24
C7N NAD M . -17.63 -2.47 -13.96
O7N NAD M . -17.30 -1.31 -13.89
N7N NAD M . -17.45 -3.27 -12.88
C4N NAD M . -17.96 -2.34 -16.45
C5N NAD M . -18.46 -2.89 -17.62
C6N NAD M . -19.16 -4.08 -17.56
ZN ZN N . -20.13 -0.60 -19.26
ZN ZN O . -18.09 12.38 -4.45
C1 GOL P . -29.96 -11.65 -17.36
O1 GOL P . -30.26 -12.01 -16.03
C2 GOL P . -29.10 -10.38 -17.37
O2 GOL P . -29.93 -9.24 -17.21
C3 GOL P . -28.27 -10.30 -18.65
O3 GOL P . -27.05 -11.02 -18.51
PA NAD Q . 29.68 0.12 -12.53
O1A NAD Q . 29.53 -1.11 -13.40
O2A NAD Q . 31.12 0.60 -12.44
O5B NAD Q . 28.74 1.26 -13.17
C5B NAD Q . 29.11 2.55 -12.69
C4B NAD Q . 28.37 3.51 -13.63
O4B NAD Q . 28.16 4.79 -13.01
C3B NAD Q . 29.26 3.74 -14.88
O3B NAD Q . 28.48 3.52 -16.06
C2B NAD Q . 29.67 5.22 -14.75
O2B NAD Q . 29.84 5.85 -16.02
C1B NAD Q . 28.40 5.76 -14.04
N9A NAD Q . 28.56 7.11 -13.49
C8A NAD Q . 29.64 7.63 -12.84
N7A NAD Q . 29.38 8.88 -12.51
C5A NAD Q . 28.14 9.21 -12.95
C6A NAD Q . 27.36 10.37 -12.89
N6A NAD Q . 27.84 11.51 -12.28
N1A NAD Q . 26.14 10.34 -13.44
C2A NAD Q . 25.67 9.25 -14.04
N3A NAD Q . 26.37 8.13 -14.11
C4A NAD Q . 27.60 8.08 -13.58
O3 NAD Q . 29.24 -0.04 -10.98
PN NAD Q . 28.01 -1.00 -10.60
O1N NAD Q . 28.51 -2.46 -10.44
O2N NAD Q . 26.87 -0.91 -11.63
O5D NAD Q . 27.54 -0.52 -9.12
C5D NAD Q . 27.20 0.87 -9.12
C4D NAD Q . 26.89 1.30 -7.68
O4D NAD Q . 25.82 0.50 -7.12
C3D NAD Q . 28.12 1.08 -6.79
O3D NAD Q . 28.21 2.18 -5.89
C2D NAD Q . 27.78 -0.22 -6.01
O2D NAD Q . 28.44 -0.23 -4.73
C1D NAD Q . 26.26 -0.02 -5.83
N1N NAD Q . 25.50 -1.24 -5.55
C2N NAD Q . 24.50 -1.15 -4.68
C3N NAD Q . 23.70 -2.25 -4.40
C7N NAD Q . 22.59 -2.11 -3.42
O7N NAD Q . 22.11 -3.11 -2.91
N7N NAD Q . 22.07 -0.88 -3.13
C4N NAD Q . 23.96 -3.46 -5.05
C5N NAD Q . 25.01 -3.51 -5.97
C6N NAD Q . 25.76 -2.37 -6.20
ZN ZN R . 27.06 -6.03 -5.38
ZN ZN S . 16.79 -10.63 11.03
#